data_8HAT
#
_entry.id   8HAT
#
_cell.length_a   1.00
_cell.length_b   1.00
_cell.length_c   1.00
_cell.angle_alpha   90.00
_cell.angle_beta   90.00
_cell.angle_gamma   90.00
#
_symmetry.space_group_name_H-M   'P 1'
#
_entity_poly.entity_id   1
_entity_poly.type   'polypeptide(L)'
_entity_poly.pdbx_seq_one_letter_code
;SAAYFLWPTSNLQHCAAEGRANYFGNLQKGLLPRHPGRLPKGQQANSLLDLMTIRAFHSKILRRFSLGTAVGFRIRKGDL
TDIPAILVFVARKVHKKWLNPAQCLPAILEGPGGVWCDVDVVEFSYYGAPAQTPKEQMFSELVDKLCGSDECIGSGSQVA
SHETFGTLGAIVKRRTGNKQVGFLTNHHVAVDLDYPNQKMFHPLPPNLGPGVYLGAVERATSFITDDVWYGIYAGTNPET
FVRADGAFIPFADDFDISTVTTVVRGVGDIGDVKVIDLQCPLNSLIGRQVCKVGRSSGHTTGTVMAYALEYNDEKGICFF
TDILVVGENRQTFDLEGDSGSLIILTSQDGEKPRPIGIIWGGTANRGRLKLTSDHGPENWTSGVDLGRLLDRLELDIIIT
NESLQDAVQ
;
_entity_poly.pdbx_strand_id   F,D,E,A,B,C
#
# COMPACT_ATOMS: atom_id res chain seq x y z
N SER A 1 15.78 33.82 -13.55
CA SER A 1 15.28 32.82 -14.48
C SER A 1 13.94 32.36 -14.01
N ALA A 2 13.71 31.09 -13.93
CA ALA A 2 12.41 30.52 -13.68
C ALA A 2 12.52 28.99 -13.52
N ALA A 3 11.64 28.28 -14.22
CA ALA A 3 11.72 26.86 -14.56
C ALA A 3 11.79 26.95 -16.16
N TYR A 4 11.16 25.95 -16.92
CA TYR A 4 10.98 25.66 -18.42
C TYR A 4 11.21 24.32 -19.10
N PHE A 5 10.36 23.28 -18.98
CA PHE A 5 10.47 21.95 -19.70
C PHE A 5 10.19 21.94 -21.20
N LEU A 6 11.16 21.77 -22.07
CA LEU A 6 11.02 21.66 -23.50
C LEU A 6 10.97 20.25 -23.71
N TRP A 7 11.03 19.83 -24.93
CA TRP A 7 10.74 18.46 -25.24
C TRP A 7 10.51 18.17 -26.67
N PRO A 8 10.80 19.11 -27.57
CA PRO A 8 10.42 18.77 -28.93
C PRO A 8 11.03 17.49 -29.52
N THR A 9 11.12 16.36 -28.81
CA THR A 9 11.52 15.12 -29.45
C THR A 9 10.60 15.02 -30.60
N SER A 10 9.46 15.66 -30.49
CA SER A 10 8.48 15.69 -31.51
C SER A 10 9.00 16.02 -32.85
N ASN A 11 10.29 16.26 -32.98
CA ASN A 11 10.78 16.73 -34.27
C ASN A 11 10.92 15.66 -35.20
N LEU A 12 9.84 14.98 -35.37
CA LEU A 12 9.83 14.02 -36.36
C LEU A 12 8.39 14.10 -36.74
N GLN A 13 7.74 12.97 -36.81
CA GLN A 13 6.32 12.86 -37.25
C GLN A 13 6.04 12.95 -38.82
N HIS A 14 5.70 14.04 -39.54
CA HIS A 14 5.58 13.84 -41.06
C HIS A 14 6.64 14.29 -41.97
N CYS A 15 7.14 15.50 -41.91
CA CYS A 15 8.20 15.87 -42.88
C CYS A 15 9.47 14.97 -42.90
N ALA A 16 9.74 14.26 -41.82
CA ALA A 16 10.90 13.39 -41.72
C ALA A 16 10.39 12.10 -41.19
N ALA A 17 9.95 11.21 -42.06
CA ALA A 17 9.37 9.94 -41.67
C ALA A 17 8.98 9.43 -42.99
N GLU A 18 9.37 10.13 -44.02
CA GLU A 18 9.18 9.67 -45.36
C GLU A 18 10.57 10.01 -45.74
N GLY A 19 11.20 10.91 -45.00
CA GLY A 19 12.60 11.19 -45.24
C GLY A 19 13.40 9.95 -44.85
N ARG A 20 12.74 8.89 -44.36
CA ARG A 20 13.39 7.61 -44.03
C ARG A 20 13.01 6.53 -45.01
N ALA A 21 12.81 6.88 -46.27
CA ALA A 21 12.56 5.87 -47.27
C ALA A 21 13.82 5.71 -48.02
N ASN A 22 14.92 6.27 -47.51
CA ASN A 22 16.23 6.08 -48.11
C ASN A 22 16.80 4.82 -47.51
N TYR A 23 16.02 4.11 -46.66
CA TYR A 23 16.47 2.86 -46.02
C TYR A 23 16.03 1.74 -46.86
N PHE A 24 14.84 1.87 -47.38
CA PHE A 24 14.44 0.86 -48.29
C PHE A 24 13.90 1.44 -49.57
N GLY A 25 14.16 0.78 -50.68
CA GLY A 25 13.58 1.23 -51.92
C GLY A 25 14.24 2.39 -52.59
N ASN A 26 14.86 3.26 -51.81
CA ASN A 26 15.43 4.45 -52.41
C ASN A 26 16.91 4.49 -52.16
N LEU A 27 17.64 5.18 -53.01
CA LEU A 27 19.09 5.23 -52.89
C LEU A 27 19.66 4.01 -52.21
N GLN A 28 19.96 4.13 -50.94
CA GLN A 28 20.57 3.03 -50.21
C GLN A 28 19.67 1.81 -50.10
N LYS A 29 19.05 1.40 -51.20
CA LYS A 29 18.14 0.27 -51.16
C LYS A 29 18.61 -0.80 -52.12
N GLY A 30 17.69 -1.61 -52.63
CA GLY A 30 18.05 -2.63 -53.61
C GLY A 30 19.22 -2.20 -54.45
N LEU A 31 20.41 -2.72 -54.14
CA LEU A 31 21.61 -2.31 -54.87
C LEU A 31 22.45 -3.47 -55.36
N LEU A 32 22.60 -3.60 -56.68
CA LEU A 32 23.40 -4.67 -57.28
C LEU A 32 22.98 -6.06 -56.79
N PRO A 33 22.30 -6.82 -57.64
CA PRO A 33 21.93 -8.18 -57.24
C PRO A 33 23.09 -8.86 -56.57
N ARG A 34 22.79 -9.73 -55.62
CA ARG A 34 23.84 -10.41 -54.87
C ARG A 34 24.44 -11.54 -55.64
N HIS A 35 25.10 -12.44 -54.92
CA HIS A 35 25.76 -13.56 -55.56
C HIS A 35 26.12 -14.60 -54.53
N PRO A 36 26.27 -15.87 -54.95
CA PRO A 36 26.69 -16.91 -54.02
C PRO A 36 28.16 -17.28 -54.19
N GLY A 37 28.47 -18.13 -55.16
CA GLY A 37 29.84 -18.56 -55.36
C GLY A 37 30.81 -17.47 -54.99
N ARG A 38 30.78 -16.34 -55.71
CA ARG A 38 31.63 -15.22 -55.35
C ARG A 38 31.15 -14.66 -54.02
N LEU A 39 31.65 -15.21 -52.92
CA LEU A 39 31.27 -14.71 -51.61
C LEU A 39 31.33 -13.21 -51.68
N PRO A 40 30.45 -12.51 -50.93
CA PRO A 40 30.53 -11.06 -51.09
C PRO A 40 32.02 -10.81 -51.10
N LYS A 41 32.50 -9.88 -51.90
CA LYS A 41 33.95 -9.80 -52.15
C LYS A 41 34.74 -10.03 -50.87
N GLY A 42 34.37 -9.31 -49.82
CA GLY A 42 34.94 -9.50 -48.51
C GLY A 42 34.25 -8.59 -47.54
N GLN A 43 33.79 -7.44 -48.06
CA GLN A 43 33.23 -6.32 -47.33
C GLN A 43 34.38 -5.71 -46.60
N GLN A 44 34.90 -4.69 -47.27
CA GLN A 44 36.01 -3.83 -46.87
C GLN A 44 36.67 -4.03 -45.54
N ALA A 45 36.15 -3.37 -44.52
CA ALA A 45 36.69 -3.57 -43.19
C ALA A 45 36.11 -2.70 -42.10
N ASN A 46 36.98 -1.87 -41.54
CA ASN A 46 36.77 -0.96 -40.41
C ASN A 46 35.47 -0.10 -40.15
N SER A 47 34.28 -0.64 -40.17
CA SER A 47 33.32 0.37 -39.71
C SER A 47 32.00 0.06 -39.00
N LEU A 48 31.63 1.02 -38.15
CA LEU A 48 30.36 1.01 -37.41
C LEU A 48 29.29 1.36 -38.45
N LEU A 49 29.65 2.26 -39.36
CA LEU A 49 28.83 2.63 -40.49
C LEU A 49 28.92 1.40 -41.40
N ASP A 50 30.11 0.82 -41.53
CA ASP A 50 30.26 -0.41 -42.30
C ASP A 50 29.35 -1.42 -41.63
N LEU A 51 29.49 -1.70 -40.33
CA LEU A 51 28.42 -2.69 -39.96
C LEU A 51 27.17 -2.36 -39.09
N MET A 52 26.62 -1.14 -39.26
CA MET A 52 25.35 -0.77 -38.64
C MET A 52 24.49 -0.58 -39.81
N THR A 53 25.03 0.04 -40.81
CA THR A 53 24.09 0.11 -41.94
C THR A 53 24.15 -1.18 -42.76
N ILE A 54 24.10 -2.30 -42.04
CA ILE A 54 23.70 -3.59 -42.59
C ILE A 54 22.65 -4.16 -41.63
N ARG A 55 22.94 -4.07 -40.33
CA ARG A 55 21.96 -4.41 -39.32
C ARG A 55 20.73 -3.50 -39.42
N ALA A 56 20.93 -2.24 -39.78
CA ALA A 56 19.80 -1.34 -39.98
C ALA A 56 18.93 -1.81 -41.15
N PHE A 57 19.56 -2.42 -42.16
CA PHE A 57 18.85 -2.91 -43.34
C PHE A 57 17.84 -4.00 -43.01
N HIS A 58 18.30 -5.07 -42.35
CA HIS A 58 17.48 -6.23 -42.07
C HIS A 58 16.92 -6.23 -40.66
N SER A 59 16.54 -5.07 -40.13
CA SER A 59 16.06 -4.96 -38.77
C SER A 59 14.79 -5.79 -38.55
N LYS A 60 13.98 -5.95 -39.59
CA LYS A 60 12.74 -6.72 -39.43
C LYS A 60 13.02 -8.22 -39.31
N ILE A 61 13.91 -8.75 -40.15
CA ILE A 61 14.25 -10.17 -40.08
C ILE A 61 14.91 -10.49 -38.75
N LEU A 62 15.83 -9.64 -38.31
CA LEU A 62 16.46 -9.83 -37.01
C LEU A 62 15.43 -9.76 -35.90
N ARG A 63 14.63 -8.69 -35.86
CA ARG A 63 13.65 -8.46 -34.80
C ARG A 63 12.63 -9.59 -34.75
N ARG A 64 12.43 -10.28 -35.87
CA ARG A 64 11.49 -11.39 -35.90
C ARG A 64 11.91 -12.49 -34.93
N PHE A 65 13.21 -12.74 -34.82
CA PHE A 65 13.76 -13.66 -33.81
C PHE A 65 14.94 -12.97 -33.11
N SER A 66 14.66 -12.19 -32.08
CA SER A 66 15.73 -11.55 -31.31
C SER A 66 15.28 -11.08 -29.93
N LEU A 67 16.21 -10.45 -29.22
CA LEU A 67 15.94 -9.77 -27.97
C LEU A 67 16.75 -8.47 -27.94
N GLY A 68 17.18 -8.03 -29.12
CA GLY A 68 18.06 -6.88 -29.26
C GLY A 68 19.35 -7.24 -29.96
N THR A 69 19.82 -6.38 -30.87
CA THR A 69 21.04 -6.62 -31.62
C THR A 69 21.98 -5.43 -31.48
N ALA A 70 23.24 -5.71 -31.12
CA ALA A 70 24.27 -4.68 -31.08
C ALA A 70 25.38 -5.02 -32.08
N VAL A 71 26.42 -4.19 -32.14
CA VAL A 71 27.55 -4.47 -33.03
C VAL A 71 28.81 -4.71 -32.21
N GLY A 72 29.36 -5.93 -32.32
CA GLY A 72 30.57 -6.28 -31.62
C GLY A 72 31.52 -7.11 -32.46
N PHE A 73 31.93 -8.25 -31.91
CA PHE A 73 32.83 -9.19 -32.60
C PHE A 73 32.13 -10.52 -32.77
N ARG A 74 32.69 -11.37 -33.63
CA ARG A 74 32.18 -12.72 -33.82
C ARG A 74 32.66 -13.58 -32.66
N ILE A 75 31.89 -13.62 -31.58
CA ILE A 75 32.26 -14.38 -30.39
C ILE A 75 32.16 -15.86 -30.70
N ARG A 76 33.29 -16.57 -30.63
CA ARG A 76 33.36 -17.99 -30.89
C ARG A 76 34.07 -18.68 -29.73
N LYS A 77 33.44 -19.72 -29.20
CA LYS A 77 34.02 -20.56 -28.14
C LYS A 77 34.23 -19.78 -26.84
N GLY A 78 33.82 -18.52 -26.80
CA GLY A 78 33.88 -17.76 -25.58
C GLY A 78 34.81 -16.55 -25.61
N ASP A 79 35.81 -16.56 -26.49
CA ASP A 79 36.77 -15.46 -26.54
C ASP A 79 36.35 -14.40 -27.53
N LEU A 80 37.24 -13.45 -27.82
CA LEU A 80 36.95 -12.38 -28.76
C LEU A 80 37.92 -12.41 -29.94
N THR A 81 37.41 -12.76 -31.11
CA THR A 81 38.22 -12.80 -32.33
C THR A 81 38.19 -11.42 -33.00
N ASP A 82 38.72 -11.34 -34.22
CA ASP A 82 38.85 -10.06 -34.90
C ASP A 82 37.85 -9.89 -36.05
N ILE A 83 37.00 -10.87 -36.30
CA ILE A 83 36.03 -10.79 -37.39
C ILE A 83 34.85 -9.93 -36.95
N PRO A 84 34.55 -8.83 -37.64
CA PRO A 84 33.38 -8.04 -37.30
C PRO A 84 32.10 -8.86 -37.45
N ALA A 85 31.16 -8.63 -36.54
CA ALA A 85 29.89 -9.33 -36.55
C ALA A 85 28.87 -8.54 -35.74
N ILE A 86 27.63 -9.01 -35.73
CA ILE A 86 26.59 -8.44 -34.89
C ILE A 86 26.08 -9.51 -33.93
N LEU A 87 25.98 -9.17 -32.65
CA LEU A 87 25.44 -10.11 -31.67
C LEU A 87 23.93 -9.94 -31.56
N VAL A 88 23.18 -10.90 -32.08
CA VAL A 88 21.72 -10.85 -31.92
C VAL A 88 21.37 -11.53 -30.61
N PHE A 89 21.10 -10.72 -29.59
CA PHE A 89 20.76 -11.24 -28.27
C PHE A 89 19.46 -12.03 -28.35
N VAL A 90 19.45 -13.22 -27.75
CA VAL A 90 18.34 -14.16 -27.90
C VAL A 90 18.01 -14.78 -26.55
N ALA A 91 16.94 -15.57 -26.49
CA ALA A 91 16.59 -16.28 -25.28
C ALA A 91 17.48 -17.50 -25.04
N ARG A 92 17.65 -18.35 -26.06
CA ARG A 92 18.48 -19.54 -25.92
C ARG A 92 18.87 -20.08 -27.30
N LYS A 93 20.09 -20.62 -27.41
CA LYS A 93 20.61 -21.07 -28.71
C LYS A 93 19.80 -22.22 -29.30
N VAL A 94 19.80 -23.37 -28.62
CA VAL A 94 19.06 -24.57 -29.02
C VAL A 94 19.76 -25.19 -30.23
N HIS A 95 19.42 -26.44 -30.56
CA HIS A 95 20.13 -27.22 -31.56
C HIS A 95 20.09 -26.58 -32.94
N LYS A 96 20.74 -27.24 -33.90
CA LYS A 96 20.88 -26.74 -35.26
C LYS A 96 19.70 -27.13 -36.16
N LYS A 97 19.10 -28.29 -35.92
CA LYS A 97 18.16 -28.83 -36.91
C LYS A 97 16.77 -29.11 -36.35
N TRP A 98 16.58 -29.04 -35.03
CA TRP A 98 15.25 -29.13 -34.46
C TRP A 98 14.55 -27.78 -34.43
N LEU A 99 14.95 -26.87 -35.31
CA LEU A 99 14.37 -25.55 -35.43
C LEU A 99 13.25 -25.57 -36.45
N ASN A 100 12.30 -24.65 -36.29
CA ASN A 100 11.52 -24.27 -37.45
C ASN A 100 12.51 -23.53 -38.35
N PRO A 101 12.27 -23.46 -39.68
CA PRO A 101 13.37 -23.17 -40.62
C PRO A 101 14.25 -21.96 -40.26
N ALA A 102 13.83 -21.15 -39.30
CA ALA A 102 14.65 -20.02 -38.88
C ALA A 102 14.50 -19.71 -37.40
N GLN A 103 15.43 -20.19 -36.57
CA GLN A 103 15.62 -19.62 -35.24
C GLN A 103 17.10 -19.31 -35.05
N CYS A 104 17.98 -20.15 -35.60
CA CYS A 104 19.37 -19.79 -35.83
C CYS A 104 19.39 -19.11 -37.20
N LEU A 105 19.51 -17.80 -37.20
CA LEU A 105 19.31 -17.00 -38.40
C LEU A 105 20.52 -17.22 -39.33
N PRO A 106 20.35 -16.99 -40.65
CA PRO A 106 21.50 -17.06 -41.55
C PRO A 106 22.56 -16.04 -41.17
N ALA A 107 23.83 -16.38 -41.40
CA ALA A 107 24.93 -15.52 -40.98
C ALA A 107 25.47 -14.70 -42.15
N ILE A 108 24.69 -14.57 -43.22
CA ILE A 108 25.19 -13.99 -44.46
C ILE A 108 24.30 -12.84 -44.94
N LEU A 109 23.65 -12.14 -44.01
CA LEU A 109 22.89 -10.94 -44.37
C LEU A 109 23.79 -9.94 -45.09
N GLU A 110 23.23 -9.28 -46.10
CA GLU A 110 23.95 -8.39 -46.98
C GLU A 110 23.48 -6.95 -46.75
N GLY A 111 24.11 -6.01 -47.46
CA GLY A 111 23.79 -4.62 -47.29
C GLY A 111 23.91 -3.81 -48.57
N PRO A 112 23.87 -2.48 -48.45
CA PRO A 112 23.94 -1.57 -49.61
C PRO A 112 25.35 -1.40 -50.16
N GLY A 113 25.69 -2.21 -51.15
CA GLY A 113 26.98 -2.12 -51.79
C GLY A 113 27.76 -3.42 -51.77
N GLY A 114 27.07 -4.54 -51.64
CA GLY A 114 27.72 -5.84 -51.64
C GLY A 114 28.58 -6.09 -50.42
N VAL A 115 28.10 -5.69 -49.24
CA VAL A 115 28.76 -5.98 -47.97
C VAL A 115 27.91 -6.96 -47.20
N TRP A 116 28.49 -8.09 -46.82
CA TRP A 116 27.78 -9.15 -46.14
C TRP A 116 28.10 -9.09 -44.65
N CYS A 117 27.07 -9.29 -43.82
CA CYS A 117 27.22 -9.17 -42.37
C CYS A 117 27.61 -10.48 -41.73
N ASP A 118 27.71 -10.49 -40.40
CA ASP A 118 28.03 -11.70 -39.65
C ASP A 118 27.23 -11.69 -38.36
N VAL A 119 26.71 -12.86 -37.99
CA VAL A 119 25.75 -12.98 -36.89
C VAL A 119 26.36 -13.84 -35.78
N ASP A 120 25.71 -13.85 -34.62
CA ASP A 120 26.20 -14.60 -33.46
C ASP A 120 25.02 -15.02 -32.60
N VAL A 121 25.24 -15.92 -31.63
CA VAL A 121 24.22 -16.27 -30.65
C VAL A 121 24.87 -16.26 -29.27
N VAL A 122 24.32 -15.45 -28.37
CA VAL A 122 24.95 -15.25 -27.07
C VAL A 122 24.02 -15.66 -25.93
N GLU A 123 22.73 -15.36 -26.08
CA GLU A 123 21.64 -15.64 -25.13
C GLU A 123 21.51 -14.49 -24.13
N PHE A 124 20.29 -14.01 -23.94
CA PHE A 124 20.02 -12.76 -23.23
C PHE A 124 18.83 -12.99 -22.29
N SER A 125 18.87 -12.38 -21.12
CA SER A 125 17.88 -12.68 -20.08
C SER A 125 17.29 -11.37 -19.55
N TYR A 126 16.19 -10.94 -20.16
CA TYR A 126 15.46 -9.77 -19.69
C TYR A 126 14.91 -10.00 -18.29
N GLN A 137 28.08 -2.34 0.93
CA GLN A 137 29.03 -1.72 0.02
C GLN A 137 30.21 -2.65 -0.26
N MET A 138 31.38 -2.06 -0.46
CA MET A 138 32.61 -2.78 -0.75
C MET A 138 33.73 -2.22 0.14
N PHE A 139 33.44 -2.18 1.44
CA PHE A 139 34.25 -1.50 2.45
C PHE A 139 35.76 -1.67 2.27
N SER A 140 36.45 -0.54 2.12
CA SER A 140 37.90 -0.46 1.99
C SER A 140 38.29 0.96 2.36
N GLU A 141 39.51 1.39 2.01
CA GLU A 141 39.80 2.82 2.06
C GLU A 141 40.12 3.26 0.63
N LEU A 142 39.06 3.36 -0.17
CA LEU A 142 39.02 4.19 -1.37
C LEU A 142 37.58 4.70 -1.49
N VAL A 143 36.75 4.29 -0.54
CA VAL A 143 35.32 4.58 -0.57
C VAL A 143 34.84 5.27 0.70
N ASP A 144 35.47 5.01 1.84
CA ASP A 144 35.20 5.75 3.06
C ASP A 144 35.84 7.14 3.02
N LYS A 145 36.80 7.35 2.13
CA LYS A 145 37.38 8.65 1.87
C LYS A 145 36.57 9.46 0.88
N LEU A 146 35.45 8.92 0.42
CA LEU A 146 34.57 9.60 -0.52
C LEU A 146 33.25 10.00 0.12
N CYS A 147 32.74 9.20 1.05
CA CYS A 147 31.45 9.47 1.66
C CYS A 147 31.59 10.24 2.98
N GLY A 148 32.32 11.35 2.95
CA GLY A 148 32.33 12.26 4.09
C GLY A 148 33.66 12.45 4.78
N SER A 149 34.42 11.37 4.99
CA SER A 149 35.67 11.48 5.72
C SER A 149 36.81 11.88 4.80
N ASP A 150 36.79 13.12 4.33
CA ASP A 150 37.84 13.64 3.46
C ASP A 150 37.89 15.16 3.59
N GLU A 151 39.01 15.73 3.16
CA GLU A 151 39.20 17.17 3.20
C GLU A 151 39.37 17.73 1.80
N CYS A 152 38.76 17.08 0.81
CA CYS A 152 38.83 17.52 -0.58
C CYS A 152 37.73 16.84 -1.36
N ILE A 153 37.12 17.58 -2.29
CA ILE A 153 36.06 17.04 -3.13
C ILE A 153 36.55 16.95 -4.58
N GLY A 154 35.86 16.17 -5.40
CA GLY A 154 36.25 15.97 -6.77
C GLY A 154 35.54 14.79 -7.41
N SER A 155 35.98 14.39 -8.59
CA SER A 155 35.36 13.28 -9.32
C SER A 155 35.37 12.01 -8.50
N GLY A 156 34.18 11.53 -8.13
CA GLY A 156 34.06 10.30 -7.37
C GLY A 156 33.35 10.48 -6.04
N SER A 157 33.38 11.69 -5.50
CA SER A 157 32.81 11.94 -4.18
C SER A 157 31.29 11.83 -4.22
N GLN A 158 30.71 11.51 -3.06
CA GLN A 158 29.27 11.34 -2.95
C GLN A 158 28.55 12.68 -3.00
N VAL A 159 27.36 12.68 -3.62
CA VAL A 159 26.51 13.86 -3.68
C VAL A 159 25.08 13.41 -3.42
N ALA A 160 24.30 14.25 -2.75
CA ALA A 160 22.88 14.02 -2.50
C ALA A 160 22.17 15.37 -2.43
N SER A 161 20.99 15.46 -3.07
CA SER A 161 20.36 16.75 -3.12
C SER A 161 19.35 16.96 -2.00
N HIS A 162 18.21 16.27 -2.05
CA HIS A 162 17.37 16.15 -0.87
C HIS A 162 16.61 14.82 -0.82
N GLU A 163 16.66 14.01 -1.88
CA GLU A 163 15.88 12.78 -1.92
C GLU A 163 16.77 11.57 -2.18
N THR A 164 17.64 11.67 -3.18
CA THR A 164 18.43 10.53 -3.63
C THR A 164 19.92 10.76 -3.37
N PHE A 165 20.74 9.81 -3.82
CA PHE A 165 22.18 9.86 -3.65
C PHE A 165 22.84 9.60 -4.99
N GLY A 166 23.98 10.27 -5.21
CA GLY A 166 24.69 10.14 -6.47
C GLY A 166 26.20 10.06 -6.34
N THR A 167 26.90 10.60 -7.34
CA THR A 167 28.36 10.54 -7.37
C THR A 167 28.86 11.65 -8.28
N LEU A 168 29.87 12.38 -7.80
CA LEU A 168 30.47 13.44 -8.60
C LEU A 168 31.14 12.86 -9.84
N GLY A 169 30.74 13.36 -11.01
CA GLY A 169 31.27 12.87 -12.26
C GLY A 169 32.67 13.38 -12.55
N ALA A 170 32.80 14.70 -12.73
CA ALA A 170 34.07 15.34 -13.02
C ALA A 170 33.90 16.85 -12.87
N ILE A 171 34.98 17.52 -12.50
CA ILE A 171 34.98 18.98 -12.41
C ILE A 171 34.86 19.55 -13.81
N VAL A 172 33.77 20.25 -14.09
CA VAL A 172 33.44 20.70 -15.44
C VAL A 172 33.19 22.20 -15.43
N LYS A 173 33.32 22.81 -16.61
CA LYS A 173 33.07 24.22 -16.80
C LYS A 173 32.27 24.41 -18.09
N ARG A 174 31.40 25.41 -18.11
CA ARG A 174 30.56 25.67 -19.28
C ARG A 174 31.36 26.28 -20.42
N ARG A 175 31.00 25.95 -21.66
CA ARG A 175 31.70 26.45 -22.84
C ARG A 175 31.23 27.82 -23.30
N THR A 176 30.11 28.32 -22.77
CA THR A 176 29.57 29.61 -23.20
C THR A 176 29.17 30.46 -22.00
N GLY A 177 28.67 31.66 -22.28
CA GLY A 177 28.20 32.56 -21.24
C GLY A 177 29.26 32.97 -20.22
N ASN A 178 28.92 32.86 -18.94
CA ASN A 178 29.82 33.28 -17.87
C ASN A 178 30.91 32.26 -17.57
N LYS A 179 30.83 31.06 -18.16
CA LYS A 179 31.81 30.00 -17.95
C LYS A 179 31.91 29.63 -16.47
N GLN A 180 30.80 29.15 -15.91
CA GLN A 180 30.75 28.72 -14.52
C GLN A 180 31.52 27.42 -14.35
N VAL A 181 31.87 27.08 -13.11
CA VAL A 181 32.61 25.85 -12.83
C VAL A 181 31.85 25.01 -11.82
N GLY A 182 31.60 23.75 -12.17
CA GLY A 182 30.89 22.85 -11.27
C GLY A 182 31.29 21.40 -11.44
N PHE A 183 30.31 20.51 -11.41
CA PHE A 183 30.55 19.07 -11.57
C PHE A 183 29.37 18.46 -12.31
N LEU A 184 29.68 17.55 -13.24
CA LEU A 184 28.67 16.95 -14.10
C LEU A 184 28.23 15.60 -13.55
N THR A 185 27.09 15.57 -12.86
CA THR A 185 26.50 14.30 -12.44
C THR A 185 25.49 13.83 -13.48
N ASN A 186 24.78 12.74 -13.19
CA ASN A 186 23.80 12.20 -14.11
C ASN A 186 22.45 12.92 -13.93
N HIS A 187 21.31 12.40 -14.30
CA HIS A 187 20.08 13.20 -14.04
C HIS A 187 19.38 13.06 -12.70
N HIS A 188 18.94 11.89 -12.30
CA HIS A 188 18.30 11.85 -10.96
C HIS A 188 19.19 11.93 -9.70
N VAL A 189 20.29 12.68 -9.72
CA VAL A 189 21.06 12.95 -8.52
C VAL A 189 20.43 14.26 -8.31
N ALA A 190 19.80 14.74 -9.37
CA ALA A 190 19.18 16.06 -9.42
C ALA A 190 17.76 16.00 -9.83
N VAL A 191 17.56 16.19 -11.11
CA VAL A 191 16.26 16.17 -11.77
C VAL A 191 15.62 14.79 -11.73
N ASP A 192 14.31 14.75 -11.93
CA ASP A 192 13.62 13.50 -11.85
C ASP A 192 12.31 13.60 -12.57
N LEU A 193 11.25 13.93 -11.86
CA LEU A 193 9.91 14.02 -12.44
C LEU A 193 8.97 14.60 -11.40
N ASP A 194 7.81 15.11 -11.82
CA ASP A 194 6.91 15.78 -10.88
C ASP A 194 7.72 16.64 -9.94
N TYR A 195 8.12 17.85 -10.38
CA TYR A 195 8.88 18.74 -9.54
C TYR A 195 10.41 18.46 -9.92
N PRO A 196 11.28 19.51 -10.01
CA PRO A 196 12.72 19.38 -10.36
C PRO A 196 13.62 18.89 -9.21
N ASN A 197 14.97 18.84 -9.30
CA ASN A 197 15.82 18.50 -8.11
C ASN A 197 16.89 19.55 -8.02
N GLN A 198 16.71 20.53 -7.14
CA GLN A 198 17.55 21.73 -7.13
C GLN A 198 18.83 22.03 -6.33
N LYS A 199 19.09 21.50 -5.15
CA LYS A 199 20.29 22.04 -4.60
C LYS A 199 21.01 20.84 -4.04
N MET A 200 22.26 20.61 -4.40
CA MET A 200 22.93 19.42 -4.01
C MET A 200 23.86 19.57 -2.87
N PHE A 201 23.79 18.65 -1.88
CA PHE A 201 24.61 18.76 -0.68
C PHE A 201 25.64 17.66 -0.68
N HIS A 202 26.73 17.88 0.07
CA HIS A 202 27.76 16.86 0.26
C HIS A 202 28.14 16.82 1.73
N PRO A 203 28.05 15.67 2.40
CA PRO A 203 27.59 14.37 1.89
C PRO A 203 26.07 14.23 1.89
N LEU A 204 25.36 14.90 2.79
CA LEU A 204 23.92 14.73 2.93
C LEU A 204 23.29 16.09 3.11
N PRO A 205 22.00 16.22 2.79
CA PRO A 205 21.27 17.45 3.10
C PRO A 205 21.03 17.57 4.60
N PRO A 206 20.66 18.75 5.10
CA PRO A 206 20.57 18.94 6.55
C PRO A 206 19.43 18.19 7.22
N ASN A 207 18.66 17.41 6.45
CA ASN A 207 17.58 16.59 7.00
C ASN A 207 17.97 15.12 7.08
N LEU A 208 19.24 14.81 6.86
CA LEU A 208 19.73 13.44 6.94
C LEU A 208 20.98 13.36 7.81
N GLY A 209 21.66 14.50 7.98
CA GLY A 209 22.87 14.56 8.77
C GLY A 209 23.66 15.83 8.49
N PRO A 210 24.98 15.74 8.60
CA PRO A 210 25.82 16.92 8.32
C PRO A 210 26.09 17.06 6.82
N GLY A 211 26.70 18.17 6.45
CA GLY A 211 27.00 18.45 5.05
C GLY A 211 27.12 19.94 4.78
N VAL A 212 27.55 20.23 3.55
CA VAL A 212 27.76 21.61 3.11
C VAL A 212 27.09 21.83 1.76
N TYR A 213 26.75 23.08 1.47
CA TYR A 213 26.14 23.48 0.21
C TYR A 213 27.18 23.43 -0.90
N LEU A 214 26.76 22.97 -2.08
CA LEU A 214 27.64 22.91 -3.24
C LEU A 214 27.18 23.88 -4.31
N GLY A 215 25.89 23.87 -4.62
CA GLY A 215 25.35 24.75 -5.63
C GLY A 215 23.93 24.37 -6.04
N ALA A 216 23.65 24.44 -7.34
CA ALA A 216 22.32 24.11 -7.84
C ALA A 216 22.37 23.69 -9.30
N VAL A 217 21.52 22.73 -9.68
CA VAL A 217 21.43 22.32 -11.08
C VAL A 217 20.94 23.50 -11.91
N GLU A 218 21.35 23.57 -13.15
CA GLU A 218 21.02 24.67 -13.98
C GLU A 218 20.71 24.21 -15.39
N ARG A 219 21.04 23.00 -15.78
CA ARG A 219 20.72 22.52 -17.06
C ARG A 219 20.62 21.09 -16.91
N ALA A 220 20.31 20.42 -17.96
CA ALA A 220 20.17 18.99 -17.97
C ALA A 220 19.60 18.50 -19.31
N THR A 221 19.57 17.20 -19.58
CA THR A 221 18.97 16.60 -20.79
C THR A 221 18.55 15.20 -20.46
N SER A 222 18.02 14.48 -21.40
CA SER A 222 17.46 13.20 -21.05
C SER A 222 17.03 12.28 -22.21
N PHE A 223 16.60 12.80 -23.36
CA PHE A 223 16.27 12.02 -24.55
C PHE A 223 16.76 12.75 -25.80
N ILE A 224 17.40 12.01 -26.70
CA ILE A 224 17.90 12.55 -27.96
C ILE A 224 17.41 11.66 -29.10
N THR A 225 17.37 12.22 -30.31
CA THR A 225 16.89 11.50 -31.49
C THR A 225 18.07 10.86 -32.21
N ASP A 226 17.85 9.66 -32.76
CA ASP A 226 18.89 8.91 -33.45
C ASP A 226 19.03 9.43 -34.88
N ASP A 227 19.12 10.75 -35.00
CA ASP A 227 19.39 11.42 -36.26
C ASP A 227 20.49 12.46 -36.06
N VAL A 228 20.67 12.90 -34.81
CA VAL A 228 21.59 13.99 -34.50
C VAL A 228 22.68 13.49 -33.56
N TRP A 229 22.39 12.42 -32.81
CA TRP A 229 23.37 11.90 -31.86
C TRP A 229 24.44 11.09 -32.59
N TYR A 230 24.04 9.99 -33.23
CA TYR A 230 24.99 9.21 -34.03
C TYR A 230 25.27 9.90 -35.36
N GLY A 231 24.25 10.54 -35.93
CA GLY A 231 24.37 11.19 -37.22
C GLY A 231 23.81 10.40 -38.39
N ILE A 232 23.37 9.16 -38.19
CA ILE A 232 22.80 8.34 -39.26
C ILE A 232 21.45 7.82 -38.79
N TYR A 233 20.59 7.44 -39.73
CA TYR A 233 19.24 7.00 -39.43
C TYR A 233 19.23 5.77 -38.53
N ALA A 234 20.09 4.80 -38.84
CA ALA A 234 20.31 3.62 -38.01
C ALA A 234 19.03 2.83 -37.74
N GLY A 235 18.11 2.82 -38.68
CA GLY A 235 16.92 2.02 -38.53
C GLY A 235 15.82 2.40 -39.49
N THR A 236 14.68 1.73 -39.34
CA THR A 236 13.51 2.01 -40.16
C THR A 236 12.36 2.60 -39.34
N ASN A 237 12.35 2.41 -38.02
CA ASN A 237 11.40 2.95 -37.06
C ASN A 237 11.65 4.44 -36.86
N PRO A 238 10.68 5.30 -37.19
CA PRO A 238 10.94 6.75 -37.20
C PRO A 238 10.80 7.41 -35.84
N GLU A 239 10.78 6.62 -34.77
CA GLU A 239 10.69 7.14 -33.40
C GLU A 239 11.83 6.54 -32.58
N THR A 240 13.05 6.63 -33.13
CA THR A 240 14.24 6.08 -32.51
C THR A 240 14.86 7.14 -31.61
N PHE A 241 15.27 6.73 -30.39
CA PHE A 241 15.65 7.69 -29.33
C PHE A 241 16.95 7.23 -28.65
N VAL A 242 17.80 8.22 -28.33
CA VAL A 242 19.04 8.01 -27.57
C VAL A 242 18.81 8.38 -26.12
N ARG A 243 19.16 7.47 -25.20
CA ARG A 243 19.09 7.76 -23.78
C ARG A 243 20.34 8.52 -23.33
N ALA A 244 20.18 9.77 -22.94
CA ALA A 244 21.27 10.61 -22.47
C ALA A 244 20.95 11.09 -21.05
N ASP A 245 21.98 11.36 -20.25
CA ASP A 245 21.79 11.74 -18.86
C ASP A 245 22.88 12.71 -18.40
N GLY A 246 22.49 13.94 -18.05
CA GLY A 246 23.45 14.93 -17.62
C GLY A 246 22.83 16.13 -16.94
N ALA A 247 23.62 16.84 -16.11
CA ALA A 247 23.12 18.01 -15.38
C ALA A 247 24.34 18.85 -14.94
N PHE A 248 24.44 20.06 -15.49
CA PHE A 248 25.47 20.98 -15.06
C PHE A 248 25.07 21.68 -13.76
N ILE A 249 26.02 21.76 -12.84
CA ILE A 249 25.76 22.30 -11.50
C ILE A 249 26.82 23.33 -11.14
N PRO A 250 26.65 24.61 -11.51
CA PRO A 250 27.62 25.64 -11.09
C PRO A 250 27.80 25.68 -9.58
N PHE A 251 29.05 25.79 -9.13
CA PHE A 251 29.33 25.79 -7.70
C PHE A 251 28.84 27.08 -7.05
N ALA A 252 28.48 26.98 -5.77
CA ALA A 252 27.93 28.12 -5.06
C ALA A 252 29.01 29.17 -4.80
N ASP A 253 28.56 30.39 -4.50
CA ASP A 253 29.45 31.51 -4.24
C ASP A 253 30.12 31.43 -2.87
N ASP A 254 29.40 30.98 -1.85
CA ASP A 254 29.94 30.93 -0.48
C ASP A 254 30.96 29.80 -0.32
N PHE A 255 30.77 28.70 -1.04
CA PHE A 255 31.66 27.55 -0.93
C PHE A 255 33.07 27.88 -1.40
N ASP A 256 34.06 27.44 -0.63
CA ASP A 256 35.45 27.59 -1.02
C ASP A 256 35.78 26.63 -2.15
N ILE A 257 36.39 27.15 -3.21
CA ILE A 257 36.71 26.34 -4.38
C ILE A 257 38.17 25.90 -4.26
N SER A 258 38.87 26.47 -3.28
CA SER A 258 40.28 26.16 -3.06
C SER A 258 40.50 24.79 -2.43
N THR A 259 39.44 24.07 -2.10
CA THR A 259 39.52 22.72 -1.53
C THR A 259 38.97 21.70 -2.52
N VAL A 260 39.10 21.99 -3.81
CA VAL A 260 38.62 21.10 -4.85
C VAL A 260 39.81 20.50 -5.59
N THR A 261 39.79 19.17 -5.73
CA THR A 261 40.84 18.45 -6.46
C THR A 261 40.20 17.81 -7.69
N THR A 262 40.78 18.10 -8.85
CA THR A 262 40.36 17.45 -10.10
C THR A 262 41.24 16.23 -10.39
N VAL A 263 41.35 15.36 -9.39
CA VAL A 263 42.16 14.15 -9.49
C VAL A 263 41.34 12.99 -8.98
N VAL A 264 41.26 11.92 -9.77
CA VAL A 264 40.51 10.73 -9.40
C VAL A 264 41.38 9.92 -8.46
N ARG A 265 41.07 9.97 -7.18
CA ARG A 265 41.78 9.20 -6.16
C ARG A 265 41.51 7.72 -6.37
N GLY A 266 42.54 6.98 -6.78
CA GLY A 266 42.43 5.56 -7.04
C GLY A 266 42.96 5.13 -8.39
N VAL A 267 42.81 5.98 -9.40
CA VAL A 267 43.35 5.73 -10.73
C VAL A 267 44.60 6.57 -10.93
N GLY A 268 44.47 7.88 -10.76
CA GLY A 268 45.56 8.80 -11.00
C GLY A 268 45.06 10.13 -11.51
N ASP A 269 45.61 10.57 -12.64
CA ASP A 269 45.16 11.81 -13.28
C ASP A 269 44.80 11.49 -14.72
N ILE A 270 43.59 11.87 -15.13
CA ILE A 270 43.13 11.57 -16.48
C ILE A 270 43.74 12.58 -17.45
N GLY A 271 43.77 12.22 -18.74
CA GLY A 271 43.98 13.15 -19.80
C GLY A 271 42.69 13.78 -20.27
N ASP A 272 42.59 14.01 -21.57
CA ASP A 272 41.43 14.65 -22.16
C ASP A 272 40.49 13.60 -22.74
N VAL A 273 39.28 14.03 -23.09
CA VAL A 273 38.21 13.16 -23.54
C VAL A 273 38.58 12.42 -24.83
N LYS A 274 38.29 11.12 -24.87
CA LYS A 274 38.41 10.32 -26.08
C LYS A 274 37.04 10.25 -26.75
N VAL A 275 37.01 10.40 -28.07
CA VAL A 275 35.76 10.50 -28.82
C VAL A 275 35.70 9.31 -29.79
N ILE A 276 34.49 8.77 -29.97
CA ILE A 276 34.26 7.69 -30.93
C ILE A 276 33.71 8.33 -32.21
N ASP A 277 34.36 8.05 -33.33
CA ASP A 277 33.98 8.68 -34.60
C ASP A 277 33.25 7.70 -35.51
N LEU A 278 33.01 6.48 -35.12
CA LEU A 278 32.27 5.56 -36.04
C LEU A 278 32.84 5.47 -37.42
N GLN A 279 34.10 5.72 -37.53
CA GLN A 279 34.74 5.48 -38.82
C GLN A 279 36.24 5.36 -38.60
N CYS A 280 36.70 4.13 -38.38
CA CYS A 280 38.03 3.87 -37.84
C CYS A 280 38.20 2.36 -37.83
N PRO A 281 39.42 1.82 -37.63
CA PRO A 281 39.52 0.39 -37.30
C PRO A 281 38.66 0.04 -36.10
N LEU A 282 37.83 -0.99 -36.25
CA LEU A 282 36.77 -1.26 -35.29
C LEU A 282 37.32 -1.70 -33.94
N ASN A 283 38.50 -2.32 -33.94
CA ASN A 283 39.09 -2.84 -32.71
C ASN A 283 39.81 -1.76 -31.92
N SER A 284 39.66 -0.50 -32.32
CA SER A 284 40.25 0.63 -31.62
C SER A 284 39.50 1.00 -30.35
N LEU A 285 38.25 0.55 -30.20
CA LEU A 285 37.48 0.82 -29.00
C LEU A 285 36.97 -0.48 -28.39
N ILE A 286 36.59 -1.43 -29.24
CA ILE A 286 36.12 -2.73 -28.77
C ILE A 286 37.32 -3.57 -28.37
N GLY A 287 37.23 -4.24 -27.22
CA GLY A 287 38.34 -5.01 -26.69
C GLY A 287 39.33 -4.20 -25.88
N ARG A 288 39.05 -2.93 -25.61
CA ARG A 288 39.94 -2.08 -24.83
C ARG A 288 39.60 -2.18 -23.35
N GLN A 289 40.65 -2.20 -22.52
CA GLN A 289 40.47 -2.25 -21.07
C GLN A 289 40.05 -0.87 -20.56
N VAL A 290 39.06 -0.84 -19.67
CA VAL A 290 38.56 0.39 -19.10
C VAL A 290 38.56 0.26 -17.58
N CYS A 291 38.57 1.41 -16.91
CA CYS A 291 38.56 1.48 -15.45
C CYS A 291 37.56 2.54 -15.00
N LYS A 292 37.34 2.61 -13.68
CA LYS A 292 36.44 3.61 -13.12
C LYS A 292 36.73 3.81 -11.63
N VAL A 293 36.10 4.83 -11.04
CA VAL A 293 36.13 5.04 -9.60
C VAL A 293 34.72 5.36 -9.14
N GLY A 294 34.22 4.63 -8.15
CA GLY A 294 32.86 4.80 -7.70
C GLY A 294 32.80 4.87 -6.18
N ARG A 295 31.62 5.25 -5.69
CA ARG A 295 31.42 5.41 -4.26
C ARG A 295 30.86 4.14 -3.64
N SER A 296 30.55 3.14 -4.46
CA SER A 296 29.94 1.92 -3.95
C SER A 296 30.69 0.67 -4.38
N SER A 297 31.70 0.83 -5.23
CA SER A 297 32.48 -0.31 -5.69
C SER A 297 33.97 -0.10 -5.46
N GLY A 298 34.41 1.15 -5.53
CA GLY A 298 35.82 1.45 -5.37
C GLY A 298 36.49 1.67 -6.73
N HIS A 299 37.39 0.77 -7.09
CA HIS A 299 38.13 0.86 -8.35
C HIS A 299 38.06 -0.51 -9.04
N THR A 300 37.36 -0.57 -10.16
CA THR A 300 37.15 -1.81 -10.90
C THR A 300 37.59 -1.63 -12.35
N THR A 301 37.92 -2.74 -12.99
CA THR A 301 38.36 -2.73 -14.38
C THR A 301 37.44 -3.64 -15.19
N GLY A 302 37.37 -3.36 -16.49
CA GLY A 302 36.53 -4.13 -17.37
C GLY A 302 36.94 -3.99 -18.82
N THR A 303 36.12 -4.54 -19.70
CA THR A 303 36.37 -4.51 -21.14
C THR A 303 35.09 -4.17 -21.88
N VAL A 304 35.26 -3.47 -23.00
CA VAL A 304 34.14 -3.08 -23.85
C VAL A 304 33.77 -4.26 -24.72
N MET A 305 32.59 -4.85 -24.48
CA MET A 305 32.16 -6.00 -25.26
C MET A 305 31.52 -5.62 -26.58
N ALA A 306 30.57 -4.68 -26.57
CA ALA A 306 29.87 -4.29 -27.78
C ALA A 306 29.42 -2.83 -27.70
N TYR A 307 29.06 -2.25 -28.84
CA TYR A 307 28.67 -0.85 -28.90
C TYR A 307 27.33 -0.72 -29.63
N ALA A 308 26.64 0.39 -29.37
CA ALA A 308 25.37 0.70 -30.01
C ALA A 308 24.33 -0.40 -29.79
N LEU A 309 23.93 -0.61 -28.54
CA LEU A 309 22.82 -1.49 -28.21
C LEU A 309 21.54 -0.96 -28.84
N GLU A 310 20.61 -1.88 -29.15
CA GLU A 310 19.35 -1.49 -29.79
C GLU A 310 18.25 -2.44 -29.30
N TYR A 311 17.16 -1.85 -28.81
CA TYR A 311 15.95 -2.60 -28.46
C TYR A 311 14.76 -1.66 -28.59
N ASN A 312 13.74 -2.09 -29.31
CA ASN A 312 12.47 -1.37 -29.36
C ASN A 312 11.43 -2.10 -28.52
N ASP A 313 10.73 -1.38 -27.68
CA ASP A 313 9.84 -1.96 -26.69
C ASP A 313 8.49 -2.33 -27.32
N GLU A 314 7.54 -2.69 -26.45
CA GLU A 314 6.25 -3.20 -26.92
C GLU A 314 5.48 -2.14 -27.70
N LYS A 315 5.55 -0.88 -27.25
CA LYS A 315 4.80 0.17 -27.92
C LYS A 315 5.48 0.65 -29.19
N GLY A 316 6.71 0.24 -29.45
CA GLY A 316 7.27 0.35 -30.78
C GLY A 316 8.21 1.53 -31.02
N ILE A 317 8.98 1.92 -30.01
CA ILE A 317 9.95 2.99 -30.13
C ILE A 317 11.32 2.39 -29.79
N CYS A 318 12.28 2.55 -30.69
CA CYS A 318 13.61 1.99 -30.48
C CYS A 318 14.35 2.73 -29.37
N PHE A 319 15.36 2.09 -28.78
CA PHE A 319 16.14 2.66 -27.68
C PHE A 319 17.58 2.18 -27.81
N PHE A 320 18.46 3.08 -28.27
CA PHE A 320 19.87 2.78 -28.36
C PHE A 320 20.59 3.20 -27.07
N THR A 321 21.39 2.27 -26.53
CA THR A 321 21.98 2.44 -25.22
C THR A 321 23.51 2.38 -25.32
N ASP A 322 24.03 2.83 -26.46
CA ASP A 322 25.46 3.11 -26.64
C ASP A 322 26.41 1.97 -26.28
N ILE A 323 26.92 2.00 -25.05
CA ILE A 323 28.13 1.28 -24.68
C ILE A 323 27.79 0.08 -23.80
N LEU A 324 28.50 -1.03 -24.06
CA LEU A 324 28.39 -2.24 -23.26
C LEU A 324 29.76 -2.57 -22.69
N VAL A 325 29.88 -2.60 -21.37
CA VAL A 325 31.14 -2.89 -20.68
C VAL A 325 30.92 -4.03 -19.70
N VAL A 326 31.75 -5.07 -19.82
CA VAL A 326 31.74 -6.21 -18.92
C VAL A 326 33.05 -6.23 -18.13
N GLY A 327 32.97 -6.63 -16.88
CA GLY A 327 34.13 -6.64 -16.01
C GLY A 327 35.14 -7.70 -16.40
N GLU A 328 36.26 -7.68 -15.67
CA GLU A 328 37.39 -8.56 -15.93
C GLU A 328 37.51 -9.60 -14.84
N ASN A 329 37.99 -10.80 -15.21
CA ASN A 329 38.19 -11.91 -14.28
C ASN A 329 36.90 -12.26 -13.54
N ARG A 330 35.79 -12.27 -14.28
CA ARG A 330 34.48 -12.73 -13.83
C ARG A 330 33.91 -11.86 -12.72
N GLN A 331 34.45 -10.66 -12.49
CA GLN A 331 33.90 -9.76 -11.49
C GLN A 331 32.98 -8.74 -12.15
N THR A 332 32.21 -8.04 -11.30
CA THR A 332 31.23 -7.07 -11.75
C THR A 332 31.88 -5.69 -11.77
N PHE A 333 31.54 -4.89 -12.77
CA PHE A 333 32.09 -3.54 -12.87
C PHE A 333 31.60 -2.66 -11.74
N ASP A 334 30.33 -2.79 -11.37
CA ASP A 334 29.72 -1.82 -10.46
C ASP A 334 28.51 -2.43 -9.76
N LEU A 335 27.94 -1.66 -8.83
CA LEU A 335 26.72 -2.00 -8.12
C LEU A 335 25.73 -0.86 -8.29
N GLU A 336 24.63 -0.94 -7.55
CA GLU A 336 23.61 0.10 -7.64
C GLU A 336 24.01 1.21 -6.69
N GLY A 337 25.18 1.79 -6.92
CA GLY A 337 25.61 3.01 -6.26
C GLY A 337 26.47 3.87 -7.17
N ASP A 338 26.67 3.41 -8.40
CA ASP A 338 27.75 3.94 -9.23
C ASP A 338 27.24 4.76 -10.40
N SER A 339 25.93 4.98 -10.49
CA SER A 339 25.39 5.76 -11.60
C SER A 339 25.93 7.19 -11.56
N GLY A 340 26.78 7.54 -12.52
CA GLY A 340 27.36 8.86 -12.57
C GLY A 340 28.88 8.84 -12.63
N SER A 341 29.47 7.71 -12.29
CA SER A 341 30.93 7.56 -12.27
C SER A 341 31.49 7.57 -13.68
N LEU A 342 32.64 8.22 -13.84
CA LEU A 342 33.32 8.26 -15.12
C LEU A 342 33.90 6.88 -15.47
N ILE A 343 33.94 6.59 -16.77
CA ILE A 343 34.59 5.39 -17.30
C ILE A 343 35.82 5.87 -18.06
N ILE A 344 36.99 5.37 -17.69
CA ILE A 344 38.25 5.86 -18.22
C ILE A 344 38.99 4.69 -18.89
N LEU A 345 39.53 4.97 -20.06
CA LEU A 345 40.36 3.99 -20.79
C LEU A 345 41.60 3.72 -19.95
N THR A 346 41.92 2.44 -19.77
CA THR A 346 43.11 2.04 -19.02
C THR A 346 44.37 2.57 -19.71
N SER A 347 45.31 3.06 -18.90
CA SER A 347 46.56 3.62 -19.39
C SER A 347 47.24 2.68 -20.37
N GLN A 348 47.41 3.14 -21.62
CA GLN A 348 47.95 2.29 -22.68
C GLN A 348 49.47 2.40 -22.67
N ASP A 349 50.07 1.63 -21.75
CA ASP A 349 51.52 1.48 -21.66
C ASP A 349 52.26 2.81 -21.61
N GLY A 350 51.99 3.61 -20.58
CA GLY A 350 52.70 4.87 -20.39
C GLY A 350 51.91 6.10 -20.77
N GLU A 351 50.88 5.92 -21.60
CA GLU A 351 50.03 7.03 -21.98
C GLU A 351 49.03 7.33 -20.87
N LYS A 352 48.66 8.63 -20.74
CA LYS A 352 47.71 8.96 -19.69
C LYS A 352 46.31 8.46 -20.05
N PRO A 353 45.55 8.01 -19.06
CA PRO A 353 44.20 7.51 -19.33
C PRO A 353 43.28 8.61 -19.83
N ARG A 354 42.28 8.21 -20.62
CA ARG A 354 41.32 9.15 -21.19
C ARG A 354 39.89 8.68 -20.95
N PRO A 355 38.93 9.60 -20.74
CA PRO A 355 37.54 9.19 -20.48
C PRO A 355 36.81 8.86 -21.76
N ILE A 356 35.78 8.01 -21.68
CA ILE A 356 34.98 7.69 -22.86
C ILE A 356 33.50 7.80 -22.56
N GLY A 357 33.14 7.87 -21.27
CA GLY A 357 31.73 7.98 -20.94
C GLY A 357 31.37 7.96 -19.47
N ILE A 358 30.24 8.59 -19.14
CA ILE A 358 29.69 8.51 -17.79
C ILE A 358 28.87 7.23 -17.67
N ILE A 359 28.94 6.60 -16.49
CA ILE A 359 28.11 5.43 -16.25
C ILE A 359 26.65 5.85 -16.16
N TRP A 360 25.85 5.39 -17.12
CA TRP A 360 24.42 5.62 -17.09
C TRP A 360 23.74 4.89 -15.93
N GLY A 361 24.33 3.81 -15.46
CA GLY A 361 23.79 3.04 -14.36
C GLY A 361 24.11 1.57 -14.50
N GLY A 362 24.35 0.91 -13.37
CA GLY A 362 24.62 -0.52 -13.41
C GLY A 362 23.36 -1.32 -13.63
N THR A 363 22.76 -1.17 -14.81
CA THR A 363 21.50 -1.85 -15.12
C THR A 363 21.68 -3.35 -15.00
N ALA A 364 22.45 -3.95 -15.91
CA ALA A 364 22.86 -5.34 -15.86
C ALA A 364 21.73 -6.30 -15.50
N ASN A 365 20.48 -5.94 -15.82
CA ASN A 365 19.34 -6.81 -15.58
C ASN A 365 18.40 -6.87 -16.77
N ARG A 366 18.61 -6.03 -17.79
CA ARG A 366 17.87 -6.12 -19.04
C ARG A 366 18.60 -7.02 -20.04
N GLY A 367 19.00 -8.20 -19.56
CA GLY A 367 19.72 -9.15 -20.38
C GLY A 367 21.19 -9.25 -20.05
N ARG A 368 21.55 -10.27 -19.27
CA ARG A 368 22.95 -10.49 -18.93
C ARG A 368 23.68 -11.19 -20.08
N LEU A 369 24.93 -10.78 -20.28
CA LEU A 369 25.76 -11.36 -21.33
C LEU A 369 26.11 -12.79 -20.92
N LYS A 370 25.40 -13.76 -21.48
CA LYS A 370 25.52 -15.15 -21.08
C LYS A 370 26.42 -15.90 -22.07
N LEU A 371 26.73 -17.15 -21.75
CA LEU A 371 27.59 -17.98 -22.58
C LEU A 371 27.27 -19.44 -22.29
N THR A 372 27.70 -20.32 -23.18
CA THR A 372 27.55 -21.76 -23.02
C THR A 372 28.80 -22.41 -22.45
N SER A 373 29.76 -21.60 -22.02
CA SER A 373 30.95 -22.07 -21.33
C SER A 373 30.56 -22.40 -19.89
N ASP A 374 31.41 -23.15 -19.20
CA ASP A 374 31.09 -23.59 -17.85
C ASP A 374 31.27 -22.45 -16.83
N HIS A 375 30.46 -21.40 -16.97
CA HIS A 375 30.49 -20.29 -16.04
C HIS A 375 29.18 -19.51 -16.11
N GLY A 376 28.76 -18.92 -14.99
CA GLY A 376 27.49 -18.23 -14.92
C GLY A 376 27.46 -16.93 -15.69
N PRO A 377 26.27 -16.33 -15.81
CA PRO A 377 26.14 -15.04 -16.50
C PRO A 377 27.01 -13.96 -15.88
N GLU A 378 27.59 -13.11 -16.72
CA GLU A 378 28.41 -11.99 -16.28
C GLU A 378 27.68 -10.70 -16.59
N ASN A 379 27.47 -9.86 -15.58
CA ASN A 379 26.76 -8.60 -15.73
C ASN A 379 27.57 -7.60 -16.54
N TRP A 380 26.89 -6.71 -17.26
CA TRP A 380 27.56 -5.68 -18.03
C TRP A 380 27.15 -4.31 -17.52
N THR A 381 27.55 -3.28 -18.26
CA THR A 381 27.27 -1.89 -17.91
C THR A 381 26.82 -1.13 -19.16
N SER A 382 26.03 -0.08 -18.94
CA SER A 382 25.67 0.84 -20.01
C SER A 382 26.36 2.18 -19.78
N GLY A 383 26.08 3.16 -20.63
CA GLY A 383 26.70 4.46 -20.46
C GLY A 383 26.77 5.30 -21.72
N VAL A 384 26.61 6.61 -21.57
CA VAL A 384 26.70 7.55 -22.68
C VAL A 384 28.13 7.56 -23.22
N ASP A 385 28.29 8.00 -24.46
CA ASP A 385 29.62 8.09 -25.08
C ASP A 385 30.21 9.48 -24.90
N LEU A 386 30.19 9.95 -23.65
CA LEU A 386 30.72 11.24 -23.20
C LEU A 386 30.77 12.33 -24.25
N GLY A 387 31.62 12.14 -25.28
CA GLY A 387 31.89 13.13 -26.30
C GLY A 387 30.69 13.90 -26.83
N ARG A 388 29.57 13.21 -27.04
CA ARG A 388 28.37 13.88 -27.54
C ARG A 388 27.36 14.13 -26.43
N LEU A 389 27.81 14.04 -25.17
CA LEU A 389 27.00 14.48 -24.04
C LEU A 389 27.56 15.79 -23.52
N LEU A 390 28.87 16.00 -23.70
CA LEU A 390 29.56 17.24 -23.35
C LEU A 390 29.55 18.13 -24.59
N ASP A 391 28.72 17.76 -25.56
CA ASP A 391 28.55 18.51 -26.79
C ASP A 391 27.14 19.12 -26.81
N ARG A 392 26.24 18.53 -26.03
CA ARG A 392 24.87 19.02 -25.94
C ARG A 392 24.68 20.08 -24.87
N LEU A 393 25.22 19.86 -23.67
CA LEU A 393 25.16 20.83 -22.59
C LEU A 393 26.24 21.89 -22.70
N GLU A 394 27.16 21.75 -23.65
CA GLU A 394 28.21 22.74 -23.90
C GLU A 394 29.08 22.96 -22.66
N LEU A 395 29.69 21.89 -22.16
CA LEU A 395 30.59 21.95 -21.03
C LEU A 395 31.78 21.01 -21.25
N ASP A 396 32.97 21.50 -20.91
CA ASP A 396 34.18 20.70 -21.06
C ASP A 396 34.56 20.08 -19.73
N ILE A 397 35.71 19.40 -19.68
CA ILE A 397 36.17 18.74 -18.47
C ILE A 397 37.52 19.33 -18.07
N ILE A 398 37.62 19.78 -16.83
CA ILE A 398 38.86 20.34 -16.29
C ILE A 398 39.62 19.22 -15.60
N ILE A 399 40.86 18.98 -16.05
CA ILE A 399 41.69 17.91 -15.53
C ILE A 399 42.92 18.44 -14.81
N THR A 400 43.55 19.48 -15.34
CA THR A 400 44.71 20.07 -14.70
C THR A 400 44.30 20.77 -13.42
N ASN A 401 45.09 20.59 -12.36
CA ASN A 401 44.80 21.22 -11.07
C ASN A 401 45.04 22.73 -11.09
N GLU A 402 45.75 23.24 -12.10
CA GLU A 402 45.95 24.67 -12.26
C GLU A 402 44.99 25.31 -13.23
N SER A 403 44.40 24.54 -14.14
CA SER A 403 43.38 25.08 -15.04
C SER A 403 42.10 25.39 -14.28
N LEU A 404 41.86 24.69 -13.17
CA LEU A 404 40.69 24.96 -12.35
C LEU A 404 40.74 26.36 -11.76
N GLN A 405 41.93 26.81 -11.35
CA GLN A 405 42.09 28.15 -10.80
C GLN A 405 41.77 29.23 -11.83
N ASP A 406 41.92 28.92 -13.12
CA ASP A 406 41.62 29.89 -14.17
C ASP A 406 40.46 29.42 -15.05
N GLN B 44 18.05 -62.50 15.02
CA GLN B 44 19.08 -62.37 13.99
C GLN B 44 18.50 -61.88 12.66
N ALA B 45 18.23 -60.59 12.58
CA ALA B 45 17.71 -59.97 11.36
C ALA B 45 18.86 -59.48 10.51
N ASN B 46 18.88 -59.90 9.24
CA ASN B 46 19.98 -59.58 8.35
C ASN B 46 19.51 -59.24 6.94
N SER B 47 18.20 -59.06 6.74
CA SER B 47 17.65 -58.96 5.40
C SER B 47 16.44 -58.05 5.40
N LEU B 48 16.12 -57.48 4.22
CA LEU B 48 15.15 -56.40 4.14
C LEU B 48 13.73 -56.88 4.39
N LEU B 49 13.18 -57.69 3.49
CA LEU B 49 11.73 -57.92 3.54
C LEU B 49 11.41 -58.86 4.70
N ASP B 50 12.44 -59.33 5.39
CA ASP B 50 12.27 -59.85 6.73
C ASP B 50 12.22 -58.71 7.74
N LEU B 51 13.00 -57.65 7.53
CA LEU B 51 13.08 -56.57 8.51
C LEU B 51 11.83 -55.69 8.50
N MET B 52 11.34 -55.34 7.32
CA MET B 52 10.15 -54.50 7.24
C MET B 52 8.88 -55.26 7.61
N THR B 53 8.97 -56.59 7.72
CA THR B 53 7.88 -57.34 8.32
C THR B 53 8.12 -57.61 9.81
N ILE B 54 9.37 -57.52 10.27
CA ILE B 54 9.61 -57.34 11.70
C ILE B 54 8.92 -56.09 12.19
N ARG B 55 9.04 -54.99 11.45
CA ARG B 55 8.37 -53.74 11.77
C ARG B 55 6.92 -53.94 12.19
N ALA B 56 6.22 -54.87 11.53
CA ALA B 56 4.78 -54.99 11.65
C ALA B 56 4.31 -55.18 13.09
N PHE B 57 5.05 -55.98 13.87
CA PHE B 57 4.57 -56.34 15.20
C PHE B 57 4.53 -55.12 16.12
N HIS B 58 5.59 -54.33 16.12
CA HIS B 58 5.61 -53.10 16.92
C HIS B 58 5.03 -51.95 16.10
N SER B 59 3.76 -52.09 15.77
CA SER B 59 3.10 -51.18 14.84
C SER B 59 3.07 -49.75 15.35
N LYS B 60 2.34 -49.49 16.44
CA LYS B 60 2.11 -48.13 16.89
C LYS B 60 3.02 -47.72 18.04
N ILE B 61 3.95 -48.58 18.46
CA ILE B 61 4.86 -48.23 19.53
C ILE B 61 5.95 -47.26 19.07
N LEU B 62 6.41 -47.38 17.83
CA LEU B 62 7.47 -46.52 17.33
C LEU B 62 6.96 -45.60 16.22
N ARG B 63 5.66 -45.30 16.20
CA ARG B 63 5.11 -44.39 15.21
C ARG B 63 4.12 -43.43 15.85
N ARG B 64 3.94 -43.53 17.16
CA ARG B 64 2.96 -42.69 17.85
C ARG B 64 3.44 -41.25 17.95
N PHE B 65 4.76 -41.05 18.00
CA PHE B 65 5.31 -39.71 18.11
C PHE B 65 6.20 -39.34 16.92
N SER B 66 6.56 -40.30 16.10
CA SER B 66 7.55 -40.12 15.05
C SER B 66 6.92 -39.50 13.81
N LEU B 67 7.70 -38.68 13.09
CA LEU B 67 7.33 -38.22 11.75
C LEU B 67 7.91 -39.10 10.66
N GLY B 68 8.71 -40.11 11.00
CA GLY B 68 9.31 -40.99 10.02
C GLY B 68 9.77 -42.31 10.61
N THR B 69 9.89 -43.33 9.76
CA THR B 69 10.41 -44.63 10.19
C THR B 69 10.95 -45.38 8.99
N ALA B 70 12.24 -45.71 8.98
CA ALA B 70 12.84 -46.37 7.83
C ALA B 70 13.82 -47.46 8.23
N VAL B 71 14.05 -48.42 7.34
CA VAL B 71 15.02 -49.50 7.58
C VAL B 71 16.34 -49.18 6.91
N GLY B 72 17.43 -49.32 7.65
CA GLY B 72 18.76 -49.11 7.11
C GLY B 72 19.83 -49.60 8.06
N PHE B 73 20.94 -48.87 8.13
CA PHE B 73 21.97 -49.15 9.11
C PHE B 73 21.96 -48.07 10.18
N ARG B 74 22.16 -48.50 11.43
CA ARG B 74 22.11 -47.59 12.57
C ARG B 74 23.31 -46.65 12.51
N ILE B 75 23.04 -45.36 12.70
CA ILE B 75 24.08 -44.34 12.76
C ILE B 75 23.88 -43.56 14.05
N ARG B 76 24.56 -43.99 15.11
CA ARG B 76 24.62 -43.25 16.36
C ARG B 76 26.01 -42.60 16.36
N LYS B 77 26.04 -41.28 16.63
CA LYS B 77 27.18 -40.39 16.51
C LYS B 77 27.47 -40.07 15.05
N GLY B 78 26.71 -40.67 14.13
CA GLY B 78 26.71 -40.22 12.75
C GLY B 78 27.13 -41.23 11.69
N ASP B 79 28.19 -41.99 11.94
CA ASP B 79 28.77 -42.84 10.90
C ASP B 79 28.00 -44.14 10.74
N LEU B 80 28.09 -44.72 9.55
CA LEU B 80 27.32 -45.89 9.17
C LEU B 80 28.04 -47.15 9.63
N THR B 81 27.39 -47.92 10.51
CA THR B 81 27.95 -49.14 11.05
C THR B 81 27.71 -50.31 10.10
N ASP B 82 27.95 -51.53 10.58
CA ASP B 82 27.78 -52.74 9.77
C ASP B 82 26.67 -53.64 10.29
N ILE B 83 25.64 -53.09 10.91
CA ILE B 83 24.52 -53.86 11.44
C ILE B 83 23.22 -53.19 10.98
N PRO B 84 22.25 -53.96 10.45
CA PRO B 84 20.96 -53.37 10.07
C PRO B 84 20.18 -52.85 11.26
N ALA B 85 19.28 -51.88 11.04
CA ALA B 85 18.52 -51.30 12.13
C ALA B 85 17.24 -50.62 11.67
N ILE B 86 16.56 -49.96 12.60
CA ILE B 86 15.37 -49.16 12.34
C ILE B 86 15.69 -47.71 12.71
N LEU B 87 15.05 -46.79 12.00
CA LEU B 87 15.24 -45.36 12.24
C LEU B 87 13.89 -44.76 12.62
N VAL B 88 13.90 -43.85 13.60
CA VAL B 88 12.65 -43.42 14.22
C VAL B 88 12.31 -41.96 13.89
N PHE B 89 13.31 -41.19 13.46
CA PHE B 89 13.08 -39.89 12.84
C PHE B 89 12.18 -38.94 13.65
N VAL B 90 12.46 -38.76 14.94
CA VAL B 90 11.68 -37.82 15.74
C VAL B 90 12.28 -36.43 15.62
N ALA B 91 11.52 -35.42 16.08
CA ALA B 91 11.77 -34.04 15.69
C ALA B 91 13.07 -33.45 16.25
N ARG B 92 13.31 -33.51 17.56
CA ARG B 92 14.39 -32.72 18.15
C ARG B 92 15.16 -33.59 19.16
N LYS B 93 16.48 -33.54 19.08
CA LYS B 93 17.34 -34.38 19.91
C LYS B 93 17.23 -34.02 21.37
N VAL B 94 16.74 -34.98 22.18
CA VAL B 94 16.65 -34.84 23.62
C VAL B 94 17.30 -36.06 24.24
N HIS B 95 17.68 -35.98 25.52
CA HIS B 95 18.37 -37.07 26.20
C HIS B 95 17.45 -37.63 27.26
N LYS B 96 17.73 -38.88 27.69
CA LYS B 96 16.83 -39.66 28.53
C LYS B 96 16.41 -38.93 29.80
N LYS B 97 17.30 -38.12 30.38
CA LYS B 97 16.95 -37.43 31.62
C LYS B 97 15.80 -36.45 31.41
N TRP B 98 15.77 -35.78 30.25
CA TRP B 98 14.71 -34.82 29.96
C TRP B 98 13.53 -35.48 29.25
N LEU B 99 13.77 -36.54 28.51
CA LEU B 99 12.70 -37.23 27.79
C LEU B 99 11.74 -37.88 28.79
N ASN B 100 10.44 -37.71 28.54
CA ASN B 100 9.40 -38.28 29.38
C ASN B 100 9.39 -39.80 29.24
N PRO B 101 8.90 -40.51 30.27
CA PRO B 101 8.90 -41.98 30.19
C PRO B 101 7.71 -42.56 29.45
N ALA B 102 6.85 -41.71 28.88
CA ALA B 102 5.82 -42.12 27.93
C ALA B 102 6.26 -41.82 26.50
N GLN B 103 7.47 -41.29 26.35
CA GLN B 103 8.00 -40.88 25.06
C GLN B 103 9.21 -41.74 24.68
N CYS B 104 10.01 -42.14 25.67
CA CYS B 104 11.25 -42.88 25.44
C CYS B 104 10.98 -44.21 24.75
N LEU B 105 11.78 -44.53 23.74
CA LEU B 105 11.62 -45.73 22.93
C LEU B 105 12.39 -46.91 23.54
N PRO B 106 12.00 -48.15 23.23
CA PRO B 106 12.80 -49.30 23.71
C PRO B 106 14.05 -49.51 22.87
N ALA B 107 15.06 -50.15 23.47
CA ALA B 107 16.36 -50.31 22.83
C ALA B 107 16.35 -51.31 21.67
N ILE B 108 15.67 -52.44 21.83
CA ILE B 108 15.68 -53.51 20.85
C ILE B 108 14.29 -54.13 20.79
N LEU B 109 13.86 -54.56 19.61
CA LEU B 109 12.52 -55.09 19.43
C LEU B 109 12.54 -56.40 18.65
N GLU B 110 11.36 -56.95 18.35
CA GLU B 110 11.23 -58.33 17.89
C GLU B 110 10.43 -58.41 16.60
N GLY B 111 10.62 -59.50 15.88
CA GLY B 111 9.86 -59.78 14.68
C GLY B 111 8.75 -60.77 14.94
N PRO B 112 7.63 -60.63 14.21
CA PRO B 112 6.49 -61.53 14.43
C PRO B 112 6.86 -62.99 14.22
N GLY B 113 6.91 -63.76 15.29
CA GLY B 113 7.28 -65.16 15.20
C GLY B 113 8.70 -65.38 14.76
N GLY B 114 9.64 -64.58 15.26
CA GLY B 114 11.02 -64.77 14.87
C GLY B 114 12.04 -63.76 15.36
N VAL B 115 12.89 -63.30 14.43
CA VAL B 115 14.16 -62.65 14.74
C VAL B 115 13.98 -61.23 15.28
N TRP B 116 15.08 -60.66 15.78
CA TRP B 116 15.11 -59.35 16.40
C TRP B 116 16.01 -58.41 15.60
N CYS B 117 15.76 -57.11 15.72
CA CYS B 117 16.53 -56.12 14.97
C CYS B 117 17.02 -54.98 15.85
N ASP B 118 17.81 -54.07 15.27
CA ASP B 118 18.39 -52.96 16.03
C ASP B 118 17.50 -51.73 15.91
N VAL B 119 17.84 -50.69 16.70
CA VAL B 119 17.08 -49.46 16.74
C VAL B 119 18.03 -48.27 16.65
N ASP B 120 17.74 -47.32 15.76
CA ASP B 120 18.50 -46.09 15.64
C ASP B 120 17.58 -44.90 15.76
N VAL B 121 18.11 -43.78 16.26
CA VAL B 121 17.32 -42.62 16.64
C VAL B 121 17.78 -41.40 15.84
N VAL B 122 18.08 -41.59 14.55
CA VAL B 122 18.44 -40.47 13.70
C VAL B 122 17.26 -39.52 13.68
N GLU B 123 17.40 -38.36 14.32
CA GLU B 123 16.23 -37.56 14.62
C GLU B 123 15.91 -36.59 13.50
N PHE B 124 15.39 -37.14 12.40
CA PHE B 124 14.97 -36.34 11.25
C PHE B 124 13.69 -35.57 11.59
N SER B 125 13.76 -34.25 11.44
CA SER B 125 12.59 -33.41 11.64
C SER B 125 11.92 -33.14 10.30
N TYR B 126 12.64 -32.53 9.37
CA TYR B 126 12.19 -32.32 8.01
C TYR B 126 13.36 -31.88 7.14
N GLN B 137 21.01 -22.66 -9.72
CA GLN B 137 21.55 -23.67 -10.61
C GLN B 137 23.08 -23.71 -10.55
N MET B 138 23.65 -24.84 -10.96
CA MET B 138 25.10 -24.99 -11.04
C MET B 138 25.47 -25.28 -12.48
N PHE B 139 26.43 -24.53 -13.00
CA PHE B 139 26.77 -24.56 -14.43
C PHE B 139 27.93 -25.51 -14.69
N SER B 140 27.82 -26.24 -15.80
CA SER B 140 28.86 -27.17 -16.24
C SER B 140 28.72 -27.34 -17.75
N GLU B 141 29.79 -27.84 -18.36
CA GLU B 141 29.78 -28.04 -19.81
C GLU B 141 28.81 -29.13 -20.22
N LEU B 142 28.70 -30.19 -19.43
CA LEU B 142 27.85 -31.33 -19.80
C LEU B 142 26.38 -30.93 -19.86
N VAL B 143 26.00 -29.87 -19.16
CA VAL B 143 24.61 -29.42 -19.12
C VAL B 143 24.13 -29.03 -20.51
N ASP B 144 24.75 -28.02 -21.11
CA ASP B 144 24.31 -27.50 -22.41
C ASP B 144 24.52 -28.51 -23.54
N LYS B 145 25.50 -29.41 -23.43
CA LYS B 145 25.68 -30.44 -24.44
C LYS B 145 24.45 -31.31 -24.63
N LEU B 146 23.84 -31.78 -23.55
CA LEU B 146 22.58 -32.49 -23.62
C LEU B 146 21.39 -31.55 -23.86
N CYS B 147 21.40 -30.38 -23.22
CA CYS B 147 20.29 -29.44 -23.38
C CYS B 147 20.61 -28.35 -24.38
N GLY B 148 20.75 -28.69 -25.66
CA GLY B 148 20.87 -27.65 -26.66
C GLY B 148 21.94 -27.82 -27.74
N SER B 149 23.00 -28.58 -27.46
CA SER B 149 24.15 -28.56 -28.35
C SER B 149 24.14 -29.64 -29.44
N ASP B 150 24.15 -30.91 -29.04
CA ASP B 150 24.44 -31.97 -30.00
C ASP B 150 23.19 -32.77 -30.34
N GLU B 151 23.24 -33.43 -31.50
CA GLU B 151 22.08 -34.12 -32.07
C GLU B 151 21.86 -35.49 -31.45
N CYS B 152 22.43 -35.74 -30.27
CA CYS B 152 22.14 -36.91 -29.46
C CYS B 152 21.20 -36.45 -28.34
N ILE B 153 19.90 -36.69 -28.54
CA ILE B 153 18.85 -36.07 -27.72
C ILE B 153 18.13 -37.12 -26.90
N GLY B 154 18.83 -38.19 -26.53
CA GLY B 154 18.20 -39.26 -25.78
C GLY B 154 18.19 -39.03 -24.29
N SER B 155 18.78 -39.94 -23.53
CA SER B 155 18.76 -39.87 -22.07
C SER B 155 19.46 -38.61 -21.59
N GLY B 156 18.91 -38.01 -20.53
CA GLY B 156 19.48 -36.81 -19.94
C GLY B 156 18.86 -35.54 -20.48
N SER B 157 18.56 -35.51 -21.78
CA SER B 157 18.02 -34.34 -22.44
C SER B 157 16.64 -33.97 -21.88
N GLN B 158 16.35 -32.67 -21.85
CA GLN B 158 15.07 -32.21 -21.32
C GLN B 158 13.92 -32.57 -22.24
N VAL B 159 12.75 -32.81 -21.66
CA VAL B 159 11.51 -32.94 -22.41
C VAL B 159 10.48 -32.03 -21.75
N ALA B 160 10.16 -30.93 -22.42
CA ALA B 160 9.36 -29.88 -21.80
C ALA B 160 8.32 -29.38 -22.80
N SER B 161 7.06 -29.52 -22.42
CA SER B 161 5.95 -29.01 -23.21
C SER B 161 4.98 -28.25 -22.31
N HIS B 162 5.00 -26.92 -22.42
CA HIS B 162 4.13 -26.06 -21.62
C HIS B 162 4.40 -26.27 -20.13
N GLU B 163 3.32 -26.26 -19.35
CA GLU B 163 3.30 -26.51 -17.90
C GLU B 163 4.62 -26.19 -17.23
N THR B 164 5.48 -27.20 -17.07
CA THR B 164 6.87 -27.02 -16.61
C THR B 164 7.78 -27.90 -17.46
N PHE B 165 9.00 -28.10 -16.96
CA PHE B 165 10.03 -28.79 -17.72
C PHE B 165 10.53 -30.01 -16.96
N GLY B 166 11.02 -30.98 -17.71
CA GLY B 166 11.59 -32.19 -17.13
C GLY B 166 12.53 -32.85 -18.11
N THR B 167 13.38 -33.73 -17.58
CA THR B 167 14.37 -34.43 -18.40
C THR B 167 13.76 -35.66 -19.07
N LEU B 168 14.60 -36.44 -19.75
CA LEU B 168 14.15 -37.68 -20.38
C LEU B 168 14.56 -38.87 -19.53
N GLY B 169 13.60 -39.74 -19.23
CA GLY B 169 13.84 -40.88 -18.37
C GLY B 169 14.90 -41.83 -18.90
N ALA B 170 14.59 -42.52 -20.00
CA ALA B 170 15.48 -43.52 -20.58
C ALA B 170 14.92 -43.93 -21.92
N ILE B 171 15.69 -44.72 -22.66
CA ILE B 171 15.23 -45.37 -23.87
C ILE B 171 14.75 -46.76 -23.49
N VAL B 172 13.47 -47.03 -23.74
CA VAL B 172 12.79 -48.19 -23.18
C VAL B 172 11.98 -48.90 -24.25
N LYS B 173 11.59 -50.14 -23.96
CA LYS B 173 10.84 -51.00 -24.87
C LYS B 173 9.65 -51.59 -24.13
N ARG B 174 8.49 -51.59 -24.78
CA ARG B 174 7.30 -52.17 -24.19
C ARG B 174 7.17 -53.63 -24.58
N ARG B 175 6.68 -54.45 -23.65
CA ARG B 175 6.59 -55.90 -23.88
C ARG B 175 5.25 -56.33 -24.46
N THR B 176 4.14 -55.82 -23.89
CA THR B 176 2.82 -56.33 -24.26
C THR B 176 2.35 -55.90 -25.65
N GLY B 177 2.14 -54.60 -25.85
CA GLY B 177 1.27 -54.16 -26.93
C GLY B 177 1.64 -54.54 -28.34
N ASN B 178 2.68 -53.92 -28.91
CA ASN B 178 3.13 -54.31 -30.24
C ASN B 178 4.64 -54.15 -30.37
N LYS B 179 5.36 -54.23 -29.25
CA LYS B 179 6.82 -54.18 -29.24
C LYS B 179 7.37 -52.90 -29.88
N GLN B 180 7.10 -51.75 -29.28
CA GLN B 180 7.58 -50.47 -29.80
C GLN B 180 8.63 -49.88 -28.84
N VAL B 181 9.09 -48.68 -29.18
CA VAL B 181 10.17 -47.99 -28.47
C VAL B 181 9.66 -46.62 -28.02
N GLY B 182 9.97 -46.26 -26.79
CA GLY B 182 9.59 -44.96 -26.29
C GLY B 182 10.54 -44.45 -25.23
N PHE B 183 10.02 -43.57 -24.38
CA PHE B 183 10.79 -43.01 -23.28
C PHE B 183 9.86 -42.80 -22.09
N LEU B 184 10.46 -42.75 -20.90
CA LEU B 184 9.70 -42.73 -19.65
C LEU B 184 9.71 -41.31 -19.07
N THR B 185 8.76 -41.02 -18.19
CA THR B 185 8.62 -39.68 -17.63
C THR B 185 8.17 -39.74 -16.17
N ASN B 186 8.52 -38.70 -15.40
CA ASN B 186 8.13 -38.56 -14.00
C ASN B 186 7.08 -37.45 -13.91
N HIS B 187 5.88 -37.77 -13.42
CA HIS B 187 4.72 -36.94 -13.74
C HIS B 187 4.78 -35.51 -13.21
N HIS B 188 4.87 -35.29 -11.89
CA HIS B 188 4.66 -33.97 -11.31
C HIS B 188 5.29 -32.80 -12.07
N VAL B 189 6.43 -33.01 -12.73
CA VAL B 189 7.00 -31.93 -13.53
C VAL B 189 6.18 -31.71 -14.80
N ALA B 190 5.21 -32.58 -15.08
CA ALA B 190 4.35 -32.47 -16.24
C ALA B 190 3.00 -33.11 -15.92
N VAL B 191 2.25 -33.40 -16.98
CA VAL B 191 1.11 -34.34 -17.01
C VAL B 191 0.77 -34.96 -15.66
N ASP B 192 -0.15 -34.35 -14.92
CA ASP B 192 -0.65 -35.01 -13.72
C ASP B 192 -2.14 -35.32 -13.82
N LEU B 193 -2.97 -34.29 -13.98
CA LEU B 193 -4.40 -34.47 -14.15
C LEU B 193 -5.03 -33.54 -15.18
N ASP B 194 -4.40 -32.40 -15.45
CA ASP B 194 -5.01 -31.39 -16.31
C ASP B 194 -5.24 -31.93 -17.72
N TYR B 195 -4.22 -32.56 -18.29
CA TYR B 195 -4.30 -33.16 -19.62
C TYR B 195 -3.42 -34.40 -19.66
N PRO B 196 -3.97 -35.59 -19.38
CA PRO B 196 -3.19 -36.82 -19.57
C PRO B 196 -2.85 -37.08 -21.03
N ASN B 197 -3.43 -36.27 -21.93
CA ASN B 197 -3.25 -36.47 -23.35
C ASN B 197 -2.72 -35.21 -24.04
N GLN B 198 -1.74 -34.54 -23.45
CA GLN B 198 -1.18 -33.34 -24.06
C GLN B 198 0.25 -33.60 -24.50
N LYS B 199 0.90 -32.56 -25.00
CA LYS B 199 2.15 -32.71 -25.73
C LYS B 199 3.32 -33.00 -24.81
N MET B 200 4.39 -33.53 -25.39
CA MET B 200 5.68 -33.61 -24.70
C MET B 200 6.79 -33.24 -25.67
N PHE B 201 7.41 -32.08 -25.44
CA PHE B 201 8.26 -31.42 -26.42
C PHE B 201 9.72 -31.45 -25.99
N HIS B 202 10.61 -31.58 -26.97
CA HIS B 202 12.04 -31.43 -26.78
C HIS B 202 12.41 -30.11 -27.45
N PRO B 203 13.68 -29.66 -27.45
CA PRO B 203 13.95 -28.24 -27.18
C PRO B 203 12.86 -27.59 -26.35
N LEU B 204 12.05 -26.74 -26.96
CA LEU B 204 11.02 -25.99 -26.24
C LEU B 204 9.74 -25.99 -27.06
N PRO B 205 8.58 -25.94 -26.42
CA PRO B 205 7.32 -25.97 -27.18
C PRO B 205 7.14 -24.71 -28.00
N PRO B 206 6.28 -24.76 -29.03
CA PRO B 206 6.01 -23.58 -29.85
C PRO B 206 5.66 -22.32 -29.06
N ASN B 207 5.29 -22.48 -27.79
CA ASN B 207 5.02 -21.34 -26.91
C ASN B 207 6.19 -20.37 -26.88
N LEU B 208 7.39 -20.89 -26.59
CA LEU B 208 8.63 -20.11 -26.67
C LEU B 208 9.78 -21.09 -26.94
N GLY B 209 10.19 -21.17 -28.20
CA GLY B 209 11.26 -22.05 -28.60
C GLY B 209 10.97 -22.76 -29.90
N PRO B 210 12.03 -23.23 -30.59
CA PRO B 210 11.83 -23.89 -31.89
C PRO B 210 11.10 -25.22 -31.77
N GLY B 211 11.66 -26.15 -31.00
CA GLY B 211 11.00 -27.39 -30.66
C GLY B 211 10.82 -28.42 -31.77
N VAL B 212 10.62 -29.67 -31.34
CA VAL B 212 10.21 -30.76 -32.23
C VAL B 212 9.41 -31.75 -31.41
N TYR B 213 8.13 -32.01 -31.75
CA TYR B 213 7.35 -32.87 -30.85
C TYR B 213 7.89 -34.25 -30.89
N LEU B 214 8.05 -34.85 -29.73
CA LEU B 214 8.59 -36.18 -29.74
C LEU B 214 7.60 -37.23 -29.28
N GLY B 215 6.98 -37.06 -28.11
CA GLY B 215 6.04 -38.05 -27.63
C GLY B 215 4.84 -37.58 -26.82
N ALA B 216 3.71 -38.24 -27.07
CA ALA B 216 2.46 -38.01 -26.38
C ALA B 216 2.56 -38.54 -24.94
N VAL B 217 1.40 -38.71 -24.31
CA VAL B 217 1.34 -39.41 -23.03
C VAL B 217 0.22 -40.46 -23.09
N GLU B 218 0.59 -41.71 -23.37
CA GLU B 218 -0.40 -42.77 -23.53
C GLU B 218 -0.83 -43.36 -22.20
N ARG B 219 0.10 -43.96 -21.46
CA ARG B 219 -0.24 -44.69 -20.23
C ARG B 219 0.56 -44.13 -19.04
N ALA B 220 -0.10 -43.22 -18.31
CA ALA B 220 0.46 -42.71 -17.07
C ALA B 220 -0.02 -43.57 -15.92
N THR B 221 0.42 -44.83 -15.87
CA THR B 221 0.03 -45.76 -14.82
C THR B 221 0.60 -45.25 -13.51
N SER B 222 -0.20 -45.32 -12.45
CA SER B 222 0.15 -44.62 -11.23
C SER B 222 -0.18 -45.43 -9.97
N PHE B 223 -0.25 -44.72 -8.85
CA PHE B 223 -0.35 -45.23 -7.49
C PHE B 223 -1.28 -46.44 -7.34
N ILE B 224 -0.76 -47.50 -6.72
CA ILE B 224 -1.58 -48.59 -6.20
C ILE B 224 -1.09 -48.96 -4.80
N THR B 225 -1.59 -50.06 -4.26
CA THR B 225 -1.40 -50.43 -2.87
C THR B 225 -0.02 -51.06 -2.65
N ASP B 226 0.45 -51.01 -1.40
CA ASP B 226 1.71 -51.60 -0.97
C ASP B 226 1.64 -53.11 -0.75
N ASP B 227 0.51 -53.62 -0.29
CA ASP B 227 0.43 -55.00 0.17
C ASP B 227 0.72 -56.00 -0.94
N VAL B 228 0.40 -55.67 -2.19
CA VAL B 228 0.52 -56.60 -3.30
C VAL B 228 1.88 -56.53 -3.97
N TRP B 229 2.50 -55.35 -4.03
CA TRP B 229 3.76 -55.24 -4.76
C TRP B 229 4.90 -56.04 -4.12
N TYR B 230 5.40 -55.60 -2.98
CA TYR B 230 6.72 -56.00 -2.52
C TYR B 230 6.79 -57.49 -2.18
N GLY B 231 5.71 -58.03 -1.61
CA GLY B 231 5.77 -59.35 -1.03
C GLY B 231 6.01 -59.24 0.46
N ILE B 232 5.97 -58.00 0.94
CA ILE B 232 6.14 -57.67 2.35
C ILE B 232 4.78 -57.38 2.94
N TYR B 233 4.74 -57.30 4.27
CA TYR B 233 3.53 -56.86 4.95
C TYR B 233 3.91 -56.11 6.22
N ALA B 234 3.72 -54.79 6.16
CA ALA B 234 3.88 -53.93 7.31
C ALA B 234 2.68 -53.00 7.40
N GLY B 235 1.58 -53.38 6.75
CA GLY B 235 0.38 -52.57 6.75
C GLY B 235 -0.30 -52.55 8.10
N THR B 236 -0.21 -51.42 8.79
CA THR B 236 -0.81 -51.27 10.10
C THR B 236 -2.14 -50.54 10.00
N ASN B 237 -2.13 -49.35 9.42
CA ASN B 237 -3.35 -48.60 9.22
C ASN B 237 -4.00 -49.01 7.90
N PRO B 238 -5.33 -48.92 7.77
CA PRO B 238 -5.98 -49.26 6.50
C PRO B 238 -5.43 -48.48 5.32
N GLU B 239 -5.08 -47.21 5.53
CA GLU B 239 -4.50 -46.39 4.48
C GLU B 239 -3.13 -46.92 4.05
N THR B 240 -3.07 -47.51 2.85
CA THR B 240 -1.84 -48.06 2.30
C THR B 240 -1.83 -47.83 0.80
N PHE B 241 -0.66 -47.44 0.28
CA PHE B 241 -0.51 -47.14 -1.14
C PHE B 241 0.91 -47.48 -1.59
N VAL B 242 1.25 -47.12 -2.82
CA VAL B 242 2.62 -47.12 -3.30
C VAL B 242 2.76 -46.01 -4.34
N ARG B 243 3.87 -45.29 -4.30
CA ARG B 243 4.00 -44.02 -5.01
C ARG B 243 5.38 -43.90 -5.63
N ALA B 244 5.83 -44.97 -6.29
CA ALA B 244 7.10 -44.94 -7.00
C ALA B 244 7.01 -44.01 -8.20
N ASP B 245 6.10 -44.32 -9.13
CA ASP B 245 5.53 -43.47 -10.18
C ASP B 245 6.34 -43.52 -11.47
N GLY B 246 5.75 -43.09 -12.58
CA GLY B 246 6.45 -43.09 -13.84
C GLY B 246 5.48 -42.81 -14.98
N ALA B 247 5.99 -42.97 -16.20
CA ALA B 247 5.18 -42.74 -17.40
C ALA B 247 5.76 -43.47 -18.60
N PHE B 248 5.04 -43.47 -19.72
CA PHE B 248 5.45 -44.19 -20.90
C PHE B 248 4.77 -43.67 -22.16
N ILE B 249 5.51 -43.57 -23.25
CA ILE B 249 4.94 -43.17 -24.54
C ILE B 249 5.80 -43.70 -25.68
N PRO B 250 5.29 -44.63 -26.47
CA PRO B 250 6.00 -45.00 -27.72
C PRO B 250 6.19 -43.81 -28.64
N PHE B 251 7.31 -43.77 -29.36
CA PHE B 251 7.63 -42.64 -30.23
C PHE B 251 6.62 -42.51 -31.37
N ALA B 252 6.34 -41.29 -31.80
CA ALA B 252 5.38 -41.04 -32.85
C ALA B 252 5.76 -41.79 -34.10
N ASP B 253 5.29 -41.33 -35.26
CA ASP B 253 5.58 -42.03 -36.50
C ASP B 253 6.55 -41.32 -37.42
N ASP B 254 7.00 -40.11 -37.05
CA ASP B 254 7.98 -39.43 -37.90
C ASP B 254 9.18 -38.91 -37.14
N PHE B 255 8.92 -38.53 -35.88
CA PHE B 255 9.92 -38.01 -34.96
C PHE B 255 11.31 -38.66 -35.03
N ASP B 256 12.10 -38.16 -35.97
CA ASP B 256 13.51 -38.58 -36.18
C ASP B 256 14.06 -39.61 -35.25
N ILE B 257 13.77 -40.84 -35.58
CA ILE B 257 14.21 -41.96 -34.75
C ILE B 257 15.68 -42.26 -35.04
N SER B 258 16.31 -41.40 -35.85
CA SER B 258 17.73 -41.53 -36.09
C SER B 258 18.55 -40.71 -35.07
N THR B 259 17.88 -39.92 -34.24
CA THR B 259 18.57 -39.05 -33.30
C THR B 259 18.44 -39.55 -31.86
N VAL B 260 18.01 -40.80 -31.68
CA VAL B 260 17.88 -41.40 -30.36
C VAL B 260 19.24 -42.03 -30.04
N THR B 261 19.84 -41.62 -28.93
CA THR B 261 21.11 -42.17 -28.49
C THR B 261 20.88 -43.35 -27.56
N THR B 262 21.71 -44.38 -27.70
CA THR B 262 21.57 -45.56 -26.86
C THR B 262 22.58 -45.55 -25.71
N VAL B 263 23.73 -44.93 -25.93
CA VAL B 263 24.77 -44.85 -24.91
C VAL B 263 24.38 -43.82 -23.87
N VAL B 264 25.06 -43.83 -22.72
CA VAL B 264 24.87 -42.85 -21.67
C VAL B 264 26.05 -41.89 -21.75
N ARG B 265 25.76 -40.62 -22.05
CA ARG B 265 26.82 -39.63 -22.22
C ARG B 265 27.37 -39.20 -20.86
N GLY B 266 28.64 -39.55 -20.62
CA GLY B 266 29.27 -39.26 -19.35
C GLY B 266 29.73 -40.53 -18.65
N VAL B 267 29.00 -41.62 -18.86
CA VAL B 267 29.30 -42.89 -18.24
C VAL B 267 29.73 -43.93 -19.27
N GLY B 268 28.98 -44.06 -20.37
CA GLY B 268 29.30 -45.02 -21.40
C GLY B 268 28.10 -45.86 -21.81
N ASP B 269 28.22 -47.18 -21.68
CA ASP B 269 27.11 -48.06 -22.01
C ASP B 269 26.84 -48.96 -20.81
N ILE B 270 25.57 -49.22 -20.53
CA ILE B 270 25.17 -49.93 -19.32
C ILE B 270 24.35 -51.16 -19.68
N GLY B 271 23.88 -51.89 -18.66
CA GLY B 271 23.06 -53.06 -18.88
C GLY B 271 21.60 -52.78 -18.50
N ASP B 272 20.89 -53.87 -18.25
CA ASP B 272 19.51 -53.79 -17.79
C ASP B 272 19.53 -53.73 -16.26
N VAL B 273 18.39 -53.39 -15.66
CA VAL B 273 18.35 -53.01 -14.25
C VAL B 273 18.75 -54.17 -13.35
N LYS B 274 19.66 -53.91 -12.40
CA LYS B 274 20.04 -54.89 -11.40
C LYS B 274 18.97 -54.84 -10.31
N VAL B 275 17.85 -55.50 -10.59
CA VAL B 275 16.71 -55.53 -9.68
C VAL B 275 17.10 -56.33 -8.44
N ILE B 276 17.26 -55.62 -7.33
CA ILE B 276 17.70 -56.27 -6.09
C ILE B 276 16.50 -56.89 -5.38
N ASP B 277 16.62 -58.18 -5.10
CA ASP B 277 15.64 -58.88 -4.27
C ASP B 277 15.69 -58.31 -2.86
N LEU B 278 14.69 -58.65 -2.04
CA LEU B 278 14.49 -57.95 -0.79
C LEU B 278 14.92 -58.71 0.45
N GLN B 279 15.72 -59.77 0.33
CA GLN B 279 16.34 -60.34 1.52
C GLN B 279 17.79 -60.76 1.24
N CYS B 280 18.52 -59.95 0.48
CA CYS B 280 19.95 -60.18 0.32
C CYS B 280 20.72 -59.52 1.46
N PRO B 281 22.00 -59.87 1.66
CA PRO B 281 22.82 -59.16 2.67
C PRO B 281 22.82 -57.66 2.42
N LEU B 282 22.78 -56.87 3.49
CA LEU B 282 22.41 -55.47 3.37
C LEU B 282 23.57 -54.57 2.97
N ASN B 283 24.77 -55.13 2.72
CA ASN B 283 25.86 -54.30 2.23
C ASN B 283 25.59 -53.79 0.82
N SER B 284 24.91 -54.60 0.00
CA SER B 284 24.71 -54.27 -1.40
C SER B 284 23.85 -53.03 -1.57
N LEU B 285 22.56 -53.12 -1.19
CA LEU B 285 21.63 -52.04 -1.48
C LEU B 285 21.91 -50.77 -0.70
N ILE B 286 22.07 -50.89 0.62
CA ILE B 286 22.04 -49.73 1.49
C ILE B 286 23.28 -48.86 1.31
N GLY B 287 24.45 -49.48 1.26
CA GLY B 287 25.65 -48.68 1.15
C GLY B 287 26.56 -49.07 0.00
N ARG B 288 26.64 -48.18 -0.98
CA ARG B 288 27.46 -48.33 -2.19
C ARG B 288 27.67 -46.95 -2.77
N GLN B 289 28.14 -46.86 -4.01
CA GLN B 289 28.22 -45.58 -4.72
C GLN B 289 27.27 -45.62 -5.90
N VAL B 290 26.42 -44.59 -6.01
CA VAL B 290 25.60 -44.41 -7.20
C VAL B 290 26.04 -43.12 -7.88
N CYS B 291 25.51 -42.86 -9.07
CA CYS B 291 25.82 -41.59 -9.74
C CYS B 291 24.54 -41.07 -10.39
N LYS B 292 24.67 -40.07 -11.25
CA LYS B 292 23.49 -39.38 -11.77
C LYS B 292 23.77 -38.70 -13.09
N VAL B 293 22.81 -38.73 -14.01
CA VAL B 293 22.93 -38.05 -15.29
C VAL B 293 21.68 -37.20 -15.50
N GLY B 294 21.81 -35.89 -15.24
CA GLY B 294 20.71 -34.96 -15.38
C GLY B 294 21.13 -33.66 -16.06
N ARG B 295 20.22 -32.69 -16.00
CA ARG B 295 20.41 -31.39 -16.64
C ARG B 295 20.52 -30.27 -15.62
N SER B 296 20.38 -30.58 -14.33
CA SER B 296 20.42 -29.55 -13.29
C SER B 296 21.76 -29.51 -12.58
N SER B 297 22.37 -30.68 -12.36
CA SER B 297 23.63 -30.74 -11.62
C SER B 297 24.71 -31.51 -12.36
N GLY B 298 24.57 -31.62 -13.69
CA GLY B 298 25.54 -32.36 -14.47
C GLY B 298 25.58 -33.83 -14.12
N HIS B 299 26.63 -34.25 -13.40
CA HIS B 299 26.78 -35.64 -13.03
C HIS B 299 27.30 -35.77 -11.60
N THR B 300 26.41 -36.04 -10.64
CA THR B 300 26.77 -36.09 -9.23
C THR B 300 26.76 -37.52 -8.68
N THR B 301 26.96 -37.66 -7.39
CA THR B 301 27.04 -38.96 -6.72
C THR B 301 26.42 -38.83 -5.32
N GLY B 302 26.69 -39.80 -4.46
CA GLY B 302 26.11 -39.84 -3.13
C GLY B 302 25.66 -41.23 -2.70
N THR B 303 25.89 -41.60 -1.45
CA THR B 303 25.61 -42.95 -1.01
C THR B 303 24.28 -43.03 -0.23
N VAL B 304 23.48 -44.04 -0.58
CA VAL B 304 22.16 -44.27 0.00
C VAL B 304 22.34 -44.64 1.47
N MET B 305 21.31 -44.43 2.29
CA MET B 305 21.42 -44.77 3.70
C MET B 305 20.29 -45.69 4.17
N ALA B 306 19.07 -45.49 3.66
CA ALA B 306 17.93 -46.22 4.20
C ALA B 306 16.89 -46.55 3.14
N TYR B 307 15.75 -47.07 3.57
CA TYR B 307 14.68 -47.51 2.68
C TYR B 307 13.37 -47.44 3.45
N ALA B 308 12.28 -47.10 2.74
CA ALA B 308 10.93 -47.13 3.29
C ALA B 308 10.76 -46.20 4.48
N LEU B 309 10.91 -44.90 4.26
CA LEU B 309 10.66 -43.89 5.29
C LEU B 309 9.16 -43.82 5.57
N GLU B 310 8.77 -43.93 6.83
CA GLU B 310 7.36 -43.79 7.19
C GLU B 310 7.00 -42.44 7.83
N TYR B 311 6.91 -41.48 6.94
CA TYR B 311 6.20 -40.22 6.98
C TYR B 311 4.72 -40.45 7.23
N ASN B 312 3.98 -39.35 7.31
CA ASN B 312 2.53 -39.33 7.17
C ASN B 312 2.19 -38.28 6.13
N ASP B 313 1.73 -38.73 4.95
CA ASP B 313 1.43 -37.83 3.84
C ASP B 313 0.23 -36.96 4.22
N GLU B 314 0.11 -35.79 3.59
CA GLU B 314 -0.84 -34.76 3.99
C GLU B 314 -2.26 -35.28 4.14
N LYS B 315 -2.72 -36.09 3.19
CA LYS B 315 -4.08 -36.62 3.23
C LYS B 315 -4.11 -38.10 3.61
N GLY B 316 -3.11 -38.56 4.36
CA GLY B 316 -3.12 -39.93 4.86
C GLY B 316 -2.68 -40.98 3.86
N ILE B 317 -3.12 -40.84 2.61
CA ILE B 317 -2.80 -41.79 1.55
C ILE B 317 -1.30 -41.88 1.36
N CYS B 318 -0.77 -43.10 1.30
CA CYS B 318 0.67 -43.32 1.42
C CYS B 318 1.46 -42.83 0.22
N PHE B 319 2.49 -42.02 0.47
CA PHE B 319 3.41 -41.56 -0.56
C PHE B 319 4.85 -41.72 -0.06
N PHE B 320 5.46 -42.91 -0.19
CA PHE B 320 6.73 -43.14 0.52
C PHE B 320 7.97 -43.17 -0.36
N THR B 321 9.12 -43.43 0.27
CA THR B 321 10.44 -43.26 -0.34
C THR B 321 11.10 -44.63 -0.53
N ASP B 322 11.48 -44.89 -1.77
CA ASP B 322 12.22 -46.10 -2.11
C ASP B 322 13.71 -45.95 -1.82
N ILE B 323 14.29 -44.79 -2.12
CA ILE B 323 15.73 -44.56 -1.98
C ILE B 323 15.99 -43.22 -1.28
N LEU B 324 17.01 -43.20 -0.43
CA LEU B 324 17.31 -42.07 0.44
C LEU B 324 18.83 -42.01 0.69
N VAL B 325 19.49 -40.96 0.17
CA VAL B 325 20.94 -40.88 0.21
C VAL B 325 21.38 -40.14 1.47
N VAL B 326 22.67 -40.28 1.82
CA VAL B 326 23.39 -39.23 2.52
C VAL B 326 24.54 -38.84 1.60
N GLY B 327 24.37 -37.73 0.88
CA GLY B 327 25.25 -37.36 -0.21
C GLY B 327 26.70 -37.19 0.18
N GLU B 328 27.61 -37.77 -0.60
CA GLU B 328 29.03 -37.65 -0.29
C GLU B 328 29.50 -36.21 -0.51
N ASN B 329 30.50 -35.82 0.29
CA ASN B 329 31.09 -34.50 0.24
C ASN B 329 30.05 -33.40 0.45
N ARG B 330 28.91 -33.77 1.03
CA ARG B 330 27.87 -32.85 1.46
C ARG B 330 27.39 -31.93 0.34
N GLN B 331 27.25 -32.46 -0.88
CA GLN B 331 26.74 -31.71 -2.02
C GLN B 331 25.43 -32.36 -2.46
N THR B 332 24.42 -31.51 -2.69
CA THR B 332 23.04 -31.97 -2.91
C THR B 332 22.88 -32.72 -4.22
N PHE B 333 22.02 -33.75 -4.21
CA PHE B 333 21.76 -34.57 -5.37
C PHE B 333 20.91 -33.87 -6.42
N ASP B 334 19.97 -33.01 -6.03
CA ASP B 334 19.11 -32.29 -6.96
C ASP B 334 18.58 -31.04 -6.27
N LEU B 335 18.33 -29.99 -7.06
CA LEU B 335 18.03 -28.69 -6.49
C LEU B 335 16.55 -28.40 -6.72
N GLU B 336 16.09 -28.34 -7.97
CA GLU B 336 14.65 -28.19 -8.27
C GLU B 336 14.43 -28.72 -9.68
N GLY B 337 14.02 -29.99 -9.77
CA GLY B 337 13.67 -30.60 -11.03
C GLY B 337 14.81 -31.39 -11.62
N ASP B 338 14.83 -32.70 -11.38
CA ASP B 338 15.88 -33.55 -11.91
C ASP B 338 15.30 -34.89 -12.34
N SER B 339 14.04 -34.88 -12.78
CA SER B 339 13.22 -36.08 -12.93
C SER B 339 13.79 -37.00 -13.99
N GLY B 340 13.38 -38.27 -13.92
CA GLY B 340 13.71 -39.25 -14.93
C GLY B 340 15.16 -39.69 -14.98
N SER B 341 16.06 -39.02 -14.26
CA SER B 341 17.48 -39.35 -14.30
C SER B 341 17.67 -40.76 -13.77
N LEU B 342 18.30 -41.61 -14.58
CA LEU B 342 18.59 -42.98 -14.16
C LEU B 342 19.72 -43.00 -13.15
N ILE B 343 19.39 -43.17 -11.87
CA ILE B 343 20.40 -43.34 -10.84
C ILE B 343 21.18 -44.61 -11.16
N ILE B 344 22.50 -44.50 -11.21
CA ILE B 344 23.36 -45.53 -11.79
C ILE B 344 24.29 -46.02 -10.70
N LEU B 345 24.19 -47.31 -10.36
CA LEU B 345 25.14 -47.95 -9.46
C LEU B 345 26.52 -47.97 -10.11
N THR B 346 27.58 -47.77 -9.32
CA THR B 346 28.92 -47.72 -9.90
C THR B 346 29.37 -49.13 -10.26
N SER B 347 30.60 -49.26 -10.74
CA SER B 347 31.08 -50.52 -11.29
C SER B 347 31.82 -51.32 -10.22
N GLN B 348 31.71 -52.64 -10.33
CA GLN B 348 32.46 -53.59 -9.50
C GLN B 348 33.33 -54.41 -10.43
N ASP B 349 34.64 -54.13 -10.43
CA ASP B 349 35.60 -54.78 -11.30
C ASP B 349 35.27 -54.58 -12.77
N GLY B 350 34.97 -53.34 -13.16
CA GLY B 350 34.81 -52.98 -14.56
C GLY B 350 33.67 -53.64 -15.31
N GLU B 351 32.47 -53.65 -14.74
CA GLU B 351 31.31 -54.17 -15.45
C GLU B 351 30.31 -53.06 -15.72
N LYS B 352 29.19 -53.38 -16.37
CA LYS B 352 28.19 -52.41 -16.79
C LYS B 352 27.53 -51.77 -15.58
N PRO B 353 27.40 -50.44 -15.60
CA PRO B 353 26.76 -49.73 -14.48
C PRO B 353 25.24 -49.86 -14.48
N ARG B 354 24.73 -50.91 -13.85
CA ARG B 354 23.33 -51.30 -14.01
C ARG B 354 22.38 -50.23 -13.48
N PRO B 355 21.31 -49.89 -14.24
CA PRO B 355 20.43 -48.75 -13.88
C PRO B 355 19.32 -49.05 -12.86
N ILE B 356 19.59 -48.94 -11.56
CA ILE B 356 18.60 -49.35 -10.57
C ILE B 356 17.81 -48.20 -9.95
N GLY B 357 17.76 -47.05 -10.61
CA GLY B 357 17.04 -45.93 -10.03
C GLY B 357 16.49 -44.87 -10.97
N ILE B 358 15.45 -44.15 -10.52
CA ILE B 358 14.80 -43.07 -11.27
C ILE B 358 14.35 -42.00 -10.27
N ILE B 359 14.18 -40.76 -10.74
CA ILE B 359 13.93 -39.60 -9.88
C ILE B 359 12.45 -39.20 -9.81
N TRP B 360 11.86 -39.27 -8.61
CA TRP B 360 10.68 -38.48 -8.26
C TRP B 360 10.88 -37.44 -7.15
N GLY B 361 11.23 -37.92 -5.96
CA GLY B 361 11.04 -37.13 -4.75
C GLY B 361 12.13 -36.15 -4.40
N GLY B 362 11.88 -34.89 -4.72
CA GLY B 362 12.90 -33.86 -4.58
C GLY B 362 13.42 -33.67 -3.17
N THR B 363 14.73 -33.47 -3.04
CA THR B 363 15.31 -33.06 -1.78
C THR B 363 14.70 -31.73 -1.40
N ALA B 364 14.98 -30.70 -2.21
CA ALA B 364 14.30 -29.40 -2.31
C ALA B 364 13.32 -29.09 -1.19
N ASN B 365 12.09 -28.72 -1.58
CA ASN B 365 10.92 -28.48 -0.74
C ASN B 365 11.22 -28.38 0.75
N ARG B 366 11.16 -29.52 1.44
CA ARG B 366 11.31 -29.54 2.90
C ARG B 366 12.20 -30.69 3.39
N GLY B 367 12.90 -31.38 2.50
CA GLY B 367 13.63 -32.58 2.87
C GLY B 367 15.06 -32.37 3.35
N ARG B 368 15.24 -31.88 4.57
CA ARG B 368 16.57 -31.60 5.11
C ARG B 368 16.87 -32.58 6.25
N LEU B 369 17.68 -33.60 5.94
CA LEU B 369 18.16 -34.54 6.95
C LEU B 369 19.26 -33.94 7.84
N LYS B 370 18.93 -33.68 9.10
CA LYS B 370 19.93 -33.27 10.07
C LYS B 370 20.76 -34.45 10.54
N LEU B 371 22.08 -34.28 10.57
CA LEU B 371 22.97 -35.32 11.07
C LEU B 371 23.55 -34.86 12.41
N THR B 372 24.35 -35.70 13.06
CA THR B 372 24.87 -35.38 14.39
C THR B 372 26.21 -34.65 14.32
N SER B 373 27.11 -35.11 13.46
CA SER B 373 28.50 -34.65 13.49
C SER B 373 28.65 -33.20 13.05
N ASP B 374 28.72 -32.29 14.01
CA ASP B 374 29.10 -30.89 13.86
C ASP B 374 28.46 -30.22 12.64
N HIS B 375 27.26 -30.69 12.29
CA HIS B 375 26.44 -30.08 11.25
C HIS B 375 25.07 -30.75 11.27
N GLY B 376 24.23 -30.38 10.32
CA GLY B 376 22.91 -30.95 10.17
C GLY B 376 22.40 -30.88 8.76
N PRO B 377 21.11 -30.50 8.61
CA PRO B 377 20.39 -30.56 7.33
C PRO B 377 21.15 -30.98 6.08
N GLU B 378 21.40 -32.29 5.91
CA GLU B 378 21.82 -32.81 4.62
C GLU B 378 20.60 -33.06 3.75
N ASN B 379 20.78 -33.74 2.61
CA ASN B 379 19.73 -33.89 1.61
C ASN B 379 19.65 -35.34 1.15
N TRP B 380 18.45 -35.79 0.81
CA TRP B 380 18.20 -37.19 0.50
C TRP B 380 17.53 -37.34 -0.87
N THR B 381 17.84 -38.45 -1.53
CA THR B 381 17.50 -38.66 -2.94
C THR B 381 16.03 -38.77 -3.25
N SER B 382 15.80 -38.97 -4.53
CA SER B 382 14.48 -39.12 -5.15
C SER B 382 14.30 -40.48 -5.79
N GLY B 383 15.08 -41.48 -5.37
CA GLY B 383 15.18 -42.71 -6.14
C GLY B 383 13.97 -43.61 -6.01
N VAL B 384 13.74 -44.37 -7.08
CA VAL B 384 12.74 -45.41 -7.07
C VAL B 384 13.32 -46.65 -7.73
N ASP B 385 12.71 -47.79 -7.47
CA ASP B 385 13.15 -49.05 -8.04
C ASP B 385 12.66 -49.16 -9.48
N LEU B 386 13.53 -49.64 -10.37
CA LEU B 386 13.18 -49.72 -11.80
C LEU B 386 12.22 -50.86 -12.10
N GLY B 387 12.39 -51.99 -11.43
CA GLY B 387 11.52 -53.13 -11.66
C GLY B 387 10.09 -52.68 -11.50
N ARG B 388 9.87 -51.84 -10.50
CA ARG B 388 8.60 -51.17 -10.29
C ARG B 388 8.14 -50.38 -11.51
N LEU B 389 9.07 -49.81 -12.27
CA LEU B 389 8.65 -48.94 -13.36
C LEU B 389 8.52 -49.68 -14.68
N LEU B 390 9.14 -50.86 -14.81
CA LEU B 390 9.10 -51.61 -16.05
C LEU B 390 8.19 -52.82 -15.99
N ASP B 391 7.64 -53.18 -14.82
CA ASP B 391 6.73 -54.31 -14.76
C ASP B 391 5.28 -53.93 -14.51
N ARG B 392 4.99 -52.68 -14.14
CA ARG B 392 3.60 -52.25 -14.00
C ARG B 392 2.95 -51.94 -15.34
N LEU B 393 3.70 -51.39 -16.29
CA LEU B 393 3.28 -51.33 -17.68
C LEU B 393 3.87 -52.49 -18.48
N GLU B 394 4.59 -53.40 -17.81
CA GLU B 394 5.17 -54.59 -18.43
C GLU B 394 6.08 -54.21 -19.59
N LEU B 395 7.19 -53.60 -19.22
CA LEU B 395 8.13 -53.02 -20.18
C LEU B 395 9.49 -53.70 -20.09
N ASP B 396 10.45 -53.14 -20.82
CA ASP B 396 11.82 -53.62 -20.85
C ASP B 396 12.75 -52.43 -21.05
N ILE B 397 14.02 -52.61 -20.69
CA ILE B 397 15.01 -51.53 -20.80
C ILE B 397 15.87 -51.74 -22.05
N ILE B 398 15.99 -50.70 -22.87
CA ILE B 398 16.89 -50.75 -24.01
C ILE B 398 18.29 -50.34 -23.58
N ILE B 399 19.28 -51.17 -23.89
CA ILE B 399 20.62 -51.00 -23.36
C ILE B 399 21.67 -50.91 -24.46
N THR B 400 21.27 -51.09 -25.71
CA THR B 400 22.24 -51.18 -26.79
C THR B 400 21.65 -50.61 -28.07
N ASN B 401 22.53 -50.36 -29.05
CA ASN B 401 22.14 -49.83 -30.35
C ASN B 401 21.41 -50.84 -31.22
N GLU B 402 21.72 -52.13 -31.08
CA GLU B 402 21.08 -53.18 -31.85
C GLU B 402 19.60 -53.34 -31.52
N SER B 403 19.13 -52.72 -30.43
CA SER B 403 17.74 -52.72 -30.07
C SER B 403 16.97 -51.51 -30.60
N LEU B 404 17.66 -50.60 -31.31
CA LEU B 404 16.99 -49.53 -32.04
C LEU B 404 16.95 -49.84 -33.53
N GLN B 405 18.07 -50.23 -34.14
CA GLN B 405 18.08 -50.52 -35.57
C GLN B 405 17.17 -51.70 -35.91
N ASP B 406 17.19 -52.74 -35.08
CA ASP B 406 16.36 -53.91 -35.30
C ASP B 406 15.88 -54.49 -33.97
N GLN C 44 45.40 14.69 34.38
CA GLN C 44 44.42 14.08 33.47
C GLN C 44 43.33 13.36 34.25
N ALA C 45 42.52 12.59 33.53
CA ALA C 45 41.45 11.82 34.15
C ALA C 45 41.88 10.36 34.32
N ASN C 46 41.68 9.85 35.53
CA ASN C 46 42.17 8.51 35.85
C ASN C 46 41.23 7.72 36.75
N SER C 47 40.04 8.25 37.03
CA SER C 47 39.16 7.62 38.02
C SER C 47 37.73 7.64 37.52
N LEU C 48 36.88 6.84 38.17
CA LEU C 48 35.45 6.85 37.91
C LEU C 48 34.89 8.27 37.97
N LEU C 49 35.03 8.91 39.14
CA LEU C 49 34.46 10.24 39.33
C LEU C 49 35.09 11.25 38.38
N ASP C 50 36.41 11.19 38.19
CA ASP C 50 37.17 12.11 37.35
C ASP C 50 36.50 12.36 36.01
N LEU C 51 35.86 11.33 35.44
CA LEU C 51 35.17 11.48 34.17
C LEU C 51 33.66 11.50 34.31
N MET C 52 33.10 10.74 35.26
CA MET C 52 31.66 10.62 35.38
C MET C 52 31.01 11.87 35.96
N THR C 53 31.75 12.69 36.70
CA THR C 53 31.23 13.97 37.17
C THR C 53 31.46 15.09 36.18
N ILE C 54 32.47 14.98 35.31
CA ILE C 54 32.58 15.84 34.15
C ILE C 54 31.47 15.57 33.15
N ARG C 55 31.00 14.32 33.07
CA ARG C 55 29.90 13.95 32.19
C ARG C 55 28.69 14.88 32.38
N ALA C 56 28.27 15.07 33.63
CA ALA C 56 27.09 15.88 33.93
C ALA C 56 27.51 17.33 34.01
N PHE C 57 27.72 17.95 32.84
CA PHE C 57 28.14 19.34 32.76
C PHE C 57 28.05 19.85 31.33
N HIS C 58 29.15 19.72 30.58
CA HIS C 58 29.19 20.24 29.21
C HIS C 58 28.38 19.39 28.25
N SER C 59 27.85 18.26 28.73
CA SER C 59 27.19 17.26 27.89
C SER C 59 26.19 17.85 26.90
N LYS C 60 25.40 18.82 27.34
CA LYS C 60 24.37 19.38 26.47
C LYS C 60 24.94 20.06 25.22
N ILE C 61 26.15 20.63 25.31
CA ILE C 61 26.74 21.19 24.10
C ILE C 61 27.33 20.09 23.23
N LEU C 62 27.63 18.92 23.81
CA LEU C 62 28.09 17.77 23.04
C LEU C 62 26.94 17.17 22.26
N ARG C 63 25.76 17.10 22.86
CA ARG C 63 24.59 16.52 22.20
C ARG C 63 23.91 17.51 21.26
N ARG C 64 24.57 17.85 20.15
CA ARG C 64 23.94 18.61 19.07
C ARG C 64 23.76 17.75 17.84
N PHE C 65 24.84 17.17 17.31
CA PHE C 65 24.77 16.09 16.34
C PHE C 65 24.76 14.77 17.08
N SER C 66 25.11 13.67 16.41
CA SER C 66 24.88 12.31 16.90
C SER C 66 25.19 12.15 18.39
N LEU C 67 24.46 11.22 19.00
CA LEU C 67 24.14 11.18 20.43
C LEU C 67 25.22 10.54 21.31
N GLY C 68 26.33 10.07 20.74
CA GLY C 68 27.24 9.22 21.48
C GLY C 68 27.86 9.77 22.75
N THR C 69 27.40 9.30 23.90
CA THR C 69 28.05 9.58 25.19
C THR C 69 28.96 8.42 25.59
N ALA C 70 29.95 8.10 24.76
CA ALA C 70 30.85 6.97 25.01
C ALA C 70 32.05 7.46 25.79
N VAL C 71 32.17 7.03 27.04
CA VAL C 71 33.24 7.45 27.93
C VAL C 71 34.17 6.28 28.16
N GLY C 72 35.45 6.57 28.38
CA GLY C 72 36.38 5.57 28.87
C GLY C 72 37.76 5.55 28.24
N PHE C 73 37.85 5.75 26.92
CA PHE C 73 39.12 5.54 26.23
C PHE C 73 39.04 6.10 24.82
N ARG C 74 40.13 6.70 24.36
CA ARG C 74 40.20 7.27 23.02
C ARG C 74 40.66 6.20 22.03
N ILE C 75 39.81 5.90 21.05
CA ILE C 75 40.20 5.00 19.96
C ILE C 75 40.35 5.81 18.68
N ARG C 76 41.54 5.80 18.11
CA ARG C 76 41.83 6.45 16.83
C ARG C 76 42.61 5.47 15.97
N LYS C 77 42.43 5.58 14.64
CA LYS C 77 43.04 4.66 13.68
C LYS C 77 42.54 3.24 13.88
N GLY C 78 41.47 3.07 14.67
CA GLY C 78 40.91 1.76 14.94
C GLY C 78 41.61 0.98 16.03
N ASP C 79 42.57 1.60 16.71
CA ASP C 79 43.24 0.96 17.84
C ASP C 79 43.33 1.91 19.03
N LEU C 80 42.81 1.48 20.18
CA LEU C 80 42.77 2.33 21.36
C LEU C 80 44.17 2.61 21.90
N THR C 81 44.35 3.84 22.40
CA THR C 81 45.59 4.29 22.99
C THR C 81 45.30 4.91 24.36
N ASP C 82 46.35 5.03 25.17
CA ASP C 82 46.20 5.42 26.58
C ASP C 82 45.86 6.92 26.70
N ILE C 83 44.64 7.24 26.30
CA ILE C 83 44.10 8.60 26.43
C ILE C 83 42.67 8.51 26.93
N PRO C 84 42.40 8.87 28.20
CA PRO C 84 41.04 8.76 28.74
C PRO C 84 40.10 9.83 28.22
N ALA C 85 39.42 9.56 27.10
CA ALA C 85 38.62 10.57 26.43
C ALA C 85 37.13 10.32 26.65
N ILE C 86 36.28 11.14 26.03
CA ILE C 86 34.82 11.10 26.17
C ILE C 86 34.20 10.86 24.81
N LEU C 87 34.82 10.00 24.00
CA LEU C 87 34.50 9.81 22.59
C LEU C 87 33.01 9.94 22.30
N VAL C 88 32.69 10.78 21.32
CA VAL C 88 31.30 11.01 20.93
C VAL C 88 31.04 10.32 19.60
N PHE C 89 30.00 9.49 19.55
CA PHE C 89 29.65 8.75 18.35
C PHE C 89 29.16 9.69 17.27
N VAL C 90 29.37 9.30 16.01
CA VAL C 90 28.79 9.97 14.85
C VAL C 90 28.11 8.90 14.01
N ALA C 91 27.18 9.31 13.15
CA ALA C 91 26.55 8.34 12.25
C ALA C 91 27.15 8.44 10.86
N ARG C 92 27.63 9.64 10.51
CA ARG C 92 28.20 9.89 9.19
C ARG C 92 29.49 10.70 9.34
N LYS C 93 30.46 10.17 10.07
CA LYS C 93 31.62 10.92 10.54
C LYS C 93 32.44 11.53 9.41
N VAL C 94 32.33 12.84 9.25
CA VAL C 94 33.11 13.60 8.27
C VAL C 94 34.39 14.11 8.94
N HIS C 95 35.30 14.63 8.14
CA HIS C 95 36.64 14.99 8.63
C HIS C 95 36.70 16.50 8.87
N LYS C 96 35.80 16.99 9.73
CA LYS C 96 35.90 18.27 10.43
C LYS C 96 36.10 19.39 9.40
N LYS C 97 35.61 19.18 8.18
CA LYS C 97 35.67 20.23 7.16
C LYS C 97 34.28 20.68 6.74
N TRP C 98 33.40 19.72 6.47
CA TRP C 98 32.00 20.02 6.21
C TRP C 98 31.22 19.97 7.51
N LEU C 99 31.53 20.91 8.42
CA LEU C 99 30.93 20.94 9.74
C LEU C 99 30.86 22.38 10.20
N ASN C 100 29.71 22.78 10.75
CA ASN C 100 29.52 24.13 11.27
C ASN C 100 30.35 24.31 12.54
N PRO C 101 31.01 25.46 12.70
CA PRO C 101 31.96 25.64 13.81
C PRO C 101 31.38 25.33 15.19
N ALA C 102 30.10 25.65 15.39
CA ALA C 102 29.48 25.41 16.69
C ALA C 102 29.42 23.92 17.03
N GLN C 103 29.11 23.08 16.03
CA GLN C 103 28.90 21.66 16.31
C GLN C 103 30.19 20.84 16.24
N CYS C 104 31.28 21.40 15.71
CA CYS C 104 32.55 20.68 15.71
C CYS C 104 32.96 20.34 17.14
N LEU C 105 33.38 19.10 17.36
CA LEU C 105 33.74 18.61 18.69
C LEU C 105 34.94 19.37 19.24
N PRO C 106 34.78 20.03 20.39
CA PRO C 106 35.96 20.59 21.06
C PRO C 106 36.85 19.49 21.61
N ALA C 107 38.10 19.44 21.16
CA ALA C 107 38.98 18.32 21.44
C ALA C 107 39.40 18.27 22.91
N ILE C 108 39.30 19.39 23.61
CA ILE C 108 39.75 19.46 25.00
C ILE C 108 38.67 20.16 25.83
N LEU C 109 38.26 19.52 26.92
CA LEU C 109 37.26 20.07 27.83
C LEU C 109 37.79 20.05 29.25
N GLU C 110 37.11 20.78 30.12
CA GLU C 110 37.50 20.88 31.53
C GLU C 110 36.28 21.36 32.32
N GLY C 111 36.18 20.88 33.56
CA GLY C 111 35.06 21.21 34.41
C GLY C 111 35.47 21.49 35.84
N PRO C 112 34.74 20.92 36.80
CA PRO C 112 35.03 21.17 38.22
C PRO C 112 36.34 20.49 38.65
N GLY C 113 37.21 21.26 39.30
CA GLY C 113 38.36 20.70 39.98
C GLY C 113 39.72 21.02 39.42
N GLY C 114 39.88 20.95 38.10
CA GLY C 114 41.19 21.14 37.50
C GLY C 114 41.66 19.92 36.73
N VAL C 115 40.72 19.14 36.20
CA VAL C 115 41.02 17.92 35.45
C VAL C 115 40.46 18.10 34.04
N TRP C 116 41.28 17.82 33.04
CA TRP C 116 40.90 18.03 31.65
C TRP C 116 40.72 16.68 30.94
N CYS C 117 39.76 16.65 30.01
CA CYS C 117 39.43 15.45 29.25
C CYS C 117 40.07 15.44 27.88
N ASP C 118 39.62 14.51 27.02
CA ASP C 118 39.99 14.47 25.61
C ASP C 118 38.78 14.05 24.78
N VAL C 119 38.79 14.34 23.48
CA VAL C 119 37.66 14.04 22.61
C VAL C 119 38.13 13.46 21.28
N ASP C 120 37.43 12.44 20.78
CA ASP C 120 37.68 11.84 19.47
C ASP C 120 36.37 11.20 19.02
N VAL C 121 36.32 10.79 17.76
CA VAL C 121 35.07 10.41 17.12
C VAL C 121 35.03 8.91 16.84
N VAL C 122 33.83 8.34 16.96
CA VAL C 122 33.56 6.94 16.61
C VAL C 122 32.25 6.91 15.83
N GLU C 123 32.05 5.87 15.02
CA GLU C 123 30.79 5.69 14.31
C GLU C 123 29.81 4.89 15.15
N PHE C 124 28.54 4.93 14.78
CA PHE C 124 27.49 4.31 15.59
C PHE C 124 26.23 4.17 14.75
N SER C 125 25.32 3.31 15.22
CA SER C 125 24.00 3.13 14.62
C SER C 125 23.05 2.48 15.63
N TYR C 126 21.98 3.17 16.00
CA TYR C 126 21.02 2.63 16.95
C TYR C 126 19.71 2.26 16.25
N GLN C 137 23.63 -19.63 14.27
CA GLN C 137 23.53 -21.00 14.76
C GLN C 137 24.88 -21.69 14.63
N MET C 138 25.31 -22.38 15.68
CA MET C 138 26.49 -23.23 15.62
C MET C 138 26.12 -24.69 15.38
N PHE C 139 26.90 -25.33 14.53
CA PHE C 139 26.90 -26.78 14.39
C PHE C 139 28.13 -27.33 15.11
N SER C 140 27.99 -27.49 16.42
CA SER C 140 29.08 -27.87 17.30
C SER C 140 28.58 -28.77 18.42
N GLU C 141 29.48 -29.10 19.34
CA GLU C 141 29.13 -29.96 20.46
C GLU C 141 28.37 -29.18 21.54
N LEU C 142 28.96 -28.10 22.03
CA LEU C 142 28.41 -27.37 23.17
C LEU C 142 27.07 -26.73 22.87
N VAL C 143 26.85 -26.31 21.62
CA VAL C 143 25.56 -25.72 21.26
C VAL C 143 24.41 -26.70 21.41
N ASP C 144 24.59 -27.95 20.98
CA ASP C 144 23.60 -29.00 21.17
C ASP C 144 23.58 -29.55 22.59
N LYS C 145 24.71 -29.46 23.30
CA LYS C 145 24.85 -30.01 24.63
C LYS C 145 24.02 -29.28 25.69
N LEU C 146 23.99 -27.94 25.67
CA LEU C 146 23.37 -27.19 26.75
C LEU C 146 21.94 -26.79 26.39
N CYS C 147 21.32 -27.53 25.48
CA CYS C 147 19.90 -27.42 25.18
C CYS C 147 19.26 -28.78 24.99
N GLY C 148 19.51 -29.74 25.87
CA GLY C 148 19.34 -31.12 25.47
C GLY C 148 20.27 -32.10 26.16
N SER C 149 21.13 -32.73 25.38
CA SER C 149 21.72 -34.03 25.69
C SER C 149 22.53 -34.12 26.99
N ASP C 150 22.67 -33.03 27.73
CA ASP C 150 23.29 -33.10 29.05
C ASP C 150 22.24 -33.41 30.10
N GLU C 151 22.71 -33.93 31.23
CA GLU C 151 21.83 -34.29 32.33
C GLU C 151 21.53 -33.08 33.20
N CYS C 152 22.51 -32.20 33.35
CA CYS C 152 22.39 -31.05 34.23
C CYS C 152 22.36 -29.75 33.43
N ILE C 153 22.10 -28.65 34.14
CA ILE C 153 22.20 -27.32 33.56
C ILE C 153 23.42 -26.61 34.14
N GLY C 154 24.40 -26.30 33.28
CA GLY C 154 25.56 -25.57 33.75
C GLY C 154 25.86 -24.29 33.00
N SER C 155 25.67 -23.14 33.67
CA SER C 155 26.19 -21.83 33.27
C SER C 155 26.17 -21.58 31.76
N GLY C 156 24.98 -21.50 31.18
CA GLY C 156 24.83 -21.25 29.77
C GLY C 156 23.91 -22.22 29.06
N SER C 157 23.11 -22.95 29.84
CA SER C 157 22.11 -23.86 29.31
C SER C 157 20.90 -23.07 28.85
N GLN C 158 20.25 -23.53 27.78
CA GLN C 158 19.11 -22.83 27.22
C GLN C 158 17.92 -22.88 28.17
N VAL C 159 17.35 -21.70 28.44
CA VAL C 159 16.21 -21.58 29.34
C VAL C 159 15.04 -21.03 28.54
N ALA C 160 15.00 -21.38 27.25
CA ALA C 160 14.01 -20.84 26.32
C ALA C 160 12.59 -20.97 26.85
N SER C 161 11.94 -19.82 27.05
CA SER C 161 10.60 -19.78 27.62
C SER C 161 9.53 -19.99 26.54
N HIS C 162 8.31 -19.56 26.83
CA HIS C 162 7.17 -19.74 25.94
C HIS C 162 7.37 -19.09 24.57
N GLU C 163 8.26 -18.10 24.44
CA GLU C 163 8.35 -17.35 23.19
C GLU C 163 9.64 -17.60 22.44
N THR C 164 10.79 -17.42 23.08
CA THR C 164 12.06 -17.39 22.34
C THR C 164 13.16 -17.97 23.21
N PHE C 165 14.40 -17.72 22.78
CA PHE C 165 15.59 -18.35 23.34
C PHE C 165 15.90 -17.88 24.77
N GLY C 166 16.97 -18.40 25.34
CA GLY C 166 17.39 -18.01 26.68
C GLY C 166 18.75 -18.60 27.01
N THR C 167 19.20 -18.33 28.23
CA THR C 167 20.52 -18.80 28.66
C THR C 167 20.68 -18.79 30.18
N LEU C 168 21.18 -19.90 30.73
CA LEU C 168 21.59 -19.96 32.12
C LEU C 168 22.63 -18.89 32.43
N GLY C 169 22.34 -18.08 33.44
CA GLY C 169 23.22 -16.99 33.79
C GLY C 169 24.24 -17.33 34.85
N ALA C 170 23.78 -17.77 36.01
CA ALA C 170 24.65 -18.04 37.15
C ALA C 170 23.89 -18.83 38.21
N ILE C 171 24.64 -19.37 39.15
CA ILE C 171 24.06 -20.12 40.28
C ILE C 171 24.31 -19.26 41.51
N VAL C 172 23.23 -18.76 42.10
CA VAL C 172 23.32 -17.76 43.16
C VAL C 172 22.45 -18.18 44.34
N LYS C 173 22.76 -17.66 45.51
CA LYS C 173 21.99 -17.87 46.74
C LYS C 173 21.79 -16.53 47.42
N ARG C 174 20.61 -16.31 47.99
CA ARG C 174 20.26 -14.99 48.51
C ARG C 174 20.89 -14.77 49.89
N ARG C 175 20.46 -13.71 50.56
CA ARG C 175 21.04 -13.27 51.82
C ARG C 175 20.16 -13.52 53.04
N THR C 176 18.90 -13.10 53.01
CA THR C 176 18.10 -12.94 54.21
C THR C 176 16.86 -13.81 54.17
N GLY C 177 16.55 -14.45 55.30
CA GLY C 177 15.26 -15.05 55.55
C GLY C 177 15.03 -16.43 54.96
N ASN C 178 15.31 -16.61 53.68
CA ASN C 178 14.90 -17.85 53.02
C ASN C 178 16.03 -18.49 52.21
N LYS C 179 16.99 -17.67 51.77
CA LYS C 179 18.17 -18.17 51.04
C LYS C 179 17.79 -19.12 49.92
N GLN C 180 16.80 -18.75 49.12
CA GLN C 180 16.30 -19.60 48.05
C GLN C 180 17.30 -19.68 46.91
N VAL C 181 17.99 -20.82 46.80
CA VAL C 181 18.99 -21.02 45.77
C VAL C 181 18.29 -21.22 44.42
N GLY C 182 18.55 -20.32 43.48
CA GLY C 182 17.95 -20.39 42.17
C GLY C 182 18.73 -19.58 41.17
N PHE C 183 18.71 -20.03 39.92
CA PHE C 183 19.49 -19.38 38.87
C PHE C 183 18.88 -18.03 38.50
N LEU C 184 19.60 -17.31 37.65
CA LEU C 184 19.21 -15.96 37.25
C LEU C 184 19.35 -15.82 35.74
N THR C 185 18.47 -15.01 35.16
CA THR C 185 18.47 -14.74 33.72
C THR C 185 17.81 -13.38 33.49
N ASN C 186 17.81 -12.92 32.24
CA ASN C 186 17.40 -11.55 31.95
C ASN C 186 15.90 -11.33 32.15
N HIS C 187 15.43 -10.13 31.85
CA HIS C 187 14.11 -9.66 32.27
C HIS C 187 13.07 -9.74 31.15
N HIS C 188 13.49 -9.82 29.89
CA HIS C 188 12.53 -9.78 28.79
C HIS C 188 12.20 -11.17 28.26
N VAL C 189 13.00 -12.17 28.61
CA VAL C 189 12.70 -13.54 28.17
C VAL C 189 11.41 -14.04 28.78
N ALA C 190 11.22 -13.80 30.08
CA ALA C 190 10.07 -14.36 30.77
C ALA C 190 9.01 -13.30 31.06
N VAL C 191 9.41 -12.13 31.54
CA VAL C 191 8.45 -11.08 31.85
C VAL C 191 7.94 -10.51 30.53
N ASP C 192 6.77 -10.97 30.11
CA ASP C 192 6.23 -10.63 28.80
C ASP C 192 5.43 -9.32 28.87
N LEU C 193 4.92 -8.90 27.72
CA LEU C 193 4.03 -7.76 27.63
C LEU C 193 2.59 -8.13 27.91
N ASP C 194 2.30 -9.41 28.17
CA ASP C 194 0.97 -9.88 28.48
C ASP C 194 0.90 -10.69 29.77
N TYR C 195 2.02 -11.26 30.24
CA TYR C 195 2.04 -12.07 31.44
C TYR C 195 2.93 -11.44 32.51
N PRO C 196 2.38 -11.18 33.70
CA PRO C 196 3.23 -10.75 34.82
C PRO C 196 4.28 -11.78 35.23
N ASN C 197 4.01 -13.06 34.98
CA ASN C 197 4.97 -14.14 35.24
C ASN C 197 4.79 -15.19 34.16
N GLN C 198 5.85 -15.95 33.92
CA GLN C 198 5.90 -16.88 32.80
C GLN C 198 6.59 -18.17 33.21
N LYS C 199 6.15 -19.26 32.59
CA LYS C 199 6.75 -20.58 32.80
C LYS C 199 8.02 -20.70 31.98
N MET C 200 9.15 -20.89 32.67
CA MET C 200 10.46 -21.00 32.05
C MET C 200 10.94 -22.45 32.14
N PHE C 201 11.55 -23.02 31.10
CA PHE C 201 12.14 -24.38 31.25
C PHE C 201 12.97 -24.94 30.11
N HIS C 202 13.87 -25.89 30.42
CA HIS C 202 14.80 -26.55 29.47
C HIS C 202 14.18 -27.15 28.21
N PRO C 203 14.97 -27.29 27.15
CA PRO C 203 14.65 -26.87 25.79
C PRO C 203 13.32 -26.22 25.50
N LEU C 204 12.44 -26.80 24.72
CA LEU C 204 11.25 -26.06 24.34
C LEU C 204 10.09 -25.95 25.31
N PRO C 205 8.87 -25.71 24.83
CA PRO C 205 7.74 -25.55 25.77
C PRO C 205 6.82 -26.78 26.05
N PRO C 206 6.34 -27.05 27.32
CA PRO C 206 5.54 -28.20 26.86
C PRO C 206 4.80 -27.96 25.55
N ASN C 207 4.30 -26.74 25.35
CA ASN C 207 3.54 -26.43 24.14
C ASN C 207 4.37 -26.56 22.87
N LEU C 208 5.68 -26.35 22.95
CA LEU C 208 6.55 -26.41 21.78
C LEU C 208 7.49 -27.60 21.77
N GLY C 209 7.50 -28.41 22.83
CA GLY C 209 8.39 -29.55 22.91
C GLY C 209 8.12 -30.42 24.11
N PRO C 210 9.04 -31.35 24.39
CA PRO C 210 8.89 -32.22 25.57
C PRO C 210 9.15 -31.45 26.85
N GLY C 211 8.40 -30.35 27.04
CA GLY C 211 8.62 -29.44 28.16
C GLY C 211 9.84 -29.75 29.03
N VAL C 212 9.75 -29.41 30.34
CA VAL C 212 10.65 -29.65 31.53
C VAL C 212 10.44 -28.80 32.81
N TYR C 213 10.05 -27.52 32.69
CA TYR C 213 9.82 -26.51 33.81
C TYR C 213 10.85 -26.25 34.98
N LEU C 214 11.31 -25.00 35.09
CA LEU C 214 12.35 -24.62 36.05
C LEU C 214 12.19 -23.36 36.93
N GLY C 215 11.37 -22.43 36.50
CA GLY C 215 11.20 -21.12 37.12
C GLY C 215 10.00 -20.35 36.65
N ALA C 216 9.45 -19.56 37.57
CA ALA C 216 8.36 -18.62 37.32
C ALA C 216 8.79 -17.28 37.93
N VAL C 217 8.79 -16.23 37.12
CA VAL C 217 9.31 -14.93 37.54
C VAL C 217 8.50 -14.36 38.69
N GLU C 218 9.19 -13.97 39.77
CA GLU C 218 8.61 -13.12 40.79
C GLU C 218 9.30 -11.76 40.89
N ARG C 219 10.57 -11.69 40.49
CA ARG C 219 11.32 -10.44 40.57
C ARG C 219 11.49 -9.83 39.18
N ALA C 220 10.99 -8.61 39.02
CA ALA C 220 11.17 -7.86 37.78
C ALA C 220 11.44 -6.40 38.12
N THR C 221 12.72 -6.03 38.20
CA THR C 221 13.10 -4.71 38.68
C THR C 221 12.60 -3.62 37.73
N SER C 222 12.08 -2.55 38.31
CA SER C 222 11.59 -1.40 37.55
C SER C 222 12.69 -0.36 37.40
N PHE C 223 12.31 0.84 36.98
CA PHE C 223 13.23 1.98 36.84
C PHE C 223 14.05 2.13 38.12
N ILE C 224 15.38 2.12 37.97
CA ILE C 224 16.29 2.21 39.10
C ILE C 224 16.93 3.59 39.12
N THR C 225 17.09 4.15 40.32
CA THR C 225 17.63 5.50 40.49
C THR C 225 19.08 5.61 40.05
N ASP C 226 19.47 6.79 39.55
CA ASP C 226 20.80 7.06 39.02
C ASP C 226 21.87 6.96 40.11
N ASP C 227 21.65 7.65 41.24
CA ASP C 227 22.69 7.77 42.25
C ASP C 227 22.81 6.51 43.09
N VAL C 228 21.90 5.54 42.91
CA VAL C 228 22.04 4.26 43.59
C VAL C 228 22.75 3.25 42.68
N TRP C 229 22.63 3.46 41.36
CA TRP C 229 23.29 2.56 40.42
C TRP C 229 24.73 2.97 40.13
N TYR C 230 24.96 4.22 39.69
CA TYR C 230 26.30 4.70 39.42
C TYR C 230 26.88 5.52 40.56
N GLY C 231 26.11 5.80 41.59
CA GLY C 231 26.63 6.52 42.75
C GLY C 231 26.50 8.03 42.65
N ILE C 232 26.97 8.61 41.55
CA ILE C 232 27.00 10.06 41.41
C ILE C 232 26.13 10.50 40.25
N TYR C 233 26.02 11.82 40.06
CA TYR C 233 25.19 12.40 39.01
C TYR C 233 25.94 12.27 37.68
N ALA C 234 25.41 11.39 36.82
CA ALA C 234 26.00 11.13 35.51
C ALA C 234 25.24 11.80 34.38
N GLY C 235 23.96 12.12 34.57
CA GLY C 235 23.17 12.73 33.52
C GLY C 235 22.49 14.02 33.95
N THR C 236 22.72 15.10 33.20
CA THR C 236 22.08 16.37 33.48
C THR C 236 20.59 16.35 33.24
N ASN C 237 20.07 15.39 32.49
CA ASN C 237 18.63 15.26 32.28
C ASN C 237 17.98 14.77 33.57
N PRO C 238 16.91 15.42 34.06
CA PRO C 238 16.34 15.04 35.36
C PRO C 238 15.87 13.59 35.44
N GLU C 239 14.97 13.19 34.56
CA GLU C 239 14.41 11.84 34.59
C GLU C 239 15.48 10.81 34.27
N THR C 240 15.50 9.72 35.03
CA THR C 240 16.53 8.70 34.84
C THR C 240 16.03 7.36 35.36
N PHE C 241 15.96 6.37 34.46
CA PHE C 241 15.81 4.97 34.87
C PHE C 241 17.15 4.27 34.73
N VAL C 242 17.17 2.95 34.92
CA VAL C 242 18.35 2.16 34.61
C VAL C 242 17.92 0.90 33.88
N ARG C 243 18.59 0.60 32.75
CA ARG C 243 18.35 -0.64 32.01
C ARG C 243 19.07 -1.79 32.71
N ALA C 244 18.56 -2.10 33.91
CA ALA C 244 19.21 -3.03 34.84
C ALA C 244 18.49 -4.38 34.90
N ASP C 245 18.07 -4.90 33.74
CA ASP C 245 17.18 -6.05 33.66
C ASP C 245 17.48 -7.10 34.72
N GLY C 246 16.46 -7.43 35.50
CA GLY C 246 16.64 -8.21 36.72
C GLY C 246 16.95 -9.65 36.41
N ALA C 247 17.40 -10.36 37.45
CA ALA C 247 17.85 -11.73 37.31
C ALA C 247 17.77 -12.46 38.65
N PHE C 248 16.67 -13.20 38.85
CA PHE C 248 16.56 -14.14 39.96
C PHE C 248 15.34 -15.03 39.75
N ILE C 249 15.51 -16.35 39.85
CA ILE C 249 14.45 -17.29 39.47
C ILE C 249 14.43 -18.50 40.41
N PRO C 250 13.26 -18.98 40.81
CA PRO C 250 13.20 -20.19 41.65
C PRO C 250 13.60 -21.44 40.87
N PHE C 251 14.11 -22.44 41.59
CA PHE C 251 14.37 -23.75 40.99
C PHE C 251 13.25 -24.76 41.21
N ALA C 252 12.00 -24.40 40.92
CA ALA C 252 10.90 -25.36 40.78
C ALA C 252 10.86 -26.34 41.96
N ASP C 253 10.44 -25.82 43.10
CA ASP C 253 10.78 -26.33 44.44
C ASP C 253 11.02 -27.84 44.48
N ASP C 254 10.17 -28.63 43.83
CA ASP C 254 10.34 -30.08 43.82
C ASP C 254 11.16 -30.61 42.65
N PHE C 255 11.74 -29.74 41.82
CA PHE C 255 12.53 -30.21 40.68
C PHE C 255 13.83 -30.83 41.17
N ASP C 256 14.26 -31.90 40.49
CA ASP C 256 15.45 -32.64 40.88
C ASP C 256 16.68 -31.75 40.95
N ILE C 257 17.30 -31.65 42.13
CA ILE C 257 18.57 -30.95 42.26
C ILE C 257 19.57 -31.89 42.94
N SER C 258 20.25 -32.68 42.14
CA SER C 258 21.38 -33.49 42.61
C SER C 258 22.46 -33.53 41.55
N THR C 259 22.19 -32.92 40.40
CA THR C 259 23.09 -32.99 39.25
C THR C 259 23.57 -31.64 38.75
N VAL C 260 22.85 -30.55 39.07
CA VAL C 260 23.18 -29.22 38.56
C VAL C 260 24.56 -28.86 39.10
N THR C 261 25.53 -28.74 38.20
CA THR C 261 26.90 -28.47 38.59
C THR C 261 27.17 -26.97 38.65
N THR C 262 28.05 -26.58 39.57
CA THR C 262 28.44 -25.17 39.73
C THR C 262 29.71 -24.94 38.92
N VAL C 263 29.60 -25.12 37.61
CA VAL C 263 30.72 -24.95 36.69
C VAL C 263 30.18 -24.47 35.35
N VAL C 264 31.02 -23.82 34.56
CA VAL C 264 30.63 -23.33 33.24
C VAL C 264 31.23 -24.25 32.18
N ARG C 265 30.38 -24.68 31.24
CA ARG C 265 30.82 -25.56 30.15
C ARG C 265 31.53 -24.72 29.09
N GLY C 266 32.84 -24.89 29.04
CA GLY C 266 33.65 -24.19 28.06
C GLY C 266 34.83 -23.44 28.65
N VAL C 267 34.75 -23.12 29.94
CA VAL C 267 35.83 -22.38 30.61
C VAL C 267 36.32 -23.20 31.80
N GLY C 268 35.39 -23.62 32.67
CA GLY C 268 35.72 -24.41 33.84
C GLY C 268 35.39 -23.66 35.12
N ASP C 269 36.38 -23.57 36.00
CA ASP C 269 36.21 -22.93 37.29
C ASP C 269 36.41 -21.42 37.16
N ILE C 270 35.44 -20.65 37.65
CA ILE C 270 35.50 -19.19 37.67
C ILE C 270 35.41 -18.74 39.12
N GLY C 271 36.05 -17.61 39.43
CA GLY C 271 36.23 -17.20 40.81
C GLY C 271 35.05 -16.59 41.53
N ASP C 272 34.63 -15.40 41.10
CA ASP C 272 33.60 -14.63 41.78
C ASP C 272 33.25 -13.48 40.86
N VAL C 273 32.40 -12.58 41.35
CA VAL C 273 32.09 -11.38 40.59
C VAL C 273 33.08 -10.29 40.95
N LYS C 274 33.40 -9.43 39.99
CA LYS C 274 34.23 -8.26 40.21
C LYS C 274 33.34 -7.10 40.64
N VAL C 275 33.65 -6.51 41.79
CA VAL C 275 33.01 -5.25 42.15
C VAL C 275 33.69 -4.17 41.32
N ILE C 276 32.94 -3.57 40.40
CA ILE C 276 33.57 -2.67 39.45
C ILE C 276 33.90 -1.35 40.12
N ASP C 277 35.15 -0.92 39.94
CA ASP C 277 35.62 0.34 40.48
C ASP C 277 36.65 0.91 39.53
N LEU C 278 36.21 1.79 38.64
CA LEU C 278 37.13 2.55 37.79
C LEU C 278 37.64 3.80 38.48
N GLN C 279 37.40 3.94 39.79
CA GLN C 279 37.97 5.00 40.61
C GLN C 279 39.40 4.66 40.98
N CYS C 280 39.95 3.69 40.25
CA CYS C 280 41.33 3.22 40.26
C CYS C 280 41.80 3.38 38.81
N PRO C 281 43.04 3.04 38.48
CA PRO C 281 43.44 3.12 37.07
C PRO C 281 42.51 2.33 36.17
N LEU C 282 42.22 2.91 35.00
CA LEU C 282 41.16 2.40 34.13
C LEU C 282 41.54 1.07 33.47
N ASN C 283 42.78 0.63 33.69
CA ASN C 283 43.30 -0.58 33.05
C ASN C 283 42.61 -1.85 33.55
N SER C 284 41.60 -1.70 34.43
CA SER C 284 40.95 -2.86 35.01
C SER C 284 39.65 -3.23 34.31
N LEU C 285 39.08 -2.32 33.52
CA LEU C 285 37.83 -2.61 32.84
C LEU C 285 37.91 -2.21 31.37
N ILE C 286 38.83 -1.32 31.03
CA ILE C 286 38.96 -0.78 29.68
C ILE C 286 40.16 -1.46 29.02
N GLY C 287 39.96 -1.95 27.80
CA GLY C 287 40.99 -2.64 27.07
C GLY C 287 41.18 -4.09 27.45
N ARG C 288 40.32 -4.64 28.29
CA ARG C 288 40.46 -6.00 28.77
C ARG C 288 39.82 -6.99 27.80
N GLN C 289 40.35 -8.21 27.79
CA GLN C 289 39.83 -9.29 26.96
C GLN C 289 38.98 -10.22 27.81
N VAL C 290 37.86 -10.66 27.25
CA VAL C 290 36.89 -11.45 28.00
C VAL C 290 36.65 -12.78 27.30
N CYS C 291 35.92 -13.69 27.96
CA CYS C 291 35.66 -15.01 27.41
C CYS C 291 34.29 -15.49 27.88
N LYS C 292 33.31 -15.44 26.98
CA LYS C 292 31.94 -15.76 27.31
C LYS C 292 31.57 -17.12 26.74
N VAL C 293 30.48 -17.68 27.26
CA VAL C 293 29.91 -18.93 26.76
C VAL C 293 28.64 -18.55 26.00
N GLY C 294 28.46 -19.16 24.82
CA GLY C 294 27.33 -18.82 23.98
C GLY C 294 26.39 -19.97 23.67
N ARG C 295 25.09 -19.74 23.86
CA ARG C 295 24.08 -20.72 23.49
C ARG C 295 24.02 -20.89 21.97
N SER C 296 23.93 -19.77 21.24
CA SER C 296 23.82 -19.80 19.79
C SER C 296 25.00 -19.13 19.11
N SER C 297 25.99 -18.68 19.89
CA SER C 297 27.15 -17.99 19.34
C SER C 297 28.40 -18.83 19.57
N GLY C 298 28.48 -19.48 20.72
CA GLY C 298 29.59 -20.34 21.06
C GLY C 298 30.60 -19.65 21.96
N HIS C 299 31.84 -20.10 21.91
CA HIS C 299 32.91 -19.59 22.75
C HIS C 299 33.58 -18.48 21.94
N THR C 300 32.90 -17.34 21.86
CA THR C 300 33.40 -16.17 21.15
C THR C 300 33.94 -15.20 22.19
N THR C 301 35.23 -14.90 22.11
CA THR C 301 35.92 -14.09 23.10
C THR C 301 36.20 -12.72 22.52
N GLY C 302 35.68 -11.68 23.19
CA GLY C 302 35.80 -10.31 22.74
C GLY C 302 36.64 -9.46 23.66
N THR C 303 36.53 -8.15 23.51
CA THR C 303 37.24 -7.18 24.31
C THR C 303 36.29 -6.06 24.74
N VAL C 304 36.60 -5.43 25.88
CA VAL C 304 35.76 -4.38 26.44
C VAL C 304 36.28 -3.03 25.96
N MET C 305 35.42 -2.27 25.29
CA MET C 305 35.78 -0.94 24.83
C MET C 305 35.16 0.14 25.71
N ALA C 306 33.84 0.11 25.84
CA ALA C 306 33.10 1.24 26.41
C ALA C 306 32.56 0.98 27.81
N TYR C 307 31.78 1.94 28.30
CA TYR C 307 31.29 2.06 29.67
C TYR C 307 29.93 2.74 29.61
N ALA C 308 29.64 3.60 30.61
CA ALA C 308 28.35 4.23 30.89
C ALA C 308 27.60 4.77 29.68
N LEU C 309 28.14 4.51 28.47
CA LEU C 309 27.59 4.90 27.17
C LEU C 309 26.08 4.99 27.15
N GLU C 310 25.56 6.12 26.65
CA GLU C 310 24.13 6.34 26.57
C GLU C 310 23.67 6.42 25.12
N TYR C 311 22.36 6.28 24.93
CA TYR C 311 21.74 6.08 23.63
C TYR C 311 20.78 7.23 23.34
N ASN C 312 19.90 7.05 22.36
CA ASN C 312 18.73 7.93 22.25
C ASN C 312 17.58 7.11 21.66
N ASP C 313 16.71 6.61 22.54
CA ASP C 313 15.45 6.05 22.10
C ASP C 313 14.57 7.18 21.57
N GLU C 314 13.60 6.82 20.73
CA GLU C 314 12.87 7.74 19.87
C GLU C 314 12.55 9.09 20.51
N LYS C 315 11.89 9.10 21.67
CA LYS C 315 11.51 10.39 22.25
C LYS C 315 12.61 11.02 23.07
N GLY C 316 12.93 10.44 24.22
CA GLY C 316 13.99 10.98 25.07
C GLY C 316 14.72 9.96 25.92
N ILE C 317 14.43 8.67 25.71
CA ILE C 317 14.85 7.63 26.65
C ILE C 317 16.30 7.26 26.39
N CYS C 318 17.17 7.57 27.35
CA CYS C 318 18.58 7.20 27.26
C CYS C 318 19.22 7.24 28.64
N PHE C 319 19.38 6.09 29.30
CA PHE C 319 19.92 6.22 30.65
C PHE C 319 21.21 5.48 30.98
N PHE C 320 21.18 4.15 31.02
CA PHE C 320 22.16 3.43 31.83
C PHE C 320 22.65 2.09 31.29
N THR C 321 23.03 2.01 30.02
CA THR C 321 23.21 0.71 29.37
C THR C 321 24.51 0.00 29.79
N ASP C 322 25.18 0.50 30.83
CA ASP C 322 26.38 -0.13 31.39
C ASP C 322 27.43 -0.54 30.36
N ILE C 323 27.84 -1.81 30.40
CA ILE C 323 29.05 -2.25 29.71
C ILE C 323 28.81 -2.41 28.21
N LEU C 324 29.90 -2.36 27.45
CA LEU C 324 29.89 -2.60 26.01
C LEU C 324 31.17 -3.32 25.61
N VAL C 325 31.03 -4.44 24.90
CA VAL C 325 32.17 -5.22 24.43
C VAL C 325 31.98 -5.52 22.95
N VAL C 326 33.08 -5.86 22.27
CA VAL C 326 33.08 -6.19 20.86
C VAL C 326 33.89 -7.45 20.64
N GLY C 327 33.39 -8.31 19.75
CA GLY C 327 34.06 -9.57 19.44
C GLY C 327 35.38 -9.33 18.71
N GLU C 328 36.29 -10.28 18.87
CA GLU C 328 37.61 -10.17 18.28
C GLU C 328 37.66 -10.81 16.89
N ASN C 329 38.73 -10.49 16.16
CA ASN C 329 39.03 -11.10 14.87
C ASN C 329 37.90 -10.91 13.86
N ARG C 330 37.21 -9.77 13.96
CA ARG C 330 36.15 -9.39 13.03
C ARG C 330 35.06 -10.47 12.93
N GLN C 331 34.67 -11.00 14.10
CA GLN C 331 33.57 -11.95 14.17
C GLN C 331 32.57 -11.46 15.21
N THR C 332 31.30 -11.77 14.96
CA THR C 332 30.24 -11.31 15.83
C THR C 332 30.33 -11.96 17.21
N PHE C 333 30.15 -11.16 18.25
CA PHE C 333 30.25 -11.67 19.61
C PHE C 333 29.09 -12.60 19.95
N ASP C 334 27.87 -12.23 19.59
CA ASP C 334 26.69 -13.02 19.90
C ASP C 334 25.58 -12.69 18.91
N LEU C 335 24.56 -13.54 18.88
CA LEU C 335 23.41 -13.36 18.01
C LEU C 335 22.15 -13.41 18.87
N GLU C 336 21.00 -13.51 18.22
CA GLU C 336 19.72 -13.42 18.90
C GLU C 336 19.58 -14.49 19.99
N GLY C 337 18.97 -14.10 21.11
CA GLY C 337 18.70 -15.01 22.20
C GLY C 337 19.92 -15.55 22.93
N ASP C 338 20.90 -14.67 23.16
CA ASP C 338 22.09 -15.04 23.94
C ASP C 338 22.17 -14.22 25.23
N SER C 339 21.04 -13.67 25.66
CA SER C 339 21.01 -12.86 26.87
C SER C 339 21.17 -13.73 28.10
N GLY C 340 21.83 -13.17 29.12
CA GLY C 340 22.00 -13.84 30.38
C GLY C 340 23.37 -14.48 30.57
N SER C 341 24.07 -14.76 29.46
CA SER C 341 25.36 -15.40 29.55
C SER C 341 26.40 -14.43 30.10
N LEU C 342 27.18 -14.90 31.07
CA LEU C 342 28.25 -14.08 31.64
C LEU C 342 29.35 -13.90 30.59
N ILE C 343 30.22 -12.91 30.83
CA ILE C 343 31.21 -12.52 29.83
C ILE C 343 32.61 -12.90 30.31
N ILE C 344 32.83 -12.92 31.62
CA ILE C 344 34.05 -13.41 32.27
C ILE C 344 35.31 -12.68 31.82
N LEU C 345 35.94 -11.94 32.74
CA LEU C 345 37.29 -11.43 32.52
C LEU C 345 38.22 -12.63 32.36
N THR C 346 39.14 -12.54 31.41
CA THR C 346 40.03 -13.65 31.09
C THR C 346 40.88 -14.06 32.27
N SER C 347 41.33 -15.31 32.28
CA SER C 347 42.19 -15.83 33.35
C SER C 347 43.54 -15.13 33.32
N GLN C 348 43.82 -14.28 34.30
CA GLN C 348 45.03 -13.48 34.33
C GLN C 348 46.16 -14.27 34.96
N ASP C 349 46.95 -14.94 34.13
CA ASP C 349 48.16 -15.64 34.56
C ASP C 349 47.88 -16.66 35.66
N GLY C 350 47.07 -17.67 35.36
CA GLY C 350 46.81 -18.73 36.31
C GLY C 350 45.65 -18.48 37.25
N GLU C 351 45.49 -17.23 37.70
CA GLU C 351 44.39 -16.89 38.61
C GLU C 351 43.04 -17.18 37.97
N LYS C 352 42.19 -17.87 38.71
CA LYS C 352 40.91 -18.39 38.24
C LYS C 352 39.94 -17.25 37.91
N PRO C 353 39.34 -17.28 36.72
CA PRO C 353 38.73 -16.08 36.14
C PRO C 353 37.48 -15.62 36.88
N ARG C 354 37.03 -14.41 36.55
CA ARG C 354 35.90 -13.76 37.19
C ARG C 354 35.05 -13.01 36.16
N PRO C 355 33.72 -13.11 36.24
CA PRO C 355 32.85 -12.34 35.33
C PRO C 355 32.39 -11.00 35.91
N ILE C 356 31.85 -10.14 35.04
CA ILE C 356 31.23 -8.88 35.46
C ILE C 356 29.81 -8.75 34.91
N GLY C 357 29.67 -8.84 33.59
CA GLY C 357 28.45 -8.40 32.93
C GLY C 357 27.51 -9.53 32.55
N ILE C 358 26.26 -9.14 32.29
CA ILE C 358 25.23 -10.03 31.79
C ILE C 358 24.69 -9.43 30.49
N ILE C 359 24.62 -10.24 29.43
CA ILE C 359 24.19 -9.76 28.12
C ILE C 359 22.81 -9.13 28.21
N TRP C 360 22.73 -7.84 27.88
CA TRP C 360 21.49 -7.08 27.92
C TRP C 360 20.44 -7.57 26.93
N GLY C 361 20.85 -7.92 25.71
CA GLY C 361 19.91 -8.39 24.71
C GLY C 361 20.53 -8.48 23.33
N GLY C 362 19.80 -9.08 22.38
CA GLY C 362 20.30 -9.18 21.03
C GLY C 362 20.42 -7.83 20.35
N THR C 363 21.65 -7.36 20.18
CA THR C 363 21.92 -6.06 19.60
C THR C 363 22.31 -6.12 18.13
N ALA C 364 22.27 -7.32 17.53
CA ALA C 364 22.57 -7.44 16.10
C ALA C 364 21.55 -6.65 15.27
N ASN C 365 20.28 -6.73 15.64
CA ASN C 365 19.24 -5.93 15.00
C ASN C 365 19.26 -4.48 15.44
N ARG C 366 19.92 -4.16 16.56
CA ARG C 366 19.95 -2.80 17.06
C ARG C 366 20.86 -1.92 16.20
N GLY C 367 22.03 -2.43 15.85
CA GLY C 367 22.98 -1.70 15.04
C GLY C 367 24.42 -2.06 15.38
N ARG C 368 25.34 -1.59 14.54
CA ARG C 368 26.76 -1.83 14.70
C ARG C 368 27.53 -0.51 14.63
N LEU C 369 28.82 -0.56 14.96
CA LEU C 369 29.70 0.60 14.91
C LEU C 369 30.88 0.25 13.99
N LYS C 370 31.23 1.19 13.11
CA LYS C 370 32.31 0.96 12.17
C LYS C 370 33.61 1.58 12.67
N LEU C 371 34.72 0.87 12.45
CA LEU C 371 36.02 1.36 12.89
C LEU C 371 36.89 1.76 11.69
N THR C 372 36.30 1.75 10.49
CA THR C 372 36.90 2.28 9.28
C THR C 372 38.22 1.60 8.91
N SER C 373 38.47 0.40 9.44
CA SER C 373 39.72 -0.30 9.17
C SER C 373 39.61 -1.15 7.91
N ASP C 374 39.19 -0.55 6.80
CA ASP C 374 39.08 -1.23 5.50
C ASP C 374 38.08 -2.39 5.55
N HIS C 375 37.21 -2.37 6.56
CA HIS C 375 36.15 -3.37 6.67
C HIS C 375 34.87 -2.74 7.21
N GLY C 376 33.75 -3.45 7.10
CA GLY C 376 32.47 -2.92 7.49
C GLY C 376 32.28 -2.82 8.99
N PRO C 377 31.12 -2.31 9.40
CA PRO C 377 30.84 -2.16 10.85
C PRO C 377 30.92 -3.47 11.62
N GLU C 378 31.36 -3.39 12.86
CA GLU C 378 31.44 -4.54 13.76
C GLU C 378 30.32 -4.45 14.79
N ASN C 379 29.65 -5.58 15.01
CA ASN C 379 28.54 -5.68 15.94
C ASN C 379 29.03 -5.46 17.37
N TRP C 380 28.25 -4.72 18.15
CA TRP C 380 28.50 -4.54 19.56
C TRP C 380 27.36 -5.19 20.34
N THR C 381 27.63 -5.57 21.59
CA THR C 381 26.61 -6.14 22.46
C THR C 381 26.67 -5.42 23.80
N SER C 382 25.53 -4.86 24.20
CA SER C 382 25.42 -4.20 25.49
C SER C 382 25.25 -5.23 26.61
N GLY C 383 25.71 -4.86 27.81
CA GLY C 383 25.57 -5.73 28.96
C GLY C 383 25.30 -4.96 30.24
N VAL C 384 25.06 -5.70 31.34
CA VAL C 384 24.84 -5.08 32.64
C VAL C 384 25.72 -5.77 33.66
N ASP C 385 26.50 -4.99 34.41
CA ASP C 385 27.41 -5.53 35.41
C ASP C 385 26.65 -6.17 36.56
N LEU C 386 27.27 -7.15 37.21
CA LEU C 386 26.68 -7.82 38.37
C LEU C 386 27.26 -7.31 39.68
N GLY C 387 28.35 -6.55 39.62
CA GLY C 387 29.02 -6.04 40.81
C GLY C 387 28.12 -5.24 41.73
N ARG C 388 27.28 -4.36 41.16
CA ARG C 388 26.30 -3.65 41.97
C ARG C 388 24.93 -4.28 41.88
N LEU C 389 24.71 -5.12 40.85
CA LEU C 389 23.42 -5.80 40.72
C LEU C 389 23.22 -6.80 41.86
N LEU C 390 24.31 -7.38 42.35
CA LEU C 390 24.22 -8.37 43.42
C LEU C 390 23.65 -7.74 44.69
N ASP C 391 23.89 -6.45 44.91
CA ASP C 391 23.28 -5.73 46.01
C ASP C 391 21.97 -5.06 45.62
N ARG C 392 21.79 -4.73 44.34
CA ARG C 392 20.53 -4.16 43.88
C ARG C 392 19.39 -5.14 44.09
N LEU C 393 19.59 -6.39 43.68
CA LEU C 393 18.72 -7.51 44.04
C LEU C 393 19.58 -8.42 44.89
N GLU C 394 19.29 -8.48 46.20
CA GLU C 394 20.15 -9.17 47.15
C GLU C 394 20.39 -10.62 46.78
N LEU C 395 21.60 -10.94 46.35
CA LEU C 395 21.97 -12.30 45.95
C LEU C 395 23.40 -12.56 46.43
N ASP C 396 23.95 -13.71 46.06
CA ASP C 396 25.36 -14.02 46.29
C ASP C 396 25.77 -15.14 45.34
N ILE C 397 26.68 -14.85 44.42
CA ILE C 397 27.10 -15.85 43.45
C ILE C 397 27.90 -16.93 44.16
N ILE C 398 27.60 -18.18 43.85
CA ILE C 398 28.29 -19.34 44.42
C ILE C 398 28.82 -20.17 43.25
N ILE C 399 30.09 -20.53 43.35
CA ILE C 399 30.76 -21.31 42.30
C ILE C 399 31.44 -22.48 43.00
N THR C 400 31.08 -22.69 44.27
CA THR C 400 31.66 -23.73 45.12
C THR C 400 30.75 -24.95 45.06
N ASN C 401 31.21 -25.99 44.37
CA ASN C 401 30.39 -27.19 44.20
C ASN C 401 30.18 -27.92 45.53
N GLU C 402 31.23 -27.97 46.37
CA GLU C 402 31.14 -28.71 47.62
C GLU C 402 30.26 -28.03 48.66
N SER C 403 29.82 -26.79 48.42
CA SER C 403 28.95 -26.09 49.35
C SER C 403 27.71 -25.54 48.68
N LEU C 404 27.18 -26.22 47.67
CA LEU C 404 26.01 -25.74 46.94
C LEU C 404 24.76 -25.80 47.82
N GLN C 405 24.54 -26.92 48.49
CA GLN C 405 23.33 -27.13 49.28
C GLN C 405 23.52 -26.77 50.75
N ASP C 406 24.66 -26.21 51.13
CA ASP C 406 24.91 -25.82 52.52
C ASP C 406 23.94 -24.74 52.96
N SER D 1 14.42 17.58 -32.87
CA SER D 1 14.86 17.95 -31.52
C SER D 1 15.29 16.75 -30.71
N ALA D 2 14.89 16.68 -29.48
CA ALA D 2 15.34 15.71 -28.59
C ALA D 2 14.38 15.82 -27.40
N ALA D 3 14.94 16.20 -26.27
CA ALA D 3 14.24 16.64 -25.13
C ALA D 3 15.06 17.96 -24.89
N TYR D 4 15.22 18.27 -23.56
CA TYR D 4 15.94 19.40 -22.87
C TYR D 4 15.98 19.60 -21.49
N PHE D 5 14.95 20.14 -20.81
CA PHE D 5 14.82 20.19 -19.26
C PHE D 5 15.50 21.13 -18.18
N LEU D 6 15.71 22.41 -18.45
CA LEU D 6 16.30 23.49 -17.65
C LEU D 6 15.66 24.29 -16.59
N TRP D 7 16.43 24.38 -15.53
CA TRP D 7 16.12 25.00 -14.23
C TRP D 7 14.95 24.35 -13.54
N PRO D 8 15.22 23.71 -12.41
CA PRO D 8 14.08 23.23 -11.62
C PRO D 8 13.66 24.37 -10.56
N THR D 9 13.17 24.10 -9.30
CA THR D 9 13.05 25.18 -8.25
C THR D 9 14.56 25.16 -7.72
N SER D 10 15.35 26.14 -8.19
CA SER D 10 16.75 26.24 -7.78
C SER D 10 17.80 26.94 -8.68
N ASN D 11 17.76 28.27 -8.75
CA ASN D 11 18.81 29.10 -9.50
C ASN D 11 18.62 30.64 -9.56
N LEU D 12 19.61 31.45 -9.14
CA LEU D 12 19.57 32.95 -9.05
C LEU D 12 19.85 33.42 -7.60
N GLN D 13 21.00 33.04 -6.99
CA GLN D 13 21.26 33.31 -5.49
C GLN D 13 22.01 34.58 -4.89
N HIS D 14 23.32 34.63 -4.66
CA HIS D 14 23.94 35.83 -3.98
C HIS D 14 23.70 37.19 -4.57
N CYS D 15 24.63 37.70 -5.33
CA CYS D 15 24.51 39.04 -5.96
C CYS D 15 23.12 39.71 -5.94
N ALA D 16 22.08 39.00 -6.35
CA ALA D 16 20.75 39.58 -6.39
C ALA D 16 20.12 39.46 -5.03
N ALA D 17 20.23 38.33 -4.38
CA ALA D 17 19.72 38.19 -3.03
C ALA D 17 20.40 39.09 -2.05
N GLU D 18 20.68 40.30 -2.45
CA GLU D 18 21.28 41.27 -1.57
C GLU D 18 21.20 42.50 -2.38
N GLY D 19 20.47 42.42 -3.49
CA GLY D 19 20.19 43.62 -4.24
C GLY D 19 18.71 43.74 -3.92
N ARG D 20 18.20 42.93 -2.97
CA ARG D 20 16.77 42.94 -2.55
C ARG D 20 16.68 43.40 -1.16
N ALA D 21 17.82 43.57 -0.53
CA ALA D 21 17.84 43.96 0.83
C ALA D 21 18.45 45.32 0.84
N ASN D 22 18.42 45.91 -0.32
CA ASN D 22 18.96 47.23 -0.43
C ASN D 22 17.79 48.17 -0.62
N TYR D 23 17.00 47.97 -1.66
CA TYR D 23 15.82 48.75 -1.87
C TYR D 23 14.88 48.68 -0.67
N PHE D 24 14.96 47.63 0.18
CA PHE D 24 14.05 47.44 1.33
C PHE D 24 14.63 47.75 2.69
N GLY D 25 15.53 48.70 2.76
CA GLY D 25 16.10 49.12 4.03
C GLY D 25 15.28 50.31 4.47
N ASN D 26 14.19 50.60 3.76
CA ASN D 26 13.37 51.76 4.09
C ASN D 26 11.82 51.57 4.23
N LEU D 27 11.27 50.38 4.53
CA LEU D 27 9.81 50.24 4.77
C LEU D 27 9.50 50.92 6.07
N GLN D 28 10.13 52.06 6.33
CA GLN D 28 9.98 52.79 7.57
C GLN D 28 10.95 53.96 7.62
N LYS D 29 11.91 53.99 6.71
CA LYS D 29 12.91 55.07 6.65
C LYS D 29 12.35 56.35 6.07
N GLY D 30 11.18 56.27 5.42
CA GLY D 30 10.54 57.43 4.87
C GLY D 30 9.15 57.67 5.41
N LEU D 31 9.04 58.40 6.54
CA LEU D 31 7.73 58.74 7.14
C LEU D 31 7.82 59.34 8.55
N LEU D 32 6.70 59.38 9.25
CA LEU D 32 6.68 59.87 10.63
C LEU D 32 5.97 58.80 11.44
N PRO D 33 6.71 57.99 12.20
CA PRO D 33 6.14 56.88 12.99
C PRO D 33 4.73 57.08 13.56
N ARG D 34 3.91 56.03 13.54
CA ARG D 34 2.55 56.07 14.10
C ARG D 34 2.04 57.41 14.60
N HIS D 35 1.31 58.14 13.75
CA HIS D 35 0.72 59.41 14.19
C HIS D 35 -0.80 59.29 14.15
N PRO D 36 -1.36 58.45 15.01
CA PRO D 36 -2.81 58.22 14.94
C PRO D 36 -3.64 59.49 15.07
N GLY D 37 -4.85 59.46 14.54
CA GLY D 37 -5.72 60.62 14.59
C GLY D 37 -6.26 61.04 13.24
N ARG D 38 -5.43 61.00 12.21
CA ARG D 38 -5.87 61.46 10.90
C ARG D 38 -5.54 60.49 9.78
N LEU D 39 -5.31 61.02 8.57
CA LEU D 39 -5.02 60.17 7.42
C LEU D 39 -3.70 60.58 6.87
N PRO D 40 -2.64 59.84 7.22
CA PRO D 40 -1.30 60.25 6.82
C PRO D 40 -1.29 61.19 5.62
N LYS D 41 -1.49 62.49 5.85
CA LYS D 41 -1.44 63.48 4.77
C LYS D 41 -1.01 62.83 3.49
N GLY D 42 0.29 62.74 3.26
CA GLY D 42 0.82 62.08 2.08
C GLY D 42 -0.33 61.75 1.20
N GLN D 43 -0.93 60.58 1.39
CA GLN D 43 -2.13 60.28 0.64
C GLN D 43 -2.66 58.94 0.99
N GLN D 44 -2.92 58.17 -0.04
CA GLN D 44 -3.51 56.90 0.23
C GLN D 44 -3.27 55.96 -0.91
N ALA D 45 -3.15 54.68 -0.61
CA ALA D 45 -2.95 53.67 -1.62
C ALA D 45 -3.94 53.73 -2.77
N ASN D 46 -3.59 54.31 -3.90
CA ASN D 46 -4.58 54.30 -4.97
C ASN D 46 -4.16 53.42 -6.12
N SER D 47 -3.83 52.16 -5.85
CA SER D 47 -3.49 51.19 -6.90
C SER D 47 -3.28 49.82 -6.28
N LEU D 48 -2.57 48.95 -6.95
CA LEU D 48 -2.26 47.71 -6.31
C LEU D 48 -0.77 47.60 -6.33
N LEU D 49 -0.11 48.70 -6.60
CA LEU D 49 1.32 48.69 -6.51
C LEU D 49 1.37 49.60 -5.38
N ASP D 50 0.73 50.74 -5.54
CA ASP D 50 0.65 51.65 -4.49
C ASP D 50 0.47 50.84 -3.24
N LEU D 51 -0.33 49.76 -3.25
CA LEU D 51 -0.66 48.96 -2.02
C LEU D 51 0.02 47.62 -2.04
N MET D 52 1.01 47.49 -2.91
CA MET D 52 1.78 46.29 -3.03
C MET D 52 2.99 46.58 -2.23
N THR D 53 3.34 47.85 -2.11
CA THR D 53 4.45 48.24 -1.33
C THR D 53 3.88 48.79 -0.10
N ILE D 54 3.34 47.92 0.75
CA ILE D 54 2.79 48.29 2.09
C ILE D 54 2.31 47.04 2.89
N ARG D 55 2.40 45.84 2.34
CA ARG D 55 2.08 44.62 3.04
C ARG D 55 3.34 44.13 2.68
N ALA D 56 3.81 44.58 1.54
CA ALA D 56 5.14 44.28 1.20
C ALA D 56 5.59 44.89 2.46
N PHE D 57 4.94 46.03 2.87
CA PHE D 57 5.29 46.80 4.08
C PHE D 57 5.55 46.06 5.36
N HIS D 58 5.39 46.74 6.48
CA HIS D 58 5.60 46.13 7.77
C HIS D 58 5.24 44.71 7.59
N SER D 59 6.18 43.91 7.16
CA SER D 59 5.81 42.57 6.83
C SER D 59 6.09 41.67 7.98
N LYS D 60 7.05 42.00 8.84
CA LYS D 60 7.29 41.21 10.05
C LYS D 60 6.02 41.17 10.90
N ILE D 61 5.47 42.33 11.25
CA ILE D 61 4.21 42.41 11.96
C ILE D 61 3.12 41.60 11.27
N LEU D 62 2.83 41.90 10.01
CA LEU D 62 1.77 41.21 9.27
C LEU D 62 2.06 39.75 9.10
N ARG D 63 3.23 39.42 8.60
CA ARG D 63 3.61 38.03 8.41
C ARG D 63 3.73 37.35 9.75
N ARG D 64 3.67 38.10 10.85
CA ARG D 64 3.71 37.53 12.22
C ARG D 64 2.45 36.80 12.58
N PHE D 65 1.34 37.51 12.52
CA PHE D 65 0.07 36.88 12.75
C PHE D 65 -0.69 36.79 11.43
N SER D 66 -0.62 35.66 10.75
CA SER D 66 -1.31 35.60 9.53
C SER D 66 -1.38 34.24 8.88
N LEU D 67 -1.19 34.17 7.55
CA LEU D 67 -1.25 32.93 6.74
C LEU D 67 -1.35 33.37 5.31
N GLY D 68 -1.44 34.66 5.09
CA GLY D 68 -1.42 35.09 3.75
C GLY D 68 -1.97 36.41 3.40
N THR D 69 -1.37 37.47 3.83
CA THR D 69 -1.83 38.74 3.34
C THR D 69 -2.10 38.76 1.81
N ALA D 70 -3.06 39.54 1.31
CA ALA D 70 -3.36 39.68 -0.10
C ALA D 70 -3.56 41.11 -0.26
N VAL D 71 -4.42 41.52 -1.15
CA VAL D 71 -4.56 42.95 -1.43
C VAL D 71 -5.78 43.31 -2.23
N GLY D 72 -6.90 43.46 -1.57
CA GLY D 72 -8.13 43.80 -2.23
C GLY D 72 -8.77 45.14 -1.89
N PHE D 73 -10.03 45.15 -1.42
CA PHE D 73 -10.73 46.37 -1.07
C PHE D 73 -11.13 46.17 0.35
N ARG D 74 -11.19 47.20 1.17
CA ARG D 74 -11.69 46.98 2.53
C ARG D 74 -12.96 46.14 2.44
N ILE D 75 -12.95 44.93 2.97
CA ILE D 75 -14.16 44.19 2.98
C ILE D 75 -14.72 44.58 4.28
N ARG D 76 -16.03 44.80 4.34
CA ARG D 76 -16.70 45.15 5.60
C ARG D 76 -18.16 44.74 5.65
N LYS D 77 -18.66 44.40 6.84
CA LYS D 77 -20.04 43.94 6.99
C LYS D 77 -20.30 42.69 6.15
N GLY D 78 -19.97 42.71 4.86
CA GLY D 78 -20.14 41.54 4.01
C GLY D 78 -20.08 41.76 2.54
N ASP D 79 -19.60 42.91 2.13
CA ASP D 79 -19.59 43.23 0.74
C ASP D 79 -18.53 44.22 0.42
N LEU D 80 -17.70 43.86 -0.52
CA LEU D 80 -16.62 44.71 -0.85
C LEU D 80 -16.97 46.16 -0.74
N THR D 81 -16.21 46.91 0.04
CA THR D 81 -16.41 48.35 0.10
C THR D 81 -15.35 48.89 -0.76
N ASP D 82 -15.43 50.16 -1.09
CA ASP D 82 -14.46 50.74 -2.01
C ASP D 82 -13.38 51.60 -1.33
N ILE D 83 -12.43 50.96 -0.64
CA ILE D 83 -11.34 51.67 0.00
C ILE D 83 -10.21 50.67 0.00
N PRO D 84 -9.11 50.97 -0.66
CA PRO D 84 -8.05 49.97 -0.76
C PRO D 84 -7.64 49.33 0.53
N ALA D 85 -7.03 48.17 0.47
CA ALA D 85 -6.75 47.51 1.73
C ALA D 85 -5.75 46.32 1.77
N ILE D 86 -5.55 45.70 2.95
CA ILE D 86 -4.56 44.60 3.12
C ILE D 86 -5.06 43.46 3.93
N LEU D 87 -5.75 42.59 3.29
CA LEU D 87 -6.33 41.52 3.99
C LEU D 87 -5.40 40.60 4.69
N VAL D 88 -5.06 40.93 5.91
CA VAL D 88 -4.23 40.08 6.77
C VAL D 88 -4.99 38.84 7.03
N PHE D 89 -5.41 38.18 5.98
CA PHE D 89 -6.21 37.00 6.13
C PHE D 89 -5.77 36.18 7.27
N VAL D 90 -6.71 35.53 7.92
CA VAL D 90 -6.41 34.78 9.14
C VAL D 90 -6.99 33.40 9.31
N ALA D 91 -6.92 32.90 10.52
CA ALA D 91 -7.38 31.57 10.80
C ALA D 91 -8.75 31.69 11.30
N ARG D 92 -9.05 32.75 12.03
CA ARG D 92 -10.42 32.99 12.46
C ARG D 92 -10.53 34.33 13.14
N LYS D 93 -11.21 35.29 12.53
CA LYS D 93 -11.32 36.64 13.06
C LYS D 93 -11.62 36.66 14.56
N VAL D 94 -11.20 37.66 15.33
CA VAL D 94 -11.67 37.65 16.74
C VAL D 94 -11.88 39.02 17.44
N HIS D 95 -12.10 39.05 18.77
CA HIS D 95 -12.47 40.31 19.47
C HIS D 95 -11.31 41.05 19.96
N LYS D 96 -11.55 42.21 20.51
CA LYS D 96 -10.45 43.06 20.85
C LYS D 96 -9.74 42.71 22.08
N LYS D 97 -10.16 43.30 23.19
CA LYS D 97 -9.45 43.12 24.46
C LYS D 97 -9.23 41.68 24.91
N TRP D 98 -9.93 40.74 24.30
CA TRP D 98 -9.74 39.35 24.62
C TRP D 98 -8.50 38.92 23.89
N LEU D 99 -7.66 39.89 23.54
CA LEU D 99 -6.45 39.59 22.75
C LEU D 99 -5.19 40.01 23.46
N ASN D 100 -4.20 39.13 23.51
CA ASN D 100 -2.94 39.44 24.15
C ASN D 100 -2.25 40.63 23.53
N PRO D 101 -2.65 41.85 23.87
CA PRO D 101 -2.11 43.02 23.18
C PRO D 101 -1.32 42.75 21.84
N ALA D 102 -1.84 41.92 20.94
CA ALA D 102 -1.18 41.62 19.66
C ALA D 102 -1.85 40.46 18.90
N GLN D 103 -2.87 40.72 18.07
CA GLN D 103 -3.61 39.61 17.39
C GLN D 103 -4.74 40.18 16.57
N CYS D 104 -4.91 41.46 16.67
CA CYS D 104 -5.83 42.10 15.78
C CYS D 104 -4.85 43.25 15.45
N LEU D 105 -3.97 43.08 14.45
CA LEU D 105 -2.93 44.09 14.20
C LEU D 105 -3.50 45.38 13.83
N PRO D 106 -2.65 46.37 13.68
CA PRO D 106 -3.27 47.67 13.48
C PRO D 106 -3.74 48.01 12.06
N ALA D 107 -4.90 48.64 11.96
CA ALA D 107 -5.45 48.98 10.68
C ALA D 107 -4.86 50.24 10.15
N ILE D 108 -3.57 50.37 10.21
CA ILE D 108 -2.99 51.56 9.62
C ILE D 108 -1.51 51.40 9.34
N LEU D 109 -1.12 50.29 8.73
CA LEU D 109 0.24 50.16 8.38
C LEU D 109 0.53 51.30 7.41
N GLU D 110 1.68 51.98 7.56
CA GLU D 110 2.09 53.13 6.67
C GLU D 110 3.06 52.80 5.51
N GLY D 111 3.54 53.80 4.78
CA GLY D 111 4.37 53.47 3.64
C GLY D 111 5.64 54.19 3.26
N PRO D 112 6.12 53.99 2.02
CA PRO D 112 7.28 54.74 1.52
C PRO D 112 6.81 56.08 0.94
N GLY D 113 7.04 57.19 1.61
CA GLY D 113 6.57 58.52 1.25
C GLY D 113 5.13 58.82 1.58
N GLY D 114 4.72 58.54 2.82
CA GLY D 114 3.40 58.90 3.29
C GLY D 114 2.27 58.18 2.57
N VAL D 115 2.29 56.85 2.60
CA VAL D 115 1.22 56.04 2.02
C VAL D 115 0.72 55.05 3.05
N TRP D 116 -0.39 55.38 3.70
CA TRP D 116 -0.95 54.56 4.77
C TRP D 116 -1.95 53.57 4.19
N CYS D 117 -1.82 52.30 4.58
CA CYS D 117 -2.72 51.28 4.06
C CYS D 117 -3.86 51.01 5.04
N ASP D 118 -4.71 50.04 4.72
CA ASP D 118 -5.90 49.77 5.51
C ASP D 118 -6.00 48.27 5.79
N VAL D 119 -6.38 47.93 7.01
CA VAL D 119 -6.42 46.56 7.47
C VAL D 119 -7.82 46.20 7.93
N ASP D 120 -8.31 45.03 7.48
CA ASP D 120 -9.58 44.48 7.94
C ASP D 120 -9.53 42.96 7.89
N VAL D 121 -9.78 42.32 9.02
CA VAL D 121 -9.57 40.88 9.17
C VAL D 121 -10.70 40.08 8.55
N VAL D 122 -10.35 39.06 7.76
CA VAL D 122 -11.26 38.01 7.33
C VAL D 122 -10.67 36.69 7.79
N GLU D 123 -11.31 35.57 7.47
CA GLU D 123 -10.81 34.27 7.87
C GLU D 123 -10.72 33.34 6.67
N PHE D 124 -9.69 32.50 6.66
CA PHE D 124 -9.29 31.73 5.49
C PHE D 124 -9.20 30.25 5.86
N SER D 125 -8.91 29.43 4.86
CA SER D 125 -8.70 27.99 5.05
C SER D 125 -7.98 27.45 3.82
N TYR D 126 -7.72 26.15 3.84
CA TYR D 126 -7.11 25.47 2.70
C TYR D 126 -7.71 24.07 2.52
N GLN D 137 -20.64 16.04 -11.77
CA GLN D 137 -20.24 16.43 -13.11
C GLN D 137 -21.19 17.48 -13.68
N MET D 138 -22.26 17.76 -12.93
CA MET D 138 -23.28 18.73 -13.31
C MET D 138 -23.84 18.40 -14.69
N PHE D 139 -24.55 17.28 -14.79
CA PHE D 139 -25.07 16.78 -16.05
C PHE D 139 -26.04 17.76 -16.70
N SER D 140 -25.81 18.01 -17.99
CA SER D 140 -26.64 18.87 -18.82
C SER D 140 -26.25 18.62 -20.27
N GLU D 141 -26.74 19.43 -21.21
CA GLU D 141 -26.20 19.40 -22.57
C GLU D 141 -25.54 20.75 -22.82
N LEU D 142 -24.38 20.94 -22.22
CA LEU D 142 -23.38 21.90 -22.68
C LEU D 142 -22.02 21.29 -22.37
N VAL D 143 -22.03 20.11 -21.76
CA VAL D 143 -20.83 19.42 -21.32
C VAL D 143 -20.81 18.03 -21.93
N ASP D 144 -21.99 17.49 -22.20
CA ASP D 144 -22.12 16.21 -22.89
C ASP D 144 -21.70 16.32 -24.35
N LYS D 145 -21.62 17.54 -24.89
CA LYS D 145 -21.04 17.80 -26.19
C LYS D 145 -19.54 18.00 -26.14
N LEU D 146 -19.06 18.81 -25.19
CA LEU D 146 -17.64 19.08 -25.06
C LEU D 146 -16.85 17.81 -24.80
N CYS D 147 -17.48 16.82 -24.18
CA CYS D 147 -16.82 15.54 -23.94
C CYS D 147 -16.89 14.65 -25.17
N GLY D 148 -16.45 15.17 -26.31
CA GLY D 148 -16.35 14.43 -27.54
C GLY D 148 -17.65 13.93 -28.15
N SER D 149 -18.72 14.73 -28.16
CA SER D 149 -19.97 14.30 -28.78
C SER D 149 -20.52 15.44 -29.64
N ASP D 150 -19.62 16.14 -30.32
CA ASP D 150 -19.98 17.22 -31.23
C ASP D 150 -18.88 17.38 -32.28
N GLU D 151 -19.28 17.74 -33.50
CA GLU D 151 -18.39 17.68 -34.66
C GLU D 151 -17.63 18.99 -34.82
N CYS D 152 -17.05 19.46 -33.72
CA CYS D 152 -16.17 20.61 -33.74
C CYS D 152 -15.50 20.73 -32.38
N ILE D 153 -14.18 20.97 -32.39
CA ILE D 153 -13.44 21.05 -31.14
C ILE D 153 -12.98 22.49 -30.92
N GLY D 154 -12.72 22.84 -29.66
CA GLY D 154 -12.37 24.20 -29.31
C GLY D 154 -12.27 24.42 -27.81
N SER D 155 -12.40 25.68 -27.39
CA SER D 155 -12.27 26.04 -25.98
C SER D 155 -13.28 25.32 -25.11
N GLY D 156 -12.81 24.45 -24.23
CA GLY D 156 -13.68 23.72 -23.33
C GLY D 156 -13.74 22.22 -23.57
N SER D 157 -13.28 21.79 -24.74
CA SER D 157 -13.37 20.39 -25.11
C SER D 157 -12.47 19.52 -24.23
N GLN D 158 -12.85 18.26 -24.08
CA GLN D 158 -12.08 17.33 -23.28
C GLN D 158 -10.80 16.93 -23.99
N VAL D 159 -9.74 16.70 -23.22
CA VAL D 159 -8.46 16.24 -23.75
C VAL D 159 -7.79 15.36 -22.70
N ALA D 160 -7.06 14.33 -23.16
CA ALA D 160 -6.33 13.42 -22.30
C ALA D 160 -5.18 12.82 -23.08
N SER D 161 -4.10 12.45 -22.40
CA SER D 161 -2.93 11.93 -23.09
C SER D 161 -2.66 10.46 -22.79
N HIS D 162 -2.30 10.10 -21.57
CA HIS D 162 -2.16 8.68 -21.25
C HIS D 162 -2.65 8.35 -19.85
N GLU D 163 -2.62 9.33 -18.95
CA GLU D 163 -2.89 9.09 -17.54
C GLU D 163 -3.69 10.19 -16.86
N THR D 164 -3.96 11.30 -17.54
CA THR D 164 -4.63 12.45 -16.93
C THR D 164 -5.73 12.95 -17.85
N PHE D 165 -6.66 13.70 -17.28
CA PHE D 165 -7.73 14.34 -18.03
C PHE D 165 -7.69 15.84 -17.78
N GLY D 166 -7.87 16.60 -18.85
CA GLY D 166 -7.79 18.05 -18.75
C GLY D 166 -8.94 18.76 -19.43
N THR D 167 -8.66 19.94 -19.98
CA THR D 167 -9.68 20.76 -20.63
C THR D 167 -9.02 21.63 -21.67
N LEU D 168 -9.57 21.62 -22.89
CA LEU D 168 -9.02 22.42 -23.97
C LEU D 168 -9.20 23.91 -23.68
N GLY D 169 -8.08 24.63 -23.67
CA GLY D 169 -8.08 26.06 -23.46
C GLY D 169 -8.35 26.83 -24.74
N ALA D 170 -7.63 27.93 -24.89
CA ALA D 170 -7.74 28.74 -26.10
C ALA D 170 -7.08 28.04 -27.28
N ILE D 171 -7.45 28.42 -28.50
CA ILE D 171 -6.81 27.92 -29.72
C ILE D 171 -5.69 28.91 -30.04
N VAL D 172 -4.45 28.49 -29.85
CA VAL D 172 -3.32 29.42 -29.84
C VAL D 172 -2.44 29.24 -31.07
N LYS D 173 -1.52 30.18 -31.28
CA LYS D 173 -0.54 30.12 -32.34
C LYS D 173 0.72 30.86 -31.89
N ARG D 174 1.90 30.34 -32.25
CA ARG D 174 3.14 30.87 -31.70
C ARG D 174 3.52 32.21 -32.32
N ARG D 175 4.45 32.91 -31.68
CA ARG D 175 4.87 34.23 -32.11
C ARG D 175 6.29 34.24 -32.69
N THR D 176 6.69 33.20 -33.41
CA THR D 176 8.07 33.07 -33.86
C THR D 176 8.15 32.40 -35.23
N GLY D 177 9.31 31.83 -35.54
CA GLY D 177 9.62 31.26 -36.84
C GLY D 177 8.56 30.41 -37.52
N ASN D 178 7.97 29.45 -36.79
CA ASN D 178 7.11 28.48 -37.46
C ASN D 178 5.63 28.87 -37.34
N LYS D 179 5.21 29.34 -36.17
CA LYS D 179 3.81 29.65 -35.89
C LYS D 179 2.88 28.47 -36.15
N GLN D 180 3.05 27.38 -35.40
CA GLN D 180 2.09 26.28 -35.47
C GLN D 180 0.83 26.67 -34.70
N VAL D 181 -0.26 25.93 -34.91
CA VAL D 181 -1.53 26.26 -34.26
C VAL D 181 -1.95 25.09 -33.37
N GLY D 182 -2.17 25.38 -32.09
CA GLY D 182 -2.59 24.37 -31.15
C GLY D 182 -3.54 24.86 -30.08
N PHE D 183 -3.27 24.50 -28.83
CA PHE D 183 -4.11 24.92 -27.72
C PHE D 183 -3.33 25.08 -26.43
N LEU D 184 -3.69 26.06 -25.61
CA LEU D 184 -2.98 26.36 -24.38
C LEU D 184 -3.63 25.68 -23.19
N THR D 185 -3.22 24.45 -22.89
CA THR D 185 -3.70 23.76 -21.69
C THR D 185 -2.75 23.98 -20.53
N ASN D 186 -2.93 23.24 -19.43
CA ASN D 186 -2.10 23.45 -18.25
C ASN D 186 -1.04 22.37 -18.11
N HIS D 187 -0.28 22.43 -17.01
CA HIS D 187 0.89 21.58 -16.80
C HIS D 187 0.57 20.14 -16.40
N HIS D 188 -0.24 19.92 -15.37
CA HIS D 188 -0.46 18.58 -14.83
C HIS D 188 -1.12 17.63 -15.81
N VAL D 189 -1.73 18.14 -16.88
CA VAL D 189 -2.37 17.31 -17.88
C VAL D 189 -1.50 17.13 -19.12
N ALA D 190 -0.30 17.72 -19.12
CA ALA D 190 0.51 17.76 -20.34
C ALA D 190 1.84 17.02 -20.21
N VAL D 191 2.61 17.32 -19.16
CA VAL D 191 4.03 16.99 -19.14
C VAL D 191 4.32 15.91 -18.09
N ASP D 192 5.08 14.91 -18.50
CA ASP D 192 5.71 13.93 -17.61
C ASP D 192 6.90 13.36 -18.37
N LEU D 193 7.69 12.52 -17.70
CA LEU D 193 8.84 11.92 -18.38
C LEU D 193 9.02 10.49 -17.90
N ASP D 194 8.31 9.57 -18.57
CA ASP D 194 8.67 8.15 -18.60
C ASP D 194 8.55 7.71 -20.05
N TYR D 195 7.89 8.56 -20.85
CA TYR D 195 7.75 8.40 -22.28
C TYR D 195 8.61 9.45 -22.98
N PRO D 196 9.27 9.12 -24.08
CA PRO D 196 10.05 10.13 -24.80
C PRO D 196 9.23 11.26 -25.39
N ASN D 197 7.93 11.05 -25.60
CA ASN D 197 7.05 12.08 -26.13
C ASN D 197 5.69 12.00 -25.44
N GLN D 198 4.94 13.09 -25.53
CA GLN D 198 3.60 13.17 -24.95
C GLN D 198 2.59 13.34 -26.07
N LYS D 199 1.50 12.57 -26.00
CA LYS D 199 0.51 12.49 -27.07
C LYS D 199 -0.90 12.59 -26.47
N MET D 200 -1.55 13.72 -26.70
CA MET D 200 -2.92 13.90 -26.23
C MET D 200 -3.90 13.23 -27.18
N PHE D 201 -5.10 12.95 -26.68
CA PHE D 201 -6.16 12.34 -27.48
C PHE D 201 -7.50 12.90 -27.05
N HIS D 202 -8.39 13.11 -28.03
CA HIS D 202 -9.72 13.63 -27.75
C HIS D 202 -10.75 12.65 -28.30
N PRO D 203 -11.71 12.19 -27.49
CA PRO D 203 -11.87 12.50 -26.07
C PRO D 203 -11.11 11.53 -25.17
N LEU D 204 -10.65 10.40 -25.70
CA LEU D 204 -10.00 9.38 -24.90
C LEU D 204 -8.82 8.82 -25.69
N PRO D 205 -7.81 8.31 -25.00
CA PRO D 205 -6.70 7.64 -25.69
C PRO D 205 -7.10 6.26 -26.15
N PRO D 206 -6.31 5.62 -27.02
CA PRO D 206 -6.70 4.30 -27.55
C PRO D 206 -6.66 3.19 -26.52
N ASN D 207 -6.23 3.50 -25.29
CA ASN D 207 -6.19 2.53 -24.20
C ASN D 207 -7.30 2.78 -23.19
N LEU D 208 -8.22 3.69 -23.51
CA LEU D 208 -9.34 3.98 -22.62
C LEU D 208 -10.66 3.99 -23.40
N GLY D 209 -10.56 4.12 -24.73
CA GLY D 209 -11.73 4.14 -25.57
C GLY D 209 -11.44 4.68 -26.95
N PRO D 210 -12.43 5.30 -27.59
CA PRO D 210 -12.21 5.88 -28.92
C PRO D 210 -11.53 7.24 -28.82
N GLY D 211 -11.20 7.82 -29.96
CA GLY D 211 -10.54 9.11 -29.98
C GLY D 211 -9.65 9.29 -31.20
N VAL D 212 -9.19 10.53 -31.39
CA VAL D 212 -8.33 10.87 -32.52
C VAL D 212 -7.11 11.65 -32.02
N TYR D 213 -6.05 11.65 -32.82
CA TYR D 213 -4.78 12.28 -32.46
C TYR D 213 -4.92 13.79 -32.42
N LEU D 214 -4.20 14.40 -31.49
CA LEU D 214 -4.30 15.84 -31.27
C LEU D 214 -2.97 16.54 -31.52
N GLY D 215 -1.89 16.01 -30.95
CA GLY D 215 -0.59 16.63 -31.10
C GLY D 215 0.34 16.19 -29.98
N ALA D 216 1.45 16.92 -29.89
CA ALA D 216 2.51 16.61 -28.93
C ALA D 216 2.93 17.88 -28.20
N VAL D 217 3.41 17.71 -26.97
CA VAL D 217 3.87 18.83 -26.16
C VAL D 217 5.26 19.26 -26.64
N GLU D 218 5.46 20.58 -26.80
CA GLU D 218 6.77 21.05 -27.23
C GLU D 218 7.30 22.21 -26.40
N ARG D 219 6.52 22.78 -25.47
CA ARG D 219 6.96 23.83 -24.60
C ARG D 219 6.23 23.77 -23.30
N ALA D 220 6.82 24.24 -22.22
CA ALA D 220 6.18 24.21 -20.90
C ALA D 220 6.91 25.16 -19.97
N THR D 221 6.23 25.51 -18.87
CA THR D 221 6.81 26.31 -17.80
C THR D 221 6.01 26.06 -16.54
N SER D 222 6.68 26.12 -15.39
CA SER D 222 6.03 25.79 -14.13
C SER D 222 6.31 26.80 -13.03
N PHE D 223 7.41 27.54 -13.13
CA PHE D 223 7.80 28.43 -12.05
C PHE D 223 8.55 29.63 -12.62
N ILE D 224 8.15 30.82 -12.18
CA ILE D 224 8.78 32.06 -12.59
C ILE D 224 9.09 32.90 -11.35
N THR D 225 10.28 33.45 -11.31
CA THR D 225 10.66 34.37 -10.25
C THR D 225 9.94 35.71 -10.43
N ASP D 226 9.64 36.36 -9.30
CA ASP D 226 8.73 37.51 -9.32
C ASP D 226 9.38 38.75 -9.93
N ASP D 227 10.69 38.93 -9.75
CA ASP D 227 11.33 40.15 -10.20
C ASP D 227 11.27 40.30 -11.72
N VAL D 228 10.98 39.24 -12.45
CA VAL D 228 10.74 39.33 -13.89
C VAL D 228 9.28 39.16 -14.26
N TRP D 229 8.46 38.49 -13.44
CA TRP D 229 7.04 38.31 -13.70
C TRP D 229 6.25 39.57 -13.34
N TYR D 230 6.26 39.94 -12.06
CA TYR D 230 5.55 41.13 -11.63
C TYR D 230 6.29 42.39 -12.06
N GLY D 231 7.61 42.36 -11.99
CA GLY D 231 8.44 43.52 -12.29
C GLY D 231 8.95 44.28 -11.08
N ILE D 232 8.50 43.95 -9.86
CA ILE D 232 8.94 44.62 -8.65
C ILE D 232 9.34 43.57 -7.63
N TYR D 233 10.13 43.97 -6.64
CA TYR D 233 10.67 43.04 -5.65
C TYR D 233 9.58 42.37 -4.84
N ALA D 234 8.57 43.16 -4.41
CA ALA D 234 7.35 42.65 -3.80
C ALA D 234 7.62 41.75 -2.60
N GLY D 235 8.70 41.99 -1.86
CA GLY D 235 9.00 41.19 -0.70
C GLY D 235 10.34 41.46 -0.05
N THR D 236 10.67 40.70 0.99
CA THR D 236 11.94 40.86 1.69
C THR D 236 12.67 39.53 1.80
N ASN D 237 12.01 38.44 1.39
CA ASN D 237 12.63 37.11 1.38
C ASN D 237 12.94 36.73 -0.06
N PRO D 238 14.22 36.72 -0.46
CA PRO D 238 14.53 36.62 -1.89
C PRO D 238 14.64 35.18 -2.40
N GLU D 239 13.53 34.45 -2.35
CA GLU D 239 13.43 33.15 -3.01
C GLU D 239 12.06 33.03 -3.67
N THR D 240 11.61 34.10 -4.32
CA THR D 240 10.23 34.25 -4.73
C THR D 240 9.98 33.54 -6.06
N PHE D 241 8.91 32.73 -6.11
CA PHE D 241 8.52 31.96 -7.29
C PHE D 241 7.03 32.23 -7.54
N VAL D 242 6.74 32.97 -8.61
CA VAL D 242 5.36 33.16 -9.04
C VAL D 242 5.01 32.00 -9.97
N ARG D 243 4.29 31.02 -9.43
CA ARG D 243 4.00 29.79 -10.17
C ARG D 243 3.01 30.05 -11.31
N ALA D 244 3.35 29.58 -12.50
CA ALA D 244 2.48 29.71 -13.66
C ALA D 244 2.33 28.33 -14.32
N ASP D 245 1.48 28.22 -15.33
CA ASP D 245 1.22 26.93 -15.96
C ASP D 245 0.75 27.10 -17.40
N GLY D 246 1.46 26.47 -18.34
CA GLY D 246 1.09 26.54 -19.74
C GLY D 246 1.92 25.62 -20.62
N ALA D 247 1.38 25.24 -21.78
CA ALA D 247 2.08 24.32 -22.68
C ALA D 247 1.46 24.45 -24.08
N PHE D 248 2.30 24.87 -25.03
CA PHE D 248 1.89 24.85 -26.44
C PHE D 248 1.91 23.42 -26.96
N ILE D 249 0.91 23.08 -27.77
CA ILE D 249 0.79 21.74 -28.34
C ILE D 249 0.43 21.89 -29.81
N PRO D 250 1.40 21.84 -30.73
CA PRO D 250 1.08 21.98 -32.16
C PRO D 250 0.17 20.87 -32.67
N PHE D 251 -0.72 21.22 -33.61
CA PHE D 251 -1.63 20.24 -34.18
C PHE D 251 -0.88 19.28 -35.10
N ALA D 252 -1.42 18.07 -35.22
CA ALA D 252 -0.79 17.05 -36.07
C ALA D 252 -1.00 17.38 -37.55
N ASP D 253 -0.15 16.77 -38.38
CA ASP D 253 -0.20 16.99 -39.82
C ASP D 253 -1.36 16.24 -40.49
N ASP D 254 -1.85 15.16 -39.89
CA ASP D 254 -2.92 14.38 -40.50
C ASP D 254 -4.30 14.82 -40.04
N PHE D 255 -4.40 15.46 -38.88
CA PHE D 255 -5.67 15.89 -38.33
C PHE D 255 -6.37 16.91 -39.23
N ASP D 256 -7.68 16.74 -39.39
CA ASP D 256 -8.46 17.69 -40.17
C ASP D 256 -8.65 18.98 -39.38
N ILE D 257 -8.14 20.09 -39.93
CA ILE D 257 -8.25 21.37 -39.24
C ILE D 257 -9.67 21.92 -39.33
N SER D 258 -10.42 21.50 -40.35
CA SER D 258 -11.75 22.04 -40.63
C SER D 258 -12.74 21.81 -39.50
N THR D 259 -12.50 20.79 -38.67
CA THR D 259 -13.40 20.45 -37.57
C THR D 259 -13.03 21.17 -36.27
N VAL D 260 -12.40 22.34 -36.36
CA VAL D 260 -12.07 23.13 -35.18
C VAL D 260 -12.91 24.39 -35.17
N THR D 261 -13.52 24.67 -34.02
CA THR D 261 -14.31 25.90 -33.84
C THR D 261 -13.58 26.78 -32.85
N THR D 262 -13.35 28.04 -33.22
CA THR D 262 -12.78 29.01 -32.30
C THR D 262 -13.90 29.85 -31.68
N VAL D 263 -14.80 29.15 -30.99
CA VAL D 263 -15.94 29.76 -30.32
C VAL D 263 -16.14 29.04 -29.00
N VAL D 264 -16.28 29.81 -27.92
CA VAL D 264 -16.55 29.25 -26.60
C VAL D 264 -18.04 28.91 -26.54
N ARG D 265 -18.35 27.63 -26.64
CA ARG D 265 -19.74 27.16 -26.66
C ARG D 265 -20.33 27.37 -25.26
N GLY D 266 -21.19 28.38 -25.13
CA GLY D 266 -21.82 28.67 -23.86
C GLY D 266 -21.74 30.14 -23.47
N VAL D 267 -20.64 30.80 -23.82
CA VAL D 267 -20.44 32.20 -23.46
C VAL D 267 -20.86 33.10 -24.62
N GLY D 268 -20.26 32.89 -25.79
CA GLY D 268 -20.52 33.73 -26.94
C GLY D 268 -19.29 33.96 -27.80
N ASP D 269 -18.97 35.23 -28.04
CA ASP D 269 -17.79 35.59 -28.85
C ASP D 269 -16.84 36.38 -27.97
N ILE D 270 -15.57 35.97 -27.96
CA ILE D 270 -14.54 36.54 -27.11
C ILE D 270 -14.11 37.90 -27.66
N GLY D 271 -13.58 38.76 -26.78
CA GLY D 271 -12.96 40.01 -27.21
C GLY D 271 -11.54 39.69 -27.65
N ASP D 272 -10.52 40.39 -27.15
CA ASP D 272 -9.19 39.94 -27.51
C ASP D 272 -8.37 39.44 -26.31
N VAL D 273 -8.01 40.36 -25.40
CA VAL D 273 -7.18 40.08 -24.22
C VAL D 273 -7.40 41.20 -23.21
N LYS D 274 -7.60 40.85 -21.94
CA LYS D 274 -7.49 41.85 -20.89
C LYS D 274 -6.11 41.76 -20.24
N VAL D 275 -5.42 42.89 -20.17
CA VAL D 275 -4.06 42.96 -19.67
C VAL D 275 -4.08 43.68 -18.33
N ILE D 276 -3.51 43.04 -17.31
CA ILE D 276 -3.48 43.61 -15.97
C ILE D 276 -2.15 44.32 -15.76
N ASP D 277 -2.19 45.65 -15.66
CA ASP D 277 -1.01 46.45 -15.35
C ASP D 277 -1.28 47.11 -13.99
N LEU D 278 -0.33 46.98 -13.08
CA LEU D 278 -0.57 47.43 -11.70
C LEU D 278 -0.35 48.93 -11.55
N GLN D 279 -0.89 49.72 -12.47
CA GLN D 279 -0.92 51.17 -12.33
C GLN D 279 -2.16 51.69 -13.05
N CYS D 280 -3.26 51.81 -12.32
CA CYS D 280 -4.57 52.04 -12.89
C CYS D 280 -5.54 52.23 -11.72
N PRO D 281 -6.77 52.70 -11.95
CA PRO D 281 -7.77 52.66 -10.87
C PRO D 281 -7.96 51.25 -10.33
N LEU D 282 -8.08 51.12 -9.01
CA LEU D 282 -8.07 49.82 -8.37
C LEU D 282 -9.31 49.00 -8.73
N ASN D 283 -10.45 49.66 -8.87
CA ASN D 283 -11.71 48.96 -9.11
C ASN D 283 -11.90 48.61 -10.58
N SER D 284 -10.84 48.76 -11.38
CA SER D 284 -10.89 48.42 -12.80
C SER D 284 -10.87 46.92 -13.04
N LEU D 285 -10.34 46.13 -12.12
CA LEU D 285 -10.30 44.68 -12.27
C LEU D 285 -10.97 43.99 -11.09
N ILE D 286 -10.77 44.52 -9.89
CA ILE D 286 -11.36 43.92 -8.69
C ILE D 286 -12.79 44.41 -8.55
N GLY D 287 -13.71 43.49 -8.29
CA GLY D 287 -15.12 43.80 -8.23
C GLY D 287 -15.86 43.65 -9.54
N ARG D 288 -15.26 42.98 -10.52
CA ARG D 288 -15.85 42.83 -11.85
C ARG D 288 -16.30 41.39 -12.06
N GLN D 289 -17.49 41.22 -12.63
CA GLN D 289 -18.05 39.90 -12.87
C GLN D 289 -17.22 39.16 -13.92
N VAL D 290 -17.04 37.85 -13.71
CA VAL D 290 -16.30 37.00 -14.61
C VAL D 290 -17.14 35.77 -14.94
N CYS D 291 -16.80 35.12 -16.06
CA CYS D 291 -17.46 33.91 -16.51
C CYS D 291 -16.40 32.88 -16.90
N LYS D 292 -16.84 31.62 -17.04
CA LYS D 292 -15.94 30.54 -17.39
C LYS D 292 -16.70 29.33 -17.93
N VAL D 293 -16.18 28.71 -18.98
CA VAL D 293 -16.75 27.49 -19.55
C VAL D 293 -15.70 26.39 -19.44
N GLY D 294 -16.05 25.33 -18.72
CA GLY D 294 -15.18 24.18 -18.60
C GLY D 294 -16.01 22.92 -18.52
N ARG D 295 -15.38 21.79 -18.82
CA ARG D 295 -16.10 20.52 -18.85
C ARG D 295 -16.15 19.81 -17.50
N SER D 296 -16.45 20.54 -16.42
CA SER D 296 -16.80 19.92 -15.15
C SER D 296 -17.89 20.70 -14.44
N SER D 297 -18.25 21.87 -14.99
CA SER D 297 -19.28 22.72 -14.39
C SER D 297 -20.28 23.26 -15.39
N GLY D 298 -19.95 23.34 -16.67
CA GLY D 298 -20.82 23.96 -17.65
C GLY D 298 -20.40 25.40 -17.88
N HIS D 299 -21.32 26.32 -17.57
CA HIS D 299 -21.09 27.76 -17.72
C HIS D 299 -21.46 28.43 -16.40
N THR D 300 -20.45 28.78 -15.61
CA THR D 300 -20.65 29.42 -14.32
C THR D 300 -20.19 30.88 -14.39
N THR D 301 -20.39 31.59 -13.28
CA THR D 301 -20.01 33.00 -13.19
C THR D 301 -19.53 33.30 -11.77
N GLY D 302 -18.69 34.32 -11.65
CA GLY D 302 -18.14 34.72 -10.37
C GLY D 302 -17.69 36.17 -10.42
N THR D 303 -16.79 36.52 -9.51
CA THR D 303 -16.25 37.88 -9.44
C THR D 303 -14.86 37.83 -8.84
N VAL D 304 -14.01 38.78 -9.24
CA VAL D 304 -12.64 38.86 -8.74
C VAL D 304 -12.65 39.40 -7.31
N MET D 305 -11.95 38.72 -6.40
CA MET D 305 -11.96 39.12 -5.01
C MET D 305 -10.71 39.91 -4.64
N ALA D 306 -9.53 39.32 -4.85
CA ALA D 306 -8.28 39.97 -4.47
C ALA D 306 -7.13 39.36 -5.26
N TYR D 307 -6.40 40.21 -5.98
CA TYR D 307 -5.30 39.79 -6.81
C TYR D 307 -4.01 39.75 -6.00
N ALA D 308 -3.03 38.98 -6.48
CA ALA D 308 -1.73 38.82 -5.85
C ALA D 308 -1.79 38.24 -4.44
N LEU D 309 -2.26 37.00 -4.31
CA LEU D 309 -2.13 36.27 -3.06
C LEU D 309 -0.68 35.89 -2.82
N GLU D 310 -0.28 35.89 -1.54
CA GLU D 310 1.05 35.47 -1.13
C GLU D 310 0.90 34.28 -0.18
N TYR D 311 1.87 33.36 -0.23
CA TYR D 311 1.90 32.21 0.67
C TYR D 311 3.34 31.75 0.78
N ASN D 312 3.92 31.86 1.97
CA ASN D 312 5.29 31.41 2.18
C ASN D 312 5.25 30.20 3.12
N ASP D 313 5.78 29.07 2.67
CA ASP D 313 5.63 27.83 3.40
C ASP D 313 6.74 27.70 4.46
N GLU D 314 6.84 26.49 5.03
CA GLU D 314 7.73 26.28 6.17
C GLU D 314 9.20 26.47 5.78
N LYS D 315 9.59 25.96 4.61
CA LYS D 315 10.99 26.10 4.21
C LYS D 315 11.33 27.54 3.84
N GLY D 316 10.33 28.34 3.48
CA GLY D 316 10.57 29.74 3.19
C GLY D 316 10.49 30.08 1.72
N ILE D 317 9.77 29.26 0.96
CA ILE D 317 9.63 29.45 -0.49
C ILE D 317 8.44 30.36 -0.73
N CYS D 318 8.69 31.47 -1.43
CA CYS D 318 7.63 32.42 -1.71
C CYS D 318 6.73 31.89 -2.83
N PHE D 319 5.43 32.22 -2.74
CA PHE D 319 4.46 31.69 -3.70
C PHE D 319 3.36 32.75 -3.89
N PHE D 320 3.35 33.36 -5.07
CA PHE D 320 2.27 34.25 -5.45
C PHE D 320 1.39 33.60 -6.51
N THR D 321 0.08 33.66 -6.29
CA THR D 321 -0.88 32.91 -7.09
C THR D 321 -1.86 33.86 -7.78
N ASP D 322 -1.34 35.02 -8.20
CA ASP D 322 -2.04 35.97 -9.07
C ASP D 322 -3.48 36.28 -8.67
N ILE D 323 -4.42 35.45 -9.10
CA ILE D 323 -5.83 35.84 -9.16
C ILE D 323 -6.65 34.99 -8.19
N LEU D 324 -7.58 35.66 -7.50
CA LEU D 324 -8.54 35.02 -6.61
C LEU D 324 -9.94 35.32 -7.13
N VAL D 325 -10.75 34.28 -7.32
CA VAL D 325 -12.12 34.43 -7.81
C VAL D 325 -13.06 33.64 -6.91
N VAL D 326 -14.18 34.27 -6.54
CA VAL D 326 -15.25 33.62 -5.78
C VAL D 326 -16.53 33.71 -6.59
N GLY D 327 -17.25 32.59 -6.66
CA GLY D 327 -18.47 32.52 -7.45
C GLY D 327 -19.57 33.48 -7.02
N GLU D 328 -20.64 33.55 -7.81
CA GLU D 328 -21.75 34.45 -7.57
C GLU D 328 -22.96 33.68 -7.08
N ASN D 329 -23.77 34.32 -6.24
CA ASN D 329 -24.99 33.73 -5.69
C ASN D 329 -24.70 32.41 -4.98
N ARG D 330 -23.60 32.40 -4.23
CA ARG D 330 -23.25 31.32 -3.31
C ARG D 330 -22.97 29.99 -4.02
N GLN D 331 -22.63 30.04 -5.31
CA GLN D 331 -22.28 28.85 -6.06
C GLN D 331 -20.77 28.75 -6.26
N THR D 332 -20.30 27.52 -6.46
CA THR D 332 -18.89 27.26 -6.68
C THR D 332 -18.53 27.60 -8.12
N PHE D 333 -17.36 28.22 -8.31
CA PHE D 333 -16.93 28.61 -9.65
C PHE D 333 -16.51 27.41 -10.48
N ASP D 334 -15.91 26.39 -9.86
CA ASP D 334 -15.36 25.27 -10.60
C ASP D 334 -15.24 24.06 -9.69
N LEU D 335 -15.06 22.90 -10.30
CA LEU D 335 -14.76 21.66 -9.60
C LEU D 335 -13.45 21.09 -10.13
N GLU D 336 -13.02 19.98 -9.54
CA GLU D 336 -11.81 19.31 -10.00
C GLU D 336 -12.00 18.79 -11.42
N GLY D 337 -11.14 19.22 -12.34
CA GLY D 337 -11.28 18.88 -13.73
C GLY D 337 -11.46 20.10 -14.60
N ASP D 338 -11.86 21.22 -13.97
CA ASP D 338 -12.03 22.47 -14.71
C ASP D 338 -10.70 23.18 -14.93
N SER D 339 -9.61 22.65 -14.34
CA SER D 339 -8.29 23.26 -14.48
C SER D 339 -7.84 23.28 -15.94
N GLY D 340 -7.66 24.47 -16.49
CA GLY D 340 -7.26 24.61 -17.88
C GLY D 340 -8.23 25.46 -18.67
N SER D 341 -9.46 25.56 -18.19
CA SER D 341 -10.48 26.35 -18.86
C SER D 341 -10.22 27.84 -18.66
N LEU D 342 -10.49 28.62 -19.70
CA LEU D 342 -10.29 30.07 -19.64
C LEU D 342 -11.27 30.72 -18.68
N ILE D 343 -10.82 31.77 -17.99
CA ILE D 343 -11.68 32.65 -17.22
C ILE D 343 -11.96 33.85 -18.09
N ILE D 344 -13.23 34.18 -18.27
CA ILE D 344 -13.64 35.21 -19.21
C ILE D 344 -14.29 36.35 -18.45
N LEU D 345 -13.82 37.58 -18.71
CA LEU D 345 -14.43 38.78 -18.16
C LEU D 345 -15.82 38.92 -18.77
N THR D 346 -16.81 39.12 -17.90
CA THR D 346 -18.20 39.23 -18.32
C THR D 346 -18.39 40.44 -19.23
N SER D 347 -19.21 40.29 -20.27
CA SER D 347 -19.50 41.37 -21.22
C SER D 347 -19.97 42.63 -20.49
N GLN D 348 -19.32 43.76 -20.79
CA GLN D 348 -19.63 45.02 -20.10
C GLN D 348 -20.65 45.79 -20.93
N ASP D 349 -21.90 45.33 -20.85
CA ASP D 349 -23.04 46.00 -21.46
C ASP D 349 -22.83 46.33 -22.94
N GLY D 350 -22.65 45.30 -23.76
CA GLY D 350 -22.52 45.50 -25.19
C GLY D 350 -21.14 45.19 -25.73
N GLU D 351 -20.12 45.25 -24.88
CA GLU D 351 -18.76 44.93 -25.30
C GLU D 351 -18.57 43.42 -25.32
N LYS D 352 -17.61 42.95 -26.15
CA LYS D 352 -17.41 41.52 -26.18
C LYS D 352 -16.65 41.06 -24.93
N PRO D 353 -16.99 39.89 -24.41
CA PRO D 353 -16.28 39.37 -23.24
C PRO D 353 -14.80 39.09 -23.54
N ARG D 354 -13.97 39.24 -22.51
CA ARG D 354 -12.53 39.21 -22.69
C ARG D 354 -11.88 38.19 -21.76
N PRO D 355 -10.77 37.57 -22.16
CA PRO D 355 -10.07 36.64 -21.26
C PRO D 355 -9.14 37.37 -20.31
N ILE D 356 -9.05 36.91 -19.07
CA ILE D 356 -8.18 37.55 -18.08
C ILE D 356 -7.24 36.53 -17.46
N GLY D 357 -7.50 35.24 -17.68
CA GLY D 357 -6.65 34.23 -17.09
C GLY D 357 -7.09 32.78 -17.30
N ILE D 358 -6.11 31.88 -17.36
CA ILE D 358 -6.40 30.46 -17.38
C ILE D 358 -6.53 29.95 -15.95
N ILE D 359 -7.49 29.06 -15.71
CA ILE D 359 -7.67 28.51 -14.37
C ILE D 359 -6.49 27.60 -14.04
N TRP D 360 -5.73 27.98 -13.00
CA TRP D 360 -4.65 27.14 -12.51
C TRP D 360 -5.17 25.86 -11.85
N GLY D 361 -6.39 25.88 -11.35
CA GLY D 361 -7.00 24.72 -10.73
C GLY D 361 -8.25 25.08 -9.96
N GLY D 362 -9.19 24.14 -9.86
CA GLY D 362 -10.39 24.37 -9.10
C GLY D 362 -10.12 24.29 -7.60
N THR D 363 -8.91 23.85 -7.26
CA THR D 363 -8.44 23.74 -5.88
C THR D 363 -9.38 22.88 -5.03
N ALA D 364 -9.98 21.86 -5.64
CA ALA D 364 -10.92 20.93 -5.03
C ALA D 364 -11.60 21.50 -3.80
N ASN D 365 -10.97 21.31 -2.62
CA ASN D 365 -11.38 21.99 -1.40
C ASN D 365 -10.23 22.79 -0.80
N ARG D 366 -9.18 23.04 -1.57
CA ARG D 366 -7.99 23.75 -1.09
C ARG D 366 -8.27 25.26 -1.10
N GLY D 367 -8.91 25.72 -0.05
CA GLY D 367 -9.15 27.15 0.11
C GLY D 367 -10.58 27.51 0.42
N ARG D 368 -10.77 28.44 1.35
CA ARG D 368 -12.12 28.85 1.73
C ARG D 368 -12.11 30.26 2.30
N LEU D 369 -12.50 31.25 1.51
CA LEU D 369 -12.63 32.62 2.01
C LEU D 369 -13.95 32.72 2.76
N LYS D 370 -13.87 32.77 4.09
CA LYS D 370 -15.05 32.68 4.94
C LYS D 370 -15.52 34.08 5.32
N LEU D 371 -16.73 34.15 5.86
CA LEU D 371 -17.29 35.40 6.38
C LEU D 371 -17.81 35.13 7.77
N THR D 372 -17.92 36.20 8.56
CA THR D 372 -18.51 36.16 9.89
C THR D 372 -20.01 36.44 9.83
N SER D 373 -20.55 36.50 8.62
CA SER D 373 -21.98 36.67 8.39
C SER D 373 -22.63 35.30 8.48
N ASP D 374 -23.95 35.28 8.57
CA ASP D 374 -24.69 34.04 8.77
C ASP D 374 -24.81 33.22 7.49
N HIS D 375 -23.69 32.74 6.95
CA HIS D 375 -23.73 31.87 5.78
C HIS D 375 -22.46 31.02 5.78
N GLY D 376 -22.58 29.81 5.22
CA GLY D 376 -21.52 28.83 5.25
C GLY D 376 -20.24 29.23 4.55
N PRO D 377 -19.25 28.34 4.60
CA PRO D 377 -17.92 28.66 4.05
C PRO D 377 -17.85 28.57 2.53
N GLU D 378 -18.23 29.62 1.83
CA GLU D 378 -18.08 29.64 0.38
C GLU D 378 -16.59 29.63 0.02
N ASN D 379 -16.23 28.80 -0.97
CA ASN D 379 -14.83 28.65 -1.34
C ASN D 379 -14.47 29.63 -2.46
N TRP D 380 -13.20 29.58 -2.87
CA TRP D 380 -12.70 30.38 -3.97
C TRP D 380 -11.98 29.48 -4.97
N THR D 381 -11.35 30.11 -5.96
CA THR D 381 -10.57 29.43 -6.98
C THR D 381 -9.35 30.30 -7.31
N SER D 382 -8.44 29.73 -8.11
CA SER D 382 -7.22 30.45 -8.46
C SER D 382 -7.15 30.72 -9.96
N GLY D 383 -6.02 31.26 -10.41
CA GLY D 383 -5.83 31.57 -11.82
C GLY D 383 -4.54 32.32 -12.07
N VAL D 384 -4.09 32.32 -13.31
CA VAL D 384 -2.85 33.00 -13.69
C VAL D 384 -3.20 34.25 -14.47
N ASP D 385 -2.22 35.14 -14.61
CA ASP D 385 -2.38 36.38 -15.36
C ASP D 385 -2.07 36.10 -16.83
N LEU D 386 -3.11 35.72 -17.57
CA LEU D 386 -2.97 35.47 -19.00
C LEU D 386 -2.68 36.79 -19.71
N GLY D 387 -1.49 36.90 -20.29
CA GLY D 387 -1.01 38.15 -20.84
C GLY D 387 0.44 38.35 -20.46
N ARG D 388 0.79 37.88 -19.26
CA ARG D 388 2.19 37.76 -18.87
C ARG D 388 2.59 36.29 -18.93
N LEU D 389 1.67 35.46 -19.41
CA LEU D 389 1.96 34.06 -19.70
C LEU D 389 1.94 33.89 -21.22
N LEU D 390 1.53 34.94 -21.93
CA LEU D 390 1.55 34.95 -23.38
C LEU D 390 2.85 35.44 -23.97
N ASP D 391 3.75 36.05 -23.19
CA ASP D 391 5.05 36.49 -23.66
C ASP D 391 6.15 35.72 -22.94
N ARG D 392 5.76 34.66 -22.24
CA ARG D 392 6.72 33.79 -21.57
C ARG D 392 6.71 32.44 -22.27
N LEU D 393 5.77 32.27 -23.20
CA LEU D 393 5.71 31.09 -24.06
C LEU D 393 5.55 31.53 -25.50
N GLU D 394 5.49 32.85 -25.71
CA GLU D 394 5.29 33.44 -27.03
C GLU D 394 4.03 32.89 -27.70
N LEU D 395 2.97 32.74 -26.91
CA LEU D 395 1.71 32.24 -27.42
C LEU D 395 0.74 33.41 -27.67
N ASP D 396 -0.27 33.17 -28.49
CA ASP D 396 -1.17 34.23 -28.91
C ASP D 396 -2.60 33.75 -28.78
N ILE D 397 -3.52 34.71 -28.68
CA ILE D 397 -4.94 34.44 -28.52
C ILE D 397 -5.61 34.61 -29.88
N ILE D 398 -6.28 33.56 -30.35
CA ILE D 398 -7.03 33.59 -31.60
C ILE D 398 -8.52 33.57 -31.25
N ILE D 399 -9.27 34.48 -31.87
CA ILE D 399 -10.64 34.76 -31.46
C ILE D 399 -11.64 34.51 -32.59
N THR D 400 -11.41 35.08 -33.76
CA THR D 400 -12.35 34.90 -34.87
C THR D 400 -12.21 33.52 -35.47
N ASN D 401 -13.35 32.94 -35.88
CA ASN D 401 -13.35 31.65 -36.55
C ASN D 401 -12.71 31.71 -37.94
N GLU D 402 -12.48 32.91 -38.47
CA GLU D 402 -11.84 33.08 -39.77
C GLU D 402 -10.37 33.39 -39.51
N SER D 403 -9.93 33.20 -38.26
CA SER D 403 -8.53 33.32 -37.93
C SER D 403 -7.90 31.94 -37.82
N LEU D 404 -8.74 30.93 -37.60
CA LEU D 404 -8.25 29.55 -37.59
C LEU D 404 -7.74 29.16 -38.98
N GLN D 405 -8.58 29.33 -39.99
CA GLN D 405 -8.17 29.09 -41.38
C GLN D 405 -7.65 30.36 -42.02
N ASP D 406 -6.67 31.00 -41.36
CA ASP D 406 -6.01 32.17 -41.89
C ASP D 406 -4.51 32.19 -41.65
N ALA D 407 -4.02 31.52 -40.60
CA ALA D 407 -2.59 31.31 -40.40
C ALA D 407 -2.14 29.90 -40.74
N VAL D 408 -3.04 28.91 -40.58
CA VAL D 408 -2.75 27.56 -41.05
C VAL D 408 -2.70 27.54 -42.57
N GLN D 409 -3.58 28.30 -43.22
CA GLN D 409 -3.63 28.40 -44.68
C GLN D 409 -2.32 28.94 -45.24
N GLN E 44 -53.41 2.35 39.02
CA GLN E 44 -53.60 3.77 38.73
C GLN E 44 -52.32 4.59 38.95
N ALA E 45 -51.44 4.55 37.95
CA ALA E 45 -50.21 5.32 37.96
C ALA E 45 -50.51 6.79 37.68
N ASN E 46 -49.91 7.66 38.48
CA ASN E 46 -50.29 9.08 38.43
C ASN E 46 -49.10 10.03 38.41
N SER E 47 -47.94 9.60 38.92
CA SER E 47 -46.86 10.54 39.16
C SER E 47 -45.51 9.84 39.17
N LEU E 48 -44.53 10.43 38.49
CA LEU E 48 -43.25 9.78 38.16
C LEU E 48 -42.54 9.18 39.36
N LEU E 49 -42.40 9.97 40.43
CA LEU E 49 -41.69 9.50 41.63
C LEU E 49 -42.31 8.21 42.12
N ASP E 50 -43.64 8.16 42.13
CA ASP E 50 -44.31 6.89 42.38
C ASP E 50 -44.53 6.07 41.10
N LEU E 51 -44.54 6.70 39.91
CA LEU E 51 -44.84 5.95 38.70
C LEU E 51 -43.80 4.90 38.35
N MET E 52 -42.52 5.19 38.56
CA MET E 52 -41.48 4.20 38.29
C MET E 52 -41.67 2.99 39.22
N THR E 53 -41.86 3.26 40.51
CA THR E 53 -42.13 2.21 41.48
C THR E 53 -43.57 1.71 41.43
N ILE E 54 -44.37 2.14 40.47
CA ILE E 54 -45.71 1.57 40.29
C ILE E 54 -45.58 0.13 39.80
N ARG E 55 -44.50 -0.20 39.09
CA ARG E 55 -44.25 -1.60 38.78
C ARG E 55 -42.80 -2.06 38.88
N ALA E 56 -41.82 -1.15 38.99
CA ALA E 56 -40.48 -1.49 38.50
C ALA E 56 -39.80 -2.68 39.17
N PHE E 57 -40.47 -3.42 40.06
CA PHE E 57 -39.86 -4.60 40.68
C PHE E 57 -39.54 -5.67 39.66
N HIS E 58 -40.05 -5.52 38.43
CA HIS E 58 -40.22 -6.64 37.49
C HIS E 58 -38.95 -6.87 36.69
N SER E 59 -37.82 -6.61 37.34
CA SER E 59 -36.50 -6.75 36.77
C SER E 59 -36.32 -8.13 36.13
N LYS E 60 -35.65 -8.14 34.99
CA LYS E 60 -35.28 -9.32 34.21
C LYS E 60 -36.47 -10.00 33.53
N ILE E 61 -37.64 -9.37 33.51
CA ILE E 61 -38.79 -9.91 32.79
C ILE E 61 -39.05 -9.03 31.58
N LEU E 62 -39.05 -7.71 31.78
CA LEU E 62 -39.01 -6.76 30.67
C LEU E 62 -37.63 -6.13 30.61
N ARG E 63 -36.62 -6.90 31.03
CA ARG E 63 -35.22 -6.48 30.99
C ARG E 63 -34.32 -7.58 30.45
N ARG E 64 -34.91 -8.76 30.22
CA ARG E 64 -34.13 -9.89 29.72
C ARG E 64 -33.75 -9.71 28.26
N PHE E 65 -34.59 -8.99 27.50
CA PHE E 65 -34.35 -8.80 26.08
C PHE E 65 -34.12 -7.35 25.70
N SER E 66 -34.42 -6.42 26.61
CA SER E 66 -34.37 -5.00 26.30
C SER E 66 -32.94 -4.49 26.39
N LEU E 67 -32.62 -3.45 25.61
CA LEU E 67 -31.40 -2.69 25.78
C LEU E 67 -31.59 -1.45 26.64
N GLY E 68 -32.82 -1.15 27.05
CA GLY E 68 -33.10 -0.01 27.89
C GLY E 68 -34.54 0.04 28.35
N THR E 69 -34.83 0.90 29.35
CA THR E 69 -36.16 0.99 29.92
C THR E 69 -36.39 2.38 30.54
N ALA E 70 -37.37 3.11 30.03
CA ALA E 70 -37.64 4.47 30.50
C ALA E 70 -39.11 4.64 30.87
N VAL E 71 -39.41 5.65 31.69
CA VAL E 71 -40.80 5.96 32.01
C VAL E 71 -41.26 7.12 31.13
N GLY E 72 -42.27 6.88 30.31
CA GLY E 72 -42.77 7.88 29.38
C GLY E 72 -44.16 7.59 28.86
N PHE E 73 -44.71 8.50 28.06
CA PHE E 73 -46.02 8.23 27.48
C PHE E 73 -45.92 7.06 26.51
N ARG E 74 -47.08 6.53 26.12
CA ARG E 74 -47.13 5.29 25.35
C ARG E 74 -47.33 5.60 23.87
N ILE E 75 -46.48 4.98 23.04
CA ILE E 75 -46.64 5.04 21.59
C ILE E 75 -46.45 3.66 20.99
N ARG E 76 -47.56 2.96 20.74
CA ARG E 76 -47.57 1.72 19.96
C ARG E 76 -48.65 1.89 18.90
N LYS E 77 -49.13 3.14 18.79
CA LYS E 77 -50.10 3.52 17.79
C LYS E 77 -49.54 4.65 16.94
N GLY E 78 -48.28 5.01 17.20
CA GLY E 78 -47.62 6.08 16.48
C GLY E 78 -47.89 7.47 17.00
N ASP E 79 -48.69 7.62 18.05
CA ASP E 79 -49.01 8.93 18.57
C ASP E 79 -49.00 8.88 20.10
N LEU E 80 -48.71 10.02 20.70
CA LEU E 80 -48.53 10.14 22.14
C LEU E 80 -49.90 10.36 22.77
N THR E 81 -50.43 9.31 23.40
CA THR E 81 -51.70 9.39 24.12
C THR E 81 -51.48 9.97 25.51
N ASP E 82 -52.47 9.81 26.41
CA ASP E 82 -52.42 10.34 27.79
C ASP E 82 -52.24 9.20 28.79
N ILE E 83 -51.49 8.17 28.41
CA ILE E 83 -51.33 6.97 29.23
C ILE E 83 -49.91 6.87 29.75
N PRO E 84 -49.66 7.31 30.97
CA PRO E 84 -48.28 6.97 31.18
C PRO E 84 -48.16 5.49 30.99
N ALA E 85 -46.99 5.10 30.52
CA ALA E 85 -46.46 3.78 30.30
C ALA E 85 -45.02 3.62 30.77
N ILE E 86 -44.51 2.39 30.71
CA ILE E 86 -43.10 2.06 30.77
C ILE E 86 -42.65 1.78 29.35
N LEU E 87 -41.35 1.86 29.09
CA LEU E 87 -40.82 1.68 27.74
C LEU E 87 -39.90 0.47 27.73
N VAL E 88 -40.14 -0.44 26.78
CA VAL E 88 -39.44 -1.73 26.73
C VAL E 88 -38.28 -1.68 25.75
N PHE E 89 -38.44 -0.94 24.65
CA PHE E 89 -37.36 -0.68 23.71
C PHE E 89 -36.76 -1.92 23.07
N VAL E 90 -37.53 -2.63 22.24
CA VAL E 90 -37.00 -3.79 21.55
C VAL E 90 -36.11 -3.33 20.39
N ALA E 91 -35.28 -4.26 19.89
CA ALA E 91 -34.34 -3.91 18.82
C ALA E 91 -35.05 -3.61 17.51
N ARG E 92 -35.93 -4.51 17.07
CA ARG E 92 -36.69 -4.33 15.83
C ARG E 92 -37.92 -5.20 15.94
N LYS E 93 -39.10 -4.58 15.92
CA LYS E 93 -40.32 -5.30 16.21
C LYS E 93 -40.69 -6.26 15.08
N VAL E 94 -41.33 -7.36 15.47
CA VAL E 94 -42.02 -8.24 14.54
C VAL E 94 -43.45 -8.35 15.06
N HIS E 95 -44.38 -8.84 14.24
CA HIS E 95 -45.77 -8.90 14.66
C HIS E 95 -45.93 -10.05 15.63
N LYS E 96 -46.97 -9.99 16.47
CA LYS E 96 -47.19 -10.95 17.53
C LYS E 96 -47.27 -12.39 17.01
N LYS E 97 -47.74 -12.56 15.77
CA LYS E 97 -47.81 -13.89 15.19
C LYS E 97 -46.43 -14.53 15.05
N TRP E 98 -45.45 -13.76 14.60
CA TRP E 98 -44.08 -14.28 14.45
C TRP E 98 -43.30 -14.20 15.76
N LEU E 99 -43.72 -13.35 16.69
CA LEU E 99 -43.03 -13.22 17.95
C LEU E 99 -43.14 -14.50 18.78
N ASN E 100 -42.01 -14.94 19.33
CA ASN E 100 -41.93 -16.14 20.15
C ASN E 100 -42.70 -15.95 21.44
N PRO E 101 -43.21 -17.04 22.04
CA PRO E 101 -43.98 -16.88 23.28
C PRO E 101 -43.13 -16.79 24.53
N ALA E 102 -41.82 -16.80 24.39
CA ALA E 102 -40.88 -16.50 25.48
C ALA E 102 -40.31 -15.10 25.33
N GLN E 103 -40.83 -14.37 24.34
CA GLN E 103 -40.34 -13.04 23.99
C GLN E 103 -41.41 -11.98 24.20
N CYS E 104 -42.62 -12.24 23.69
CA CYS E 104 -43.75 -11.31 23.82
C CYS E 104 -44.14 -11.14 25.28
N LEU E 105 -44.60 -9.93 25.64
CA LEU E 105 -44.91 -9.60 27.02
C LEU E 105 -46.30 -8.97 27.16
N PRO E 106 -47.03 -9.29 28.22
CA PRO E 106 -48.35 -8.70 28.46
C PRO E 106 -48.38 -7.18 28.56
N ALA E 107 -49.51 -6.61 28.14
CA ALA E 107 -49.72 -5.16 28.11
C ALA E 107 -49.86 -4.56 29.50
N ILE E 108 -50.91 -4.95 30.24
CA ILE E 108 -51.25 -4.29 31.49
C ILE E 108 -50.76 -5.14 32.66
N LEU E 109 -50.23 -4.49 33.70
CA LEU E 109 -49.39 -5.15 34.70
C LEU E 109 -49.55 -4.50 36.08
N GLU E 110 -49.12 -5.19 37.15
CA GLU E 110 -49.50 -4.87 38.52
C GLU E 110 -48.36 -4.24 39.30
N GLY E 111 -48.66 -3.85 40.55
CA GLY E 111 -47.81 -3.00 41.34
C GLY E 111 -47.37 -3.51 42.71
N PRO E 112 -46.38 -2.84 43.32
CA PRO E 112 -45.86 -3.29 44.62
C PRO E 112 -46.74 -2.83 45.77
N GLY E 113 -47.56 -3.71 46.32
CA GLY E 113 -48.37 -3.31 47.46
C GLY E 113 -49.53 -2.42 47.08
N GLY E 114 -49.83 -2.34 45.79
CA GLY E 114 -50.91 -1.48 45.34
C GLY E 114 -51.06 -1.35 43.84
N VAL E 115 -51.20 -0.11 43.37
CA VAL E 115 -51.82 0.20 42.08
C VAL E 115 -50.92 -0.11 40.90
N TRP E 116 -51.51 -0.06 39.69
CA TRP E 116 -50.95 -0.64 38.47
C TRP E 116 -50.53 0.44 37.50
N CYS E 117 -49.74 0.04 36.49
CA CYS E 117 -49.35 0.85 35.34
C CYS E 117 -49.54 0.05 34.06
N ASP E 118 -49.00 0.56 32.96
CA ASP E 118 -49.12 -0.08 31.65
C ASP E 118 -47.81 0.00 30.87
N VAL E 119 -47.78 -0.72 29.74
CA VAL E 119 -46.54 -1.04 29.04
C VAL E 119 -46.68 -0.59 27.59
N ASP E 120 -45.59 -0.06 27.02
CA ASP E 120 -45.51 0.26 25.60
C ASP E 120 -44.05 0.31 25.18
N VAL E 121 -43.79 0.14 23.89
CA VAL E 121 -42.42 0.05 23.36
C VAL E 121 -42.13 1.26 22.49
N VAL E 122 -40.88 1.76 22.57
CA VAL E 122 -40.37 2.75 21.62
C VAL E 122 -39.04 2.24 21.10
N GLU E 123 -39.09 1.45 20.01
CA GLU E 123 -38.00 0.64 19.48
C GLU E 123 -36.62 1.27 19.62
N PHE E 124 -35.65 0.52 20.16
CA PHE E 124 -34.32 1.07 20.40
C PHE E 124 -33.19 0.17 19.90
N SER E 125 -32.09 0.79 19.48
CA SER E 125 -30.88 0.09 19.08
C SER E 125 -29.73 1.08 18.97
N TYR E 126 -28.52 0.66 19.35
CA TYR E 126 -27.38 1.55 19.39
C TYR E 126 -26.64 1.58 18.06
N GLN E 137 -22.59 21.76 10.72
CA GLN E 137 -22.91 22.79 11.70
C GLN E 137 -23.92 23.79 11.14
N MET E 138 -24.67 24.42 12.02
CA MET E 138 -25.63 25.45 11.65
C MET E 138 -24.97 26.82 11.77
N PHE E 139 -25.06 27.62 10.71
CA PHE E 139 -24.42 28.91 10.63
C PHE E 139 -25.45 30.01 10.84
N SER E 140 -25.22 30.85 11.85
CA SER E 140 -26.14 31.93 12.18
C SER E 140 -25.38 33.04 12.86
N GLU E 141 -26.01 34.21 12.92
CA GLU E 141 -25.37 35.38 13.55
C GLU E 141 -25.13 35.14 15.03
N LEU E 142 -26.08 34.51 15.72
CA LEU E 142 -25.92 34.25 17.14
C LEU E 142 -24.77 33.29 17.42
N VAL E 143 -24.42 32.46 16.43
CA VAL E 143 -23.33 31.49 16.61
C VAL E 143 -22.00 32.21 16.76
N ASP E 144 -21.64 33.03 15.77
CA ASP E 144 -20.38 33.75 15.83
C ASP E 144 -20.37 34.83 16.92
N LYS E 145 -21.54 35.25 17.40
CA LYS E 145 -21.60 36.24 18.46
C LYS E 145 -21.11 35.70 19.79
N LEU E 146 -21.48 34.47 20.16
CA LEU E 146 -21.19 33.93 21.48
C LEU E 146 -19.69 33.73 21.68
N CYS E 147 -19.08 32.88 20.86
CA CYS E 147 -17.64 32.69 20.88
C CYS E 147 -17.02 33.78 20.01
N GLY E 148 -16.70 34.91 20.64
CA GLY E 148 -16.15 36.03 19.89
C GLY E 148 -16.81 37.36 20.15
N SER E 149 -17.55 37.87 19.16
CA SER E 149 -18.01 39.25 19.05
C SER E 149 -18.46 39.93 20.35
N ASP E 150 -19.12 39.21 21.25
CA ASP E 150 -19.56 39.84 22.49
C ASP E 150 -18.38 40.14 23.40
N GLU E 151 -18.56 41.14 24.27
CA GLU E 151 -17.62 41.47 25.33
C GLU E 151 -18.10 40.96 26.69
N CYS E 152 -19.01 39.98 26.68
CA CYS E 152 -19.55 39.40 27.91
C CYS E 152 -19.58 37.89 27.77
N ILE E 153 -19.58 37.19 28.90
CA ILE E 153 -19.54 35.73 28.94
C ILE E 153 -20.84 35.25 29.55
N GLY E 154 -21.55 34.38 28.84
CA GLY E 154 -22.80 33.85 29.34
C GLY E 154 -23.14 32.46 28.83
N SER E 155 -24.42 32.09 28.91
CA SER E 155 -24.88 30.77 28.51
C SER E 155 -24.81 30.63 27.00
N GLY E 156 -23.74 29.99 26.53
CA GLY E 156 -23.52 29.78 25.12
C GLY E 156 -22.10 30.09 24.70
N SER E 157 -21.48 31.05 25.39
CA SER E 157 -20.10 31.42 25.11
C SER E 157 -19.17 30.24 25.33
N GLN E 158 -18.29 29.96 24.37
CA GLN E 158 -17.41 28.80 24.45
C GLN E 158 -16.31 29.03 25.48
N VAL E 159 -15.90 27.96 26.14
CA VAL E 159 -14.73 27.96 27.00
C VAL E 159 -13.88 26.75 26.63
N ALA E 160 -12.70 27.01 26.09
CA ALA E 160 -11.93 25.94 25.45
C ALA E 160 -10.47 26.05 25.88
N SER E 161 -9.95 24.92 26.34
CA SER E 161 -8.55 24.83 26.75
C SER E 161 -7.91 23.52 26.29
N HIS E 162 -7.04 23.59 25.28
CA HIS E 162 -6.31 22.43 24.78
C HIS E 162 -7.28 21.34 24.34
N GLU E 163 -6.96 20.10 24.71
CA GLU E 163 -7.81 18.91 24.62
C GLU E 163 -8.95 19.03 23.62
N THR E 164 -10.12 19.50 24.06
CA THR E 164 -11.22 19.85 23.16
C THR E 164 -11.88 21.12 23.68
N PHE E 165 -13.05 21.43 23.13
CA PHE E 165 -13.72 22.70 23.37
C PHE E 165 -15.15 22.44 23.84
N GLY E 166 -15.67 23.36 24.64
CA GLY E 166 -17.03 23.24 25.16
C GLY E 166 -17.61 24.60 25.49
N THR E 167 -18.94 24.60 25.66
CA THR E 167 -19.66 25.82 25.99
C THR E 167 -19.62 26.10 27.49
N LEU E 168 -20.26 27.19 27.91
CA LEU E 168 -20.40 27.50 29.33
C LEU E 168 -21.87 27.38 29.73
N GLY E 169 -22.15 26.59 30.75
CA GLY E 169 -23.52 26.35 31.15
C GLY E 169 -24.22 27.57 31.73
N ALA E 170 -23.81 27.98 32.92
CA ALA E 170 -24.41 29.11 33.62
C ALA E 170 -23.40 29.57 34.68
N ILE E 171 -23.73 30.69 35.33
CA ILE E 171 -22.89 31.28 36.35
C ILE E 171 -23.47 30.88 37.71
N VAL E 172 -22.62 30.34 38.58
CA VAL E 172 -23.06 29.64 39.77
C VAL E 172 -22.36 30.18 41.00
N LYS E 173 -23.04 30.08 42.15
CA LYS E 173 -22.56 30.61 43.43
C LYS E 173 -22.61 29.51 44.48
N ARG E 174 -21.48 29.26 45.12
CA ARG E 174 -21.46 28.37 46.29
C ARG E 174 -21.81 29.15 47.54
N ARG E 175 -22.54 28.53 48.47
CA ARG E 175 -22.98 29.26 49.65
C ARG E 175 -22.17 28.89 50.88
N THR E 176 -21.78 27.62 51.01
CA THR E 176 -21.12 27.15 52.22
C THR E 176 -19.65 27.56 52.28
N GLY E 177 -18.87 27.22 51.25
CA GLY E 177 -17.43 27.33 51.35
C GLY E 177 -16.89 28.71 51.70
N ASN E 178 -16.96 29.68 50.77
CA ASN E 178 -16.66 31.05 51.13
C ASN E 178 -17.50 32.05 50.34
N LYS E 179 -18.61 31.59 49.76
CA LYS E 179 -19.52 32.44 48.99
C LYS E 179 -18.83 33.15 47.84
N GLN E 180 -18.33 32.40 46.87
CA GLN E 180 -17.71 32.95 45.66
C GLN E 180 -18.62 32.72 44.46
N VAL E 181 -18.09 33.05 43.28
CA VAL E 181 -18.83 33.05 42.03
C VAL E 181 -18.08 32.17 41.02
N GLY E 182 -18.82 31.39 40.25
CA GLY E 182 -18.20 30.54 39.25
C GLY E 182 -19.14 30.23 38.10
N PHE E 183 -18.64 29.39 37.19
CA PHE E 183 -19.44 28.89 36.08
C PHE E 183 -19.22 27.39 35.98
N LEU E 184 -20.13 26.73 35.27
CA LEU E 184 -20.20 25.27 35.24
C LEU E 184 -20.01 24.78 33.80
N THR E 185 -19.44 23.58 33.64
CA THR E 185 -19.35 22.91 32.33
C THR E 185 -19.51 21.41 32.44
N ASN E 186 -18.86 20.69 31.53
CA ASN E 186 -19.18 19.28 31.28
C ASN E 186 -17.94 18.40 31.17
N HIS E 187 -17.46 17.87 32.31
CA HIS E 187 -16.28 17.01 32.44
C HIS E 187 -15.36 16.93 31.23
N HIS E 188 -15.62 15.99 30.31
CA HIS E 188 -14.78 15.69 29.17
C HIS E 188 -14.18 16.91 28.49
N VAL E 189 -15.02 17.84 28.04
CA VAL E 189 -14.53 19.05 27.39
C VAL E 189 -13.70 19.92 28.33
N ALA E 190 -13.98 19.92 29.63
CA ALA E 190 -13.18 20.67 30.58
C ALA E 190 -12.09 19.85 31.26
N VAL E 191 -12.47 18.89 32.12
CA VAL E 191 -11.54 18.02 32.83
C VAL E 191 -12.28 16.76 33.23
N ASP E 192 -11.74 15.58 32.89
CA ASP E 192 -12.32 14.35 33.40
C ASP E 192 -11.31 13.64 34.29
N LEU E 193 -10.16 13.22 33.77
CA LEU E 193 -9.21 12.48 34.59
C LEU E 193 -7.76 12.86 34.36
N ASP E 194 -7.44 13.40 33.18
CA ASP E 194 -6.05 13.58 32.78
C ASP E 194 -5.33 14.55 33.71
N TYR E 195 -5.98 15.65 34.03
CA TYR E 195 -5.41 16.65 34.93
C TYR E 195 -6.53 17.28 35.76
N PRO E 196 -6.75 16.85 37.00
CA PRO E 196 -7.67 17.56 37.91
C PRO E 196 -7.27 19.00 38.20
N ASN E 197 -6.11 19.45 37.73
CA ASN E 197 -5.62 20.81 37.90
C ASN E 197 -5.39 21.46 36.53
N GLN E 198 -6.04 20.94 35.50
CA GLN E 198 -5.88 21.45 34.15
C GLN E 198 -6.44 22.86 34.04
N LYS E 199 -5.88 23.63 33.11
CA LYS E 199 -6.26 25.03 32.91
C LYS E 199 -7.55 25.08 32.10
N MET E 200 -8.42 26.02 32.45
CA MET E 200 -9.49 26.45 31.54
C MET E 200 -9.11 27.75 30.86
N PHE E 201 -9.40 27.82 29.57
CA PHE E 201 -8.98 28.92 28.72
C PHE E 201 -10.14 29.39 27.86
N HIS E 202 -10.00 30.58 27.30
CA HIS E 202 -11.04 31.18 26.48
C HIS E 202 -10.51 31.31 25.05
N PRO E 203 -11.30 31.79 24.08
CA PRO E 203 -11.40 31.11 22.77
C PRO E 203 -10.51 29.88 22.64
N LEU E 204 -9.30 30.04 22.17
CA LEU E 204 -8.34 28.96 22.14
C LEU E 204 -7.04 29.41 22.80
N PRO E 205 -6.33 28.49 23.47
CA PRO E 205 -5.19 28.91 24.29
C PRO E 205 -4.03 29.38 23.42
N PRO E 206 -2.97 29.93 24.03
CA PRO E 206 -1.76 30.29 23.27
C PRO E 206 -1.23 29.18 22.37
N ASN E 207 -1.67 27.94 22.60
CA ASN E 207 -1.40 26.85 21.67
C ASN E 207 -1.68 27.27 20.23
N LEU E 208 -2.88 27.80 19.99
CA LEU E 208 -3.21 28.44 18.71
C LEU E 208 -4.38 29.38 18.96
N GLY E 209 -4.12 30.68 18.88
CA GLY E 209 -5.18 31.66 19.04
C GLY E 209 -4.88 32.68 20.12
N PRO E 210 -5.86 33.56 20.39
CA PRO E 210 -5.65 34.65 21.36
C PRO E 210 -5.31 34.15 22.77
N GLY E 211 -6.24 33.43 23.37
CA GLY E 211 -6.04 32.86 24.68
C GLY E 211 -6.17 33.86 25.82
N VAL E 212 -6.88 33.47 26.87
CA VAL E 212 -6.86 34.20 28.13
C VAL E 212 -7.22 33.23 29.25
N TYR E 213 -6.36 33.12 30.25
CA TYR E 213 -6.55 32.14 31.30
C TYR E 213 -7.67 32.59 32.23
N LEU E 214 -8.84 31.99 32.07
CA LEU E 214 -10.03 32.46 32.77
C LEU E 214 -10.72 31.33 33.53
N GLY E 215 -9.96 30.41 34.10
CA GLY E 215 -10.57 29.37 34.91
C GLY E 215 -9.67 28.22 35.33
N ALA E 216 -9.84 27.76 36.57
CA ALA E 216 -9.14 26.60 37.09
C ALA E 216 -10.19 25.54 37.42
N VAL E 217 -9.76 24.45 38.06
CA VAL E 217 -10.70 23.38 38.39
C VAL E 217 -10.72 23.17 39.89
N GLU E 218 -11.83 22.62 40.40
CA GLU E 218 -12.10 22.52 41.83
C GLU E 218 -12.92 21.27 42.12
N ARG E 219 -13.66 21.28 43.24
CA ARG E 219 -14.26 20.07 43.76
C ARG E 219 -15.34 19.56 42.83
N ALA E 220 -14.95 19.14 41.63
CA ALA E 220 -15.88 18.67 40.62
C ALA E 220 -16.31 17.24 40.91
N THR E 221 -17.50 17.09 41.49
CA THR E 221 -18.05 15.78 41.82
C THR E 221 -18.32 15.03 40.52
N SER E 222 -17.53 13.99 40.26
CA SER E 222 -17.73 13.11 39.11
C SER E 222 -18.88 12.16 39.42
N PHE E 223 -18.98 11.07 38.66
CA PHE E 223 -20.08 10.11 38.73
C PHE E 223 -20.59 9.90 40.17
N ILE E 224 -21.89 10.09 40.37
CA ILE E 224 -22.47 10.08 41.71
C ILE E 224 -23.02 8.69 42.00
N THR E 225 -23.10 8.34 43.29
CA THR E 225 -23.68 7.08 43.70
C THR E 225 -25.21 7.15 43.72
N ASP E 226 -25.83 6.05 44.13
CA ASP E 226 -27.28 5.92 44.08
C ASP E 226 -27.93 6.54 45.32
N ASP E 227 -29.22 6.85 45.20
CA ASP E 227 -30.07 7.34 46.29
C ASP E 227 -29.67 8.73 46.76
N VAL E 228 -28.79 9.40 46.01
CA VAL E 228 -28.42 10.78 46.35
C VAL E 228 -29.56 11.74 46.02
N TRP E 229 -30.51 11.32 45.18
CA TRP E 229 -31.71 12.09 44.84
C TRP E 229 -32.85 11.10 44.66
N TYR E 230 -33.92 11.50 44.00
CA TYR E 230 -35.16 10.72 43.90
C TYR E 230 -35.81 10.51 45.26
N GLY E 231 -35.60 9.33 45.84
CA GLY E 231 -36.46 8.83 46.88
C GLY E 231 -37.20 7.64 46.31
N ILE E 232 -36.65 7.15 45.21
CA ILE E 232 -37.24 6.06 44.43
C ILE E 232 -36.29 4.88 44.50
N TYR E 233 -36.83 3.70 44.79
CA TYR E 233 -35.99 2.51 44.82
C TYR E 233 -36.74 1.32 44.26
N ALA E 234 -36.25 0.83 43.12
CA ALA E 234 -36.61 -0.48 42.59
C ALA E 234 -35.35 -1.10 41.99
N GLY E 235 -34.20 -0.82 42.60
CA GLY E 235 -32.90 -1.23 42.09
C GLY E 235 -32.81 -2.68 41.67
N THR E 236 -32.51 -2.89 40.39
CA THR E 236 -32.49 -4.23 39.82
C THR E 236 -31.19 -4.96 40.17
N ASN E 237 -30.07 -4.42 39.73
CA ASN E 237 -28.79 -5.09 39.93
C ASN E 237 -28.03 -4.43 41.07
N PRO E 238 -27.19 -5.17 41.81
CA PRO E 238 -26.46 -4.58 42.93
C PRO E 238 -25.62 -3.35 42.55
N GLU E 239 -24.98 -3.41 41.38
CA GLU E 239 -24.14 -2.31 40.92
C GLU E 239 -24.95 -1.04 40.64
N THR E 240 -24.36 0.12 40.91
CA THR E 240 -24.95 1.42 40.60
C THR E 240 -23.90 2.52 40.70
N PHE E 241 -23.72 3.25 39.59
CA PHE E 241 -22.98 4.52 39.58
C PHE E 241 -23.54 5.40 38.47
N VAL E 242 -24.10 6.54 38.82
CA VAL E 242 -25.15 7.16 38.05
C VAL E 242 -24.66 8.50 37.52
N ARG E 243 -25.25 8.98 36.42
CA ARG E 243 -24.63 10.04 35.62
C ARG E 243 -25.23 11.39 36.02
N ALA E 244 -24.71 11.95 37.11
CA ALA E 244 -24.95 13.37 37.34
C ALA E 244 -24.14 14.21 36.36
N ASP E 245 -22.82 14.00 36.34
CA ASP E 245 -21.94 14.33 35.23
C ASP E 245 -21.77 15.84 35.08
N GLY E 246 -20.54 16.27 34.86
CA GLY E 246 -20.21 17.69 34.86
C GLY E 246 -19.03 17.97 35.74
N ALA E 247 -18.63 19.24 35.76
CA ALA E 247 -17.42 19.67 36.47
C ALA E 247 -17.60 21.09 36.96
N PHE E 248 -16.53 21.71 37.47
CA PHE E 248 -16.60 23.06 38.00
C PHE E 248 -15.31 23.82 37.77
N ILE E 249 -15.44 25.15 37.73
CA ILE E 249 -14.33 26.07 37.55
C ILE E 249 -14.51 27.22 38.53
N PRO E 250 -13.56 27.51 39.42
CA PRO E 250 -13.71 28.72 40.23
C PRO E 250 -13.21 29.93 39.46
N PHE E 251 -13.74 31.10 39.76
CA PHE E 251 -13.33 32.31 39.05
C PHE E 251 -11.93 32.73 39.51
N ALA E 252 -11.03 32.91 38.55
CA ALA E 252 -9.66 33.27 38.85
C ALA E 252 -9.58 34.67 39.41
N ASP E 253 -8.38 35.08 39.84
CA ASP E 253 -8.20 36.37 40.51
C ASP E 253 -8.52 37.54 39.59
N ASP E 254 -7.77 37.70 38.50
CA ASP E 254 -8.00 38.83 37.61
C ASP E 254 -9.38 38.75 36.96
N PHE E 255 -9.53 37.81 36.01
CA PHE E 255 -10.74 37.38 35.32
C PHE E 255 -11.66 38.58 35.00
N ASP E 256 -11.09 39.75 34.72
CA ASP E 256 -11.81 40.87 34.13
C ASP E 256 -13.27 40.96 34.59
N ILE E 257 -13.49 41.08 35.91
CA ILE E 257 -14.76 40.67 36.52
C ILE E 257 -15.95 41.38 35.91
N SER E 258 -15.71 42.49 35.20
CA SER E 258 -16.81 43.22 34.57
C SER E 258 -17.48 42.39 33.47
N THR E 259 -16.68 41.65 32.71
CA THR E 259 -17.19 40.96 31.52
C THR E 259 -17.85 39.63 31.83
N VAL E 260 -18.94 39.64 32.61
CA VAL E 260 -19.79 38.48 32.78
C VAL E 260 -21.24 38.94 32.67
N THR E 261 -21.97 38.39 31.72
CA THR E 261 -23.38 38.73 31.53
C THR E 261 -24.24 37.88 32.44
N THR E 262 -25.31 38.47 32.98
CA THR E 262 -26.24 37.71 33.80
C THR E 262 -27.49 37.34 33.00
N VAL E 263 -27.85 38.15 32.01
CA VAL E 263 -28.98 37.86 31.13
C VAL E 263 -28.59 36.75 30.18
N VAL E 264 -29.58 36.18 29.49
CA VAL E 264 -29.36 35.13 28.50
C VAL E 264 -29.43 35.77 27.13
N ARG E 265 -28.39 35.54 26.32
CA ARG E 265 -28.29 36.16 25.00
C ARG E 265 -29.24 35.49 24.01
N GLY E 266 -30.36 36.15 23.72
CA GLY E 266 -31.36 35.61 22.83
C GLY E 266 -32.68 35.39 23.53
N VAL E 267 -32.63 35.16 24.84
CA VAL E 267 -33.81 34.93 25.64
C VAL E 267 -34.12 36.11 26.54
N GLY E 268 -33.12 36.63 27.24
CA GLY E 268 -33.31 37.76 28.14
C GLY E 268 -32.92 37.45 29.57
N ASP E 269 -33.78 37.81 30.52
CA ASP E 269 -33.57 37.50 31.92
C ASP E 269 -34.51 36.36 32.30
N ILE E 270 -34.03 35.50 33.21
CA ILE E 270 -34.71 34.24 33.47
C ILE E 270 -35.02 34.10 34.95
N GLY E 271 -35.52 32.92 35.34
CA GLY E 271 -36.00 32.70 36.69
C GLY E 271 -35.08 31.80 37.47
N ASP E 272 -35.50 31.51 38.71
CA ASP E 272 -34.65 30.83 39.66
C ASP E 272 -34.55 29.33 39.35
N VAL E 273 -34.04 28.58 40.32
CA VAL E 273 -33.74 27.17 40.18
C VAL E 273 -35.02 26.34 40.25
N LYS E 274 -36.18 27.01 40.30
CA LYS E 274 -37.44 26.43 40.72
C LYS E 274 -37.56 24.98 40.26
N VAL E 275 -37.68 24.07 41.23
CA VAL E 275 -37.43 22.66 40.99
C VAL E 275 -38.60 22.03 40.26
N ILE E 276 -38.31 21.05 39.41
CA ILE E 276 -39.34 20.12 38.95
C ILE E 276 -39.20 18.87 39.82
N ASP E 277 -40.13 18.70 40.75
CA ASP E 277 -40.18 17.51 41.58
C ASP E 277 -40.66 16.34 40.74
N LEU E 278 -40.63 15.16 41.33
CA LEU E 278 -40.83 13.95 40.55
C LEU E 278 -42.21 13.34 40.72
N GLN E 279 -43.14 14.03 41.40
CA GLN E 279 -44.48 13.47 41.56
C GLN E 279 -45.59 14.49 41.33
N CYS E 280 -45.26 15.77 41.14
CA CYS E 280 -46.30 16.73 40.75
C CYS E 280 -46.87 16.33 39.39
N PRO E 281 -48.13 16.71 39.07
CA PRO E 281 -48.82 16.18 37.88
C PRO E 281 -47.94 15.96 36.66
N LEU E 282 -48.10 14.79 36.04
CA LEU E 282 -47.20 14.32 34.99
C LEU E 282 -47.01 15.35 33.87
N ASN E 283 -48.09 16.04 33.47
CA ASN E 283 -48.06 16.88 32.27
C ASN E 283 -46.97 17.94 32.35
N SER E 284 -46.48 18.23 33.57
CA SER E 284 -45.41 19.20 33.73
C SER E 284 -44.13 18.75 33.02
N LEU E 285 -43.60 17.58 33.39
CA LEU E 285 -42.31 17.16 32.88
C LEU E 285 -42.43 16.30 31.63
N ILE E 286 -43.29 15.29 31.66
CA ILE E 286 -43.26 14.24 30.65
C ILE E 286 -43.92 14.75 29.37
N GLY E 287 -43.14 15.40 28.53
CA GLY E 287 -43.61 15.94 27.26
C GLY E 287 -43.97 17.40 27.40
N ARG E 288 -43.06 18.29 27.02
CA ARG E 288 -43.26 19.73 27.10
C ARG E 288 -42.16 20.40 26.28
N GLN E 289 -42.39 21.65 25.88
CA GLN E 289 -41.47 22.37 25.00
C GLN E 289 -40.28 22.85 25.82
N VAL E 290 -39.07 22.61 25.32
CA VAL E 290 -37.87 23.19 25.90
C VAL E 290 -37.12 23.92 24.80
N CYS E 291 -36.01 24.57 25.15
CA CYS E 291 -35.16 25.21 24.15
C CYS E 291 -33.74 25.25 24.69
N LYS E 292 -32.83 25.90 23.95
CA LYS E 292 -31.42 25.92 24.31
C LYS E 292 -30.79 27.18 23.74
N VAL E 293 -29.65 27.55 24.32
CA VAL E 293 -28.81 28.63 23.80
C VAL E 293 -27.37 28.14 23.75
N GLY E 294 -26.93 27.67 22.58
CA GLY E 294 -25.62 27.09 22.42
C GLY E 294 -24.83 27.68 21.27
N ARG E 295 -23.60 27.17 21.13
CA ARG E 295 -22.65 27.64 20.14
C ARG E 295 -22.63 26.78 18.88
N SER E 296 -23.40 25.69 18.87
CA SER E 296 -23.36 24.76 17.75
C SER E 296 -24.61 24.87 16.89
N SER E 297 -25.75 25.10 17.50
CA SER E 297 -27.02 25.18 16.76
C SER E 297 -27.77 26.47 17.07
N GLY E 298 -27.06 27.48 17.58
CA GLY E 298 -27.72 28.72 17.94
C GLY E 298 -28.75 28.54 19.04
N HIS E 299 -30.03 28.64 18.67
CA HIS E 299 -31.12 28.53 19.64
C HIS E 299 -32.22 27.62 19.10
N THR E 300 -32.15 26.32 19.41
CA THR E 300 -33.11 25.35 18.89
C THR E 300 -34.22 25.05 19.87
N THR E 301 -35.03 24.05 19.57
CA THR E 301 -36.24 23.71 20.34
C THR E 301 -36.38 22.19 20.29
N GLY E 302 -37.35 21.66 21.03
CA GLY E 302 -37.60 20.22 21.06
C GLY E 302 -38.23 19.70 22.34
N THR E 303 -39.25 18.86 22.20
CA THR E 303 -40.05 18.39 23.32
C THR E 303 -39.46 17.12 23.94
N VAL E 304 -39.93 16.79 25.14
CA VAL E 304 -39.42 15.67 25.92
C VAL E 304 -40.27 14.44 25.67
N MET E 305 -39.67 13.26 25.77
CA MET E 305 -40.42 12.01 25.63
C MET E 305 -40.56 11.26 26.95
N ALA E 306 -39.45 10.96 27.62
CA ALA E 306 -39.44 10.06 28.76
C ALA E 306 -38.42 10.52 29.80
N TYR E 307 -38.14 9.66 30.79
CA TYR E 307 -37.29 9.98 31.92
C TYR E 307 -36.75 8.68 32.49
N ALA E 308 -35.57 8.72 33.09
CA ALA E 308 -34.99 7.58 33.81
C ALA E 308 -34.90 6.35 32.92
N LEU E 309 -34.07 6.42 31.89
CA LEU E 309 -33.97 5.35 30.92
C LEU E 309 -32.82 4.43 31.29
N GLU E 310 -33.14 3.29 31.89
CA GLU E 310 -32.16 2.41 32.49
C GLU E 310 -31.59 1.43 31.44
N TYR E 311 -30.74 1.98 30.58
CA TYR E 311 -30.13 1.23 29.49
C TYR E 311 -28.86 0.54 29.99
N ASN E 312 -28.30 -0.32 29.14
CA ASN E 312 -27.12 -1.12 29.48
C ASN E 312 -25.88 -0.41 28.97
N ASP E 313 -25.14 0.22 29.88
CA ASP E 313 -23.85 0.81 29.55
C ASP E 313 -22.81 -0.27 29.25
N GLU E 314 -21.69 0.16 28.67
CA GLU E 314 -20.66 -0.74 28.18
C GLU E 314 -20.10 -1.64 29.28
N LYS E 315 -19.78 -1.05 30.44
CA LYS E 315 -19.28 -1.81 31.58
C LYS E 315 -20.39 -2.18 32.57
N GLY E 316 -21.64 -2.01 32.17
CA GLY E 316 -22.76 -2.53 32.94
C GLY E 316 -23.22 -1.65 34.08
N ILE E 317 -22.50 -0.56 34.32
CA ILE E 317 -22.80 0.32 35.45
C ILE E 317 -24.06 1.12 35.17
N CYS E 318 -25.02 1.10 36.11
CA CYS E 318 -26.29 1.80 35.93
C CYS E 318 -26.07 3.31 35.99
N PHE E 319 -26.25 3.98 34.86
CA PHE E 319 -25.60 5.25 34.59
C PHE E 319 -26.60 6.17 33.87
N PHE E 320 -26.97 7.27 34.54
CA PHE E 320 -28.19 8.04 34.25
C PHE E 320 -28.59 8.19 32.80
N THR E 321 -29.90 8.10 32.54
CA THR E 321 -30.53 8.83 31.45
C THR E 321 -31.67 9.70 32.00
N ASP E 322 -31.30 10.92 32.39
CA ASP E 322 -32.18 11.84 33.12
C ASP E 322 -33.50 12.06 32.40
N ILE E 323 -33.43 12.54 31.16
CA ILE E 323 -34.63 12.75 30.35
C ILE E 323 -34.35 12.24 28.94
N LEU E 324 -35.42 12.01 28.20
CA LEU E 324 -35.37 11.71 26.78
C LEU E 324 -36.09 12.83 26.03
N VAL E 325 -35.37 13.91 25.76
CA VAL E 325 -35.94 15.09 25.10
C VAL E 325 -35.47 15.11 23.65
N VAL E 326 -36.41 15.36 22.74
CA VAL E 326 -36.24 15.09 21.31
C VAL E 326 -36.55 16.39 20.57
N GLY E 327 -35.73 16.71 19.56
CA GLY E 327 -35.88 17.94 18.80
C GLY E 327 -37.22 18.14 18.14
N GLU E 328 -37.64 19.40 18.03
CA GLU E 328 -38.93 19.75 17.46
C GLU E 328 -38.83 19.91 15.95
N ASN E 329 -39.95 19.66 15.26
CA ASN E 329 -40.02 19.74 13.81
C ASN E 329 -38.95 18.89 13.15
N ARG E 330 -38.50 17.84 13.85
CA ARG E 330 -37.56 16.84 13.35
C ARG E 330 -36.18 17.42 13.03
N GLN E 331 -35.82 18.54 13.63
CA GLN E 331 -34.48 19.11 13.48
C GLN E 331 -33.76 18.85 14.80
N THR E 332 -32.47 18.55 14.71
CA THR E 332 -31.71 18.08 15.88
C THR E 332 -31.56 19.18 16.93
N PHE E 333 -31.60 18.78 18.21
CA PHE E 333 -31.41 19.72 19.30
C PHE E 333 -29.94 20.15 19.45
N ASP E 334 -29.01 19.23 19.24
CA ASP E 334 -27.59 19.54 19.21
C ASP E 334 -26.85 18.48 18.41
N LEU E 335 -25.66 18.83 17.90
CA LEU E 335 -24.98 17.94 16.97
C LEU E 335 -23.76 17.25 17.60
N GLU E 336 -22.80 18.04 18.09
CA GLU E 336 -21.56 17.50 18.66
C GLU E 336 -20.84 18.67 19.34
N GLY E 337 -20.39 18.45 20.56
CA GLY E 337 -19.67 19.46 21.31
C GLY E 337 -20.51 20.67 21.66
N ASP E 338 -21.80 20.44 21.91
CA ASP E 338 -22.69 21.49 22.35
C ASP E 338 -23.06 21.23 23.81
N SER E 339 -22.13 20.62 24.54
CA SER E 339 -22.36 20.20 25.91
C SER E 339 -22.27 21.40 26.85
N GLY E 340 -23.10 21.35 27.91
CA GLY E 340 -23.10 22.37 28.92
C GLY E 340 -24.24 23.35 28.85
N SER E 341 -24.73 23.68 27.65
CA SER E 341 -25.77 24.68 27.47
C SER E 341 -27.01 24.29 28.26
N LEU E 342 -27.63 25.27 28.92
CA LEU E 342 -28.78 25.02 29.76
C LEU E 342 -29.97 24.57 28.91
N ILE E 343 -30.58 23.44 29.30
CA ILE E 343 -31.90 23.11 28.79
C ILE E 343 -32.88 23.98 29.55
N ILE E 344 -33.32 25.07 28.93
CA ILE E 344 -34.08 26.10 29.60
C ILE E 344 -35.53 26.00 29.11
N LEU E 345 -36.47 26.03 30.03
CA LEU E 345 -37.88 25.82 29.72
C LEU E 345 -38.48 27.05 29.05
N THR E 346 -39.56 26.85 28.30
CA THR E 346 -40.28 27.96 27.71
C THR E 346 -41.13 28.63 28.78
N SER E 347 -41.96 29.59 28.37
CA SER E 347 -42.75 30.38 29.30
C SER E 347 -44.18 29.83 29.39
N GLN E 348 -44.81 30.12 30.52
CA GLN E 348 -46.22 29.83 30.74
C GLN E 348 -46.88 31.10 31.28
N ASP E 349 -47.64 31.77 30.42
CA ASP E 349 -48.27 33.05 30.74
C ASP E 349 -47.23 34.10 31.09
N GLY E 350 -46.27 34.24 30.18
CA GLY E 350 -45.27 35.29 30.22
C GLY E 350 -44.47 35.42 31.51
N GLU E 351 -43.89 34.31 31.99
CA GLU E 351 -43.05 34.38 33.18
C GLU E 351 -41.60 34.06 32.80
N LYS E 352 -40.72 34.03 33.78
CA LYS E 352 -39.30 33.84 33.56
C LYS E 352 -39.02 32.44 33.00
N PRO E 353 -38.05 32.34 32.09
CA PRO E 353 -37.69 31.03 31.51
C PRO E 353 -36.89 30.15 32.46
N ARG E 354 -37.59 29.38 33.28
CA ARG E 354 -36.95 28.58 34.31
C ARG E 354 -36.00 27.53 33.71
N PRO E 355 -34.74 27.47 34.16
CA PRO E 355 -33.76 26.54 33.60
C PRO E 355 -33.78 25.13 34.20
N ILE E 356 -34.59 24.22 33.67
CA ILE E 356 -34.68 22.88 34.23
C ILE E 356 -33.47 21.99 33.91
N GLY E 357 -32.81 22.22 32.77
CA GLY E 357 -31.81 21.26 32.36
C GLY E 357 -30.48 21.78 31.84
N ILE E 358 -29.55 20.87 31.59
CA ILE E 358 -28.19 21.18 31.14
C ILE E 358 -27.75 20.08 30.16
N ILE E 359 -27.03 20.46 29.10
CA ILE E 359 -26.59 19.50 28.10
C ILE E 359 -25.32 18.77 28.48
N TRP E 360 -25.44 17.51 28.87
CA TRP E 360 -24.38 16.55 28.60
C TRP E 360 -24.80 15.71 27.41
N GLY E 361 -26.11 15.46 27.32
CA GLY E 361 -26.60 14.55 26.30
C GLY E 361 -26.22 15.02 24.91
N GLY E 362 -25.21 14.37 24.36
CA GLY E 362 -24.76 14.63 23.02
C GLY E 362 -25.19 13.45 22.17
N THR E 363 -26.23 13.66 21.36
CA THR E 363 -26.88 12.57 20.66
C THR E 363 -25.88 11.81 19.80
N ALA E 364 -25.35 12.50 18.79
CA ALA E 364 -24.22 12.06 17.95
C ALA E 364 -24.09 10.55 17.87
N ASN E 365 -22.87 10.07 18.10
CA ASN E 365 -22.52 8.69 18.42
C ASN E 365 -23.53 7.64 17.98
N ARG E 366 -24.47 7.28 18.88
CA ARG E 366 -25.38 6.19 18.61
C ARG E 366 -26.83 6.52 19.00
N GLY E 367 -27.18 7.78 19.20
CA GLY E 367 -28.51 8.13 19.66
C GLY E 367 -29.52 8.37 18.54
N ARG E 368 -29.92 7.29 17.86
CA ARG E 368 -30.87 7.38 16.75
C ARG E 368 -32.26 6.96 17.21
N LEU E 369 -33.15 7.93 17.47
CA LEU E 369 -34.48 7.64 17.99
C LEU E 369 -35.43 7.21 16.88
N LYS E 370 -35.39 5.93 16.51
CA LYS E 370 -36.30 5.44 15.48
C LYS E 370 -37.75 5.51 15.93
N LEU E 371 -38.66 5.77 14.98
CA LEU E 371 -40.08 5.92 15.28
C LEU E 371 -40.89 5.10 14.29
N THR E 372 -42.21 5.27 14.30
CA THR E 372 -43.10 4.45 13.48
C THR E 372 -43.65 5.22 12.29
N SER E 373 -43.94 6.51 12.47
CA SER E 373 -44.64 7.28 11.45
C SER E 373 -43.76 7.53 10.22
N ASP E 374 -43.86 6.63 9.25
CA ASP E 374 -43.35 6.76 7.88
C ASP E 374 -41.92 7.30 7.83
N HIS E 375 -41.17 7.02 8.88
CA HIS E 375 -39.73 7.22 8.88
C HIS E 375 -39.23 6.55 10.15
N GLY E 376 -37.93 6.44 10.30
CA GLY E 376 -37.33 5.90 11.49
C GLY E 376 -36.38 6.93 12.04
N PRO E 377 -35.21 6.48 12.49
CA PRO E 377 -34.22 7.36 13.14
C PRO E 377 -34.48 8.86 13.29
N GLU E 378 -35.38 9.25 14.19
CA GLU E 378 -35.28 10.57 14.80
C GLU E 378 -34.07 10.55 15.71
N ASN E 379 -33.78 11.63 16.42
CA ASN E 379 -32.55 11.73 17.17
C ASN E 379 -32.79 12.53 18.45
N TRP E 380 -32.33 11.99 19.57
CA TRP E 380 -32.75 12.38 20.91
C TRP E 380 -31.60 12.88 21.77
N THR E 381 -31.83 14.00 22.46
CA THR E 381 -30.91 14.49 23.48
C THR E 381 -31.23 13.91 24.85
N SER E 382 -30.27 14.00 25.77
CA SER E 382 -30.36 13.41 27.10
C SER E 382 -29.89 14.36 28.21
N GLY E 383 -30.37 15.61 28.20
CA GLY E 383 -29.93 16.60 29.18
C GLY E 383 -30.15 16.15 30.62
N VAL E 384 -29.44 16.80 31.54
CA VAL E 384 -29.39 16.36 32.93
C VAL E 384 -30.29 17.22 33.82
N ASP E 385 -30.54 16.76 35.04
CA ASP E 385 -31.25 17.52 36.05
C ASP E 385 -30.35 18.63 36.59
N LEU E 386 -30.92 19.80 36.86
CA LEU E 386 -30.11 20.92 37.33
C LEU E 386 -29.63 20.70 38.76
N GLY E 387 -30.53 20.28 39.65
CA GLY E 387 -30.22 20.13 41.05
C GLY E 387 -29.12 19.13 41.31
N ARG E 388 -29.07 18.07 40.50
CA ARG E 388 -28.02 17.07 40.63
C ARG E 388 -26.64 17.69 40.42
N LEU E 389 -26.58 18.84 39.76
CA LEU E 389 -25.31 19.54 39.57
C LEU E 389 -25.14 20.72 40.52
N LEU E 390 -26.22 21.35 40.96
CA LEU E 390 -26.12 22.52 41.82
C LEU E 390 -26.44 22.24 43.28
N ASP E 391 -26.44 20.97 43.68
CA ASP E 391 -26.55 20.65 45.10
C ASP E 391 -25.60 19.55 45.56
N ARG E 392 -24.69 19.07 44.70
CA ARG E 392 -23.83 17.96 45.06
C ARG E 392 -22.42 18.39 45.42
N LEU E 393 -21.91 19.46 44.82
CA LEU E 393 -20.72 20.14 45.33
C LEU E 393 -21.15 21.52 45.81
N GLU E 394 -22.33 21.57 46.45
CA GLU E 394 -22.98 22.78 46.94
C GLU E 394 -23.42 23.57 45.71
N LEU E 395 -23.00 24.83 45.54
CA LEU E 395 -23.34 25.70 44.42
C LEU E 395 -24.80 26.14 44.41
N ASP E 396 -25.06 27.26 43.75
CA ASP E 396 -26.41 27.79 43.54
C ASP E 396 -26.35 28.76 42.37
N ILE E 397 -27.42 28.82 41.57
CA ILE E 397 -27.45 29.63 40.37
C ILE E 397 -27.51 31.11 40.75
N ILE E 398 -27.00 31.98 39.87
CA ILE E 398 -26.85 33.42 40.13
C ILE E 398 -27.80 34.19 39.22
N ILE E 399 -28.97 33.62 38.95
CA ILE E 399 -29.91 34.05 37.91
C ILE E 399 -29.98 35.57 37.75
N THR E 400 -30.12 36.29 38.85
CA THR E 400 -30.46 37.71 38.81
C THR E 400 -29.20 38.55 38.71
N ASN E 401 -29.29 39.65 37.95
CA ASN E 401 -28.17 40.55 37.71
C ASN E 401 -27.59 41.12 39.01
N GLU E 402 -28.47 41.54 39.92
CA GLU E 402 -28.04 42.22 41.15
C GLU E 402 -27.29 41.30 42.11
N SER E 403 -27.00 40.06 41.73
CA SER E 403 -26.20 39.16 42.53
C SER E 403 -24.75 39.07 42.04
N LEU E 404 -24.35 39.96 41.13
CA LEU E 404 -22.96 40.01 40.65
C LEU E 404 -22.20 41.13 41.35
N GLN E 405 -22.68 42.37 41.28
CA GLN E 405 -21.96 43.50 41.87
C GLN E 405 -21.90 43.38 43.39
N ASP E 406 -23.01 42.98 44.01
CA ASP E 406 -23.07 42.84 45.46
C ASP E 406 -23.69 41.50 45.85
N GLN F 44 -40.12 -4.89 -43.10
CA GLN F 44 -39.02 -4.73 -42.15
C GLN F 44 -39.07 -5.78 -41.04
N ALA F 45 -38.62 -5.40 -39.86
CA ALA F 45 -38.51 -6.32 -38.73
C ALA F 45 -39.72 -6.18 -37.81
N ASN F 46 -40.41 -7.30 -37.59
CA ASN F 46 -41.63 -7.29 -36.77
C ASN F 46 -41.79 -8.56 -35.94
N SER F 47 -40.76 -9.40 -35.88
CA SER F 47 -40.92 -10.73 -35.30
C SER F 47 -39.78 -11.01 -34.33
N LEU F 48 -40.03 -11.97 -33.43
CA LEU F 48 -38.97 -12.51 -32.59
C LEU F 48 -37.74 -12.87 -33.41
N LEU F 49 -37.90 -13.77 -34.38
CA LEU F 49 -36.80 -14.28 -35.17
C LEU F 49 -36.26 -13.23 -36.13
N ASP F 50 -37.09 -12.29 -36.57
CA ASP F 50 -36.68 -11.23 -37.47
C ASP F 50 -35.50 -10.45 -36.90
N LEU F 51 -35.44 -10.35 -35.57
CA LEU F 51 -34.26 -9.82 -34.92
C LEU F 51 -33.31 -10.93 -34.47
N MET F 52 -33.87 -12.06 -34.02
CA MET F 52 -33.09 -13.03 -33.27
C MET F 52 -32.13 -13.81 -34.16
N THR F 53 -32.54 -14.13 -35.39
CA THR F 53 -31.68 -14.85 -36.33
C THR F 53 -30.75 -13.91 -37.09
N ILE F 54 -31.11 -12.64 -37.23
CA ILE F 54 -30.16 -11.64 -37.70
C ILE F 54 -29.04 -11.46 -36.68
N ARG F 55 -29.40 -11.54 -35.39
CA ARG F 55 -28.41 -11.49 -34.32
C ARG F 55 -27.39 -12.62 -34.44
N ALA F 56 -27.85 -13.84 -34.71
CA ALA F 56 -26.97 -15.00 -34.83
C ALA F 56 -26.67 -15.25 -36.31
N PHE F 57 -25.73 -14.47 -36.84
CA PHE F 57 -25.32 -14.47 -38.24
C PHE F 57 -24.36 -13.31 -38.43
N HIS F 58 -24.79 -12.14 -37.97
CA HIS F 58 -23.94 -10.96 -37.88
C HIS F 58 -23.19 -10.88 -36.57
N SER F 59 -23.34 -11.88 -35.69
CA SER F 59 -22.73 -11.88 -34.37
C SER F 59 -21.21 -11.85 -34.46
N LYS F 60 -20.63 -12.49 -35.49
CA LYS F 60 -19.19 -12.42 -35.70
C LYS F 60 -18.82 -11.11 -36.39
N ILE F 61 -19.81 -10.41 -36.94
CA ILE F 61 -19.57 -9.08 -37.49
C ILE F 61 -20.00 -8.02 -36.48
N LEU F 62 -20.73 -8.44 -35.45
CA LEU F 62 -21.16 -7.53 -34.39
C LEU F 62 -20.31 -7.75 -33.13
N ARG F 63 -20.37 -6.77 -32.23
CA ARG F 63 -19.81 -6.87 -30.88
C ARG F 63 -18.29 -7.01 -30.80
N ARG F 64 -17.56 -6.06 -31.40
CA ARG F 64 -16.19 -5.77 -30.97
C ARG F 64 -15.89 -4.29 -30.83
N PHE F 65 -16.63 -3.39 -31.49
CA PHE F 65 -16.44 -1.97 -31.29
C PHE F 65 -16.74 -1.62 -29.85
N SER F 66 -17.79 -2.22 -29.30
CA SER F 66 -18.13 -2.01 -27.89
C SER F 66 -18.70 -3.29 -27.29
N LEU F 67 -18.68 -3.37 -25.96
CA LEU F 67 -19.07 -4.58 -25.23
C LEU F 67 -20.56 -4.55 -24.87
N GLY F 68 -21.31 -5.43 -25.51
CA GLY F 68 -22.71 -5.59 -25.22
C GLY F 68 -23.65 -4.71 -26.04
N THR F 69 -24.66 -5.32 -26.66
CA THR F 69 -25.64 -4.60 -27.45
C THR F 69 -27.03 -5.19 -27.23
N ALA F 70 -28.03 -4.32 -27.14
CA ALA F 70 -29.40 -4.76 -26.88
C ALA F 70 -30.29 -4.47 -28.08
N VAL F 71 -31.26 -5.36 -28.29
CA VAL F 71 -32.12 -5.31 -29.47
C VAL F 71 -33.58 -5.32 -29.01
N GLY F 72 -34.11 -4.14 -28.68
CA GLY F 72 -35.54 -4.06 -28.44
C GLY F 72 -36.29 -3.02 -29.26
N PHE F 73 -35.64 -1.90 -29.56
CA PHE F 73 -36.25 -0.81 -30.31
C PHE F 73 -35.21 0.30 -30.45
N ARG F 74 -35.37 1.13 -31.49
CA ARG F 74 -34.49 2.29 -31.68
C ARG F 74 -34.91 3.38 -30.71
N ILE F 75 -33.96 3.87 -29.92
CA ILE F 75 -34.22 5.01 -29.03
C ILE F 75 -33.24 6.14 -29.35
N ARG F 76 -33.78 7.31 -29.68
CA ARG F 76 -33.02 8.54 -29.85
C ARG F 76 -33.93 9.73 -29.60
N LYS F 77 -33.32 10.91 -29.52
CA LYS F 77 -34.05 12.16 -29.27
C LYS F 77 -34.75 12.11 -27.93
N GLY F 78 -34.28 11.24 -27.04
CA GLY F 78 -34.85 11.14 -25.70
C GLY F 78 -35.75 9.95 -25.48
N ASP F 79 -36.58 9.61 -26.46
CA ASP F 79 -37.58 8.56 -26.32
C ASP F 79 -37.39 7.50 -27.41
N LEU F 80 -38.34 6.56 -27.49
CA LEU F 80 -38.29 5.47 -28.46
C LEU F 80 -39.39 5.67 -29.49
N THR F 81 -39.07 5.38 -30.75
CA THR F 81 -40.02 5.44 -31.85
C THR F 81 -40.33 4.03 -32.33
N ASP F 82 -41.30 3.93 -33.24
CA ASP F 82 -41.73 2.62 -33.76
C ASP F 82 -40.73 2.00 -34.73
N ILE F 83 -39.47 2.45 -34.79
CA ILE F 83 -38.51 1.86 -35.72
C ILE F 83 -37.71 0.79 -34.99
N PRO F 84 -37.80 -0.48 -35.42
CA PRO F 84 -36.98 -1.53 -34.79
C PRO F 84 -35.50 -1.36 -35.07
N ALA F 85 -34.64 -1.87 -34.19
CA ALA F 85 -33.20 -1.71 -34.38
C ALA F 85 -32.35 -2.66 -33.54
N ILE F 86 -31.03 -2.53 -33.67
CA ILE F 86 -30.04 -3.40 -33.05
C ILE F 86 -29.15 -2.52 -32.17
N LEU F 87 -29.76 -1.58 -31.45
CA LEU F 87 -29.07 -0.51 -30.74
C LEU F 87 -27.78 -0.98 -30.07
N VAL F 88 -26.77 -0.12 -30.15
CA VAL F 88 -25.42 -0.43 -29.72
C VAL F 88 -25.10 0.36 -28.45
N PHE F 89 -24.77 -0.36 -27.39
CA PHE F 89 -24.22 0.26 -26.19
C PHE F 89 -22.77 0.65 -26.44
N VAL F 90 -22.37 1.79 -25.90
CA VAL F 90 -20.99 2.26 -26.02
C VAL F 90 -20.53 2.78 -24.66
N ALA F 91 -19.22 2.82 -24.44
CA ALA F 91 -18.68 3.37 -23.21
C ALA F 91 -18.80 4.89 -23.24
N ARG F 92 -18.19 5.51 -24.24
CA ARG F 92 -18.34 6.93 -24.50
C ARG F 92 -18.98 7.15 -25.87
N LYS F 93 -20.03 7.97 -25.88
CA LYS F 93 -20.75 8.29 -27.11
C LYS F 93 -19.95 9.35 -27.86
N VAL F 94 -19.03 8.89 -28.70
CA VAL F 94 -18.25 9.80 -29.53
C VAL F 94 -19.02 10.07 -30.81
N HIS F 95 -19.01 11.33 -31.26
CA HIS F 95 -19.65 11.67 -32.52
C HIS F 95 -18.90 10.94 -33.63
N LYS F 96 -19.61 10.56 -34.69
CA LYS F 96 -19.10 9.57 -35.64
C LYS F 96 -17.88 10.08 -36.40
N LYS F 97 -17.67 11.39 -36.41
CA LYS F 97 -16.49 12.00 -37.02
C LYS F 97 -15.22 11.66 -36.26
N TRP F 98 -15.32 11.22 -35.00
CA TRP F 98 -14.18 10.81 -34.20
C TRP F 98 -14.14 9.29 -34.09
N LEU F 99 -14.48 8.63 -35.21
CA LEU F 99 -14.55 7.18 -35.23
C LEU F 99 -13.81 6.65 -36.46
N ASN F 100 -13.28 5.43 -36.33
CA ASN F 100 -12.61 4.76 -37.45
C ASN F 100 -13.64 4.03 -38.30
N PRO F 101 -13.48 4.00 -39.62
CA PRO F 101 -14.52 3.45 -40.50
C PRO F 101 -14.94 2.03 -40.16
N ALA F 102 -13.98 1.19 -39.80
CA ALA F 102 -14.27 -0.21 -39.48
C ALA F 102 -15.15 -0.33 -38.24
N GLN F 103 -14.86 0.48 -37.22
CA GLN F 103 -15.58 0.40 -35.96
C GLN F 103 -16.77 1.37 -35.93
N CYS F 104 -17.09 1.97 -37.06
CA CYS F 104 -18.22 2.90 -37.14
C CYS F 104 -19.54 2.15 -37.05
N LEU F 105 -20.65 2.88 -37.14
CA LEU F 105 -22.00 2.32 -37.04
C LEU F 105 -22.52 1.99 -38.44
N PRO F 106 -22.79 0.73 -38.71
CA PRO F 106 -23.51 0.38 -39.96
C PRO F 106 -25.01 0.58 -39.80
N ALA F 107 -25.55 1.62 -40.44
CA ALA F 107 -26.92 2.04 -40.19
C ALA F 107 -27.95 1.02 -40.64
N ILE F 108 -27.63 0.23 -41.67
CA ILE F 108 -28.56 -0.76 -42.18
C ILE F 108 -27.86 -2.11 -42.31
N LEU F 109 -28.45 -3.14 -41.71
CA LEU F 109 -27.93 -4.50 -41.80
C LEU F 109 -28.97 -5.40 -42.43
N GLU F 110 -28.52 -6.52 -42.95
CA GLU F 110 -29.39 -7.45 -43.66
C GLU F 110 -28.76 -8.84 -43.60
N GLY F 111 -29.62 -9.86 -43.56
CA GLY F 111 -29.16 -11.22 -43.44
C GLY F 111 -30.02 -12.21 -44.23
N PRO F 112 -30.28 -13.37 -43.63
CA PRO F 112 -31.03 -14.42 -44.34
C PRO F 112 -32.49 -14.03 -44.56
N GLY F 113 -32.99 -14.31 -45.76
CA GLY F 113 -34.42 -14.21 -46.03
C GLY F 113 -34.85 -13.03 -46.86
N GLY F 114 -34.30 -11.85 -46.57
CA GLY F 114 -34.73 -10.64 -47.25
C GLY F 114 -35.34 -9.62 -46.31
N VAL F 115 -34.92 -9.63 -45.05
CA VAL F 115 -35.42 -8.73 -44.03
C VAL F 115 -34.27 -7.85 -43.57
N TRP F 116 -34.52 -6.54 -43.49
CA TRP F 116 -33.52 -5.58 -43.08
C TRP F 116 -33.84 -5.03 -41.70
N CYS F 117 -33.04 -4.09 -41.23
CA CYS F 117 -33.09 -3.59 -39.86
C CYS F 117 -32.29 -2.30 -39.79
N ASP F 118 -32.11 -1.77 -38.57
CA ASP F 118 -31.37 -0.53 -38.37
C ASP F 118 -30.51 -0.66 -37.12
N VAL F 119 -29.55 0.26 -36.97
CA VAL F 119 -28.63 0.26 -35.83
C VAL F 119 -28.49 1.69 -35.33
N ASP F 120 -28.42 1.86 -34.01
CA ASP F 120 -28.18 3.16 -33.40
C ASP F 120 -27.40 2.93 -32.11
N VAL F 121 -27.31 3.97 -31.29
CA VAL F 121 -26.38 3.98 -30.17
C VAL F 121 -27.12 4.19 -28.85
N VAL F 122 -26.61 3.56 -27.79
CA VAL F 122 -27.02 3.80 -26.40
C VAL F 122 -25.73 3.80 -25.58
N GLU F 123 -25.80 4.27 -24.33
CA GLU F 123 -24.66 4.21 -23.45
C GLU F 123 -24.82 3.05 -22.47
N PHE F 124 -23.73 2.68 -21.80
CA PHE F 124 -23.70 1.55 -20.88
C PHE F 124 -22.58 1.77 -19.88
N SER F 125 -22.63 1.02 -18.79
CA SER F 125 -21.59 1.10 -17.75
C SER F 125 -21.46 -0.22 -17.01
N GLN F 137 -34.12 3.26 3.46
CA GLN F 137 -34.40 4.01 2.24
C GLN F 137 -35.89 4.34 2.09
N MET F 138 -36.72 3.33 1.96
CA MET F 138 -38.17 3.53 1.85
C MET F 138 -38.79 3.32 3.22
N PHE F 139 -39.26 4.44 3.79
CA PHE F 139 -39.98 4.47 5.04
C PHE F 139 -41.48 4.42 4.79
N SER F 140 -41.91 3.34 4.14
CA SER F 140 -43.28 3.19 3.67
C SER F 140 -44.02 2.15 4.51
N GLU F 141 -45.25 1.84 4.11
CA GLU F 141 -46.02 0.83 4.82
C GLU F 141 -45.52 -0.57 4.48
N LEU F 142 -45.06 -0.77 3.24
CA LEU F 142 -44.77 -2.10 2.76
C LEU F 142 -43.50 -2.69 3.35
N VAL F 143 -42.54 -1.87 3.76
CA VAL F 143 -41.37 -2.35 4.47
C VAL F 143 -41.72 -2.90 5.85
N ASP F 144 -42.61 -2.25 6.59
CA ASP F 144 -42.99 -2.75 7.91
C ASP F 144 -43.96 -3.93 7.79
N LYS F 145 -44.86 -3.90 6.81
CA LYS F 145 -45.88 -4.95 6.73
C LYS F 145 -45.57 -6.01 5.68
N LEU F 146 -44.28 -6.22 5.39
CA LEU F 146 -43.83 -7.40 4.67
C LEU F 146 -42.52 -7.91 5.26
N CYS F 147 -42.06 -7.27 6.33
CA CYS F 147 -40.84 -7.64 7.03
C CYS F 147 -41.06 -7.68 8.54
N GLY F 148 -42.10 -8.34 9.02
CA GLY F 148 -42.53 -8.11 10.39
C GLY F 148 -44.01 -7.87 10.56
N SER F 149 -44.38 -6.62 10.87
CA SER F 149 -45.63 -6.30 11.56
C SER F 149 -46.91 -6.76 10.88
N ASP F 150 -46.83 -7.41 9.72
CA ASP F 150 -48.01 -7.99 9.09
C ASP F 150 -48.13 -9.45 9.51
N GLU F 151 -49.37 -9.93 9.56
CA GLU F 151 -49.68 -11.29 9.98
C GLU F 151 -49.22 -12.32 8.94
N CYS F 152 -49.35 -11.98 7.66
CA CYS F 152 -49.25 -12.95 6.58
C CYS F 152 -48.18 -12.53 5.57
N ILE F 153 -47.93 -13.42 4.61
CA ILE F 153 -46.96 -13.16 3.55
C ILE F 153 -47.70 -13.00 2.23
N GLY F 154 -47.60 -11.83 1.61
CA GLY F 154 -48.16 -11.63 0.28
C GLY F 154 -47.20 -11.05 -0.74
N SER F 155 -46.81 -11.87 -1.73
CA SER F 155 -46.12 -11.44 -2.94
C SER F 155 -45.10 -10.32 -2.74
N GLY F 156 -44.04 -10.58 -1.98
CA GLY F 156 -43.00 -9.58 -1.78
C GLY F 156 -42.55 -9.37 -0.35
N SER F 157 -42.87 -10.30 0.54
CA SER F 157 -42.34 -10.31 1.90
C SER F 157 -40.84 -10.58 1.84
N GLN F 158 -40.08 -9.90 2.70
CA GLN F 158 -38.63 -10.09 2.73
C GLN F 158 -38.27 -11.50 3.17
N VAL F 159 -37.37 -12.12 2.43
CA VAL F 159 -36.84 -13.43 2.80
C VAL F 159 -35.44 -13.23 3.36
N ALA F 160 -35.19 -13.75 4.56
CA ALA F 160 -33.95 -13.47 5.26
C ALA F 160 -33.07 -14.72 5.21
N SER F 161 -31.97 -14.62 4.47
CA SER F 161 -30.97 -15.67 4.45
C SER F 161 -30.02 -15.50 5.64
N HIS F 162 -28.99 -16.33 5.72
CA HIS F 162 -28.01 -16.18 6.80
C HIS F 162 -27.26 -14.86 6.75
N GLU F 163 -26.86 -14.38 5.58
CA GLU F 163 -26.09 -13.14 5.49
C GLU F 163 -26.69 -12.19 4.46
N THR F 164 -27.73 -12.63 3.75
CA THR F 164 -28.37 -11.80 2.73
C THR F 164 -29.86 -11.77 3.01
N PHE F 165 -30.57 -10.94 2.24
CA PHE F 165 -32.02 -10.85 2.31
C PHE F 165 -32.56 -10.56 0.92
N GLY F 166 -33.60 -11.31 0.52
CA GLY F 166 -34.20 -11.17 -0.80
C GLY F 166 -35.63 -10.68 -0.76
N THR F 167 -36.51 -11.32 -1.52
CA THR F 167 -37.88 -10.83 -1.64
C THR F 167 -38.82 -11.93 -2.14
N LEU F 168 -40.02 -12.01 -1.55
CA LEU F 168 -41.03 -12.98 -1.98
C LEU F 168 -41.41 -12.75 -3.43
N GLY F 169 -41.60 -13.85 -4.15
CA GLY F 169 -42.03 -13.75 -5.52
C GLY F 169 -43.51 -14.05 -5.67
N ALA F 170 -43.81 -15.23 -6.19
CA ALA F 170 -45.18 -15.68 -6.38
C ALA F 170 -45.27 -17.12 -5.87
N ILE F 171 -46.44 -17.73 -6.06
CA ILE F 171 -46.75 -19.03 -5.46
C ILE F 171 -46.46 -20.18 -6.43
N VAL F 172 -45.76 -21.19 -5.95
CA VAL F 172 -45.37 -22.38 -6.72
C VAL F 172 -46.56 -23.30 -6.95
N LYS F 173 -46.39 -24.24 -7.87
CA LYS F 173 -47.08 -25.53 -7.86
C LYS F 173 -46.17 -26.53 -8.58
N ARG F 174 -46.73 -27.69 -8.95
CA ARG F 174 -46.03 -28.65 -9.78
C ARG F 174 -47.04 -29.33 -10.69
N ARG F 175 -46.53 -30.16 -11.61
CA ARG F 175 -47.36 -31.01 -12.44
C ARG F 175 -47.19 -32.50 -12.16
N THR F 176 -46.07 -32.92 -11.59
CA THR F 176 -45.73 -34.34 -11.54
C THR F 176 -45.51 -34.80 -10.11
N GLY F 177 -46.08 -35.95 -9.77
CA GLY F 177 -45.81 -36.61 -8.51
C GLY F 177 -46.56 -36.05 -7.33
N ASN F 178 -46.13 -34.87 -6.85
CA ASN F 178 -46.74 -34.21 -5.70
C ASN F 178 -46.58 -32.70 -5.87
N LYS F 179 -47.71 -32.03 -6.11
CA LYS F 179 -47.68 -30.59 -6.26
C LYS F 179 -47.45 -29.93 -4.90
N GLN F 180 -46.27 -30.16 -4.33
CA GLN F 180 -45.86 -29.60 -3.06
C GLN F 180 -45.75 -28.08 -3.12
N VAL F 181 -46.24 -27.41 -2.09
CA VAL F 181 -46.34 -25.95 -2.11
C VAL F 181 -45.23 -25.30 -1.30
N GLY F 182 -44.44 -24.46 -1.97
CA GLY F 182 -43.51 -23.58 -1.29
C GLY F 182 -43.11 -22.39 -2.12
N PHE F 183 -42.88 -21.27 -1.44
CA PHE F 183 -42.55 -19.99 -2.06
C PHE F 183 -41.32 -20.08 -2.96
N LEU F 184 -41.18 -19.11 -3.86
CA LEU F 184 -40.10 -19.15 -4.84
C LEU F 184 -39.35 -17.82 -4.84
N THR F 185 -38.03 -17.90 -4.93
CA THR F 185 -37.20 -16.69 -4.89
C THR F 185 -35.89 -16.96 -5.64
N ASN F 186 -35.03 -15.93 -5.73
CA ASN F 186 -33.91 -15.91 -6.67
C ASN F 186 -32.81 -16.90 -6.32
N HIS F 187 -31.70 -16.83 -7.07
CA HIS F 187 -30.65 -17.85 -7.06
C HIS F 187 -29.31 -17.28 -6.59
N HIS F 188 -29.33 -16.31 -5.67
CA HIS F 188 -28.11 -15.90 -4.98
C HIS F 188 -28.36 -15.75 -3.50
N VAL F 189 -29.62 -15.50 -3.14
CA VAL F 189 -29.99 -15.38 -1.74
C VAL F 189 -29.83 -16.71 -1.03
N ALA F 190 -30.22 -17.79 -1.70
CA ALA F 190 -30.24 -19.12 -1.11
C ALA F 190 -28.95 -19.89 -1.39
N VAL F 191 -28.59 -20.00 -2.66
CA VAL F 191 -27.42 -20.77 -3.06
C VAL F 191 -26.18 -19.94 -2.75
N ASP F 192 -25.43 -20.35 -1.75
CA ASP F 192 -24.23 -19.63 -1.34
C ASP F 192 -23.02 -20.27 -2.00
N LEU F 193 -21.88 -19.60 -1.86
CA LEU F 193 -20.61 -20.13 -2.34
C LEU F 193 -19.96 -21.08 -1.34
N ASP F 194 -20.60 -21.32 -0.20
CA ASP F 194 -20.06 -22.23 0.81
C ASP F 194 -21.08 -23.28 1.21
N TYR F 195 -22.36 -22.98 1.01
CA TYR F 195 -23.44 -23.86 1.43
C TYR F 195 -24.23 -24.40 0.23
N PRO F 196 -24.26 -25.71 0.03
CA PRO F 196 -25.17 -26.28 -0.97
C PRO F 196 -26.63 -26.05 -0.64
N ASN F 197 -26.97 -25.85 0.64
CA ASN F 197 -28.33 -25.59 1.08
C ASN F 197 -28.29 -24.52 2.14
N GLN F 198 -29.38 -23.75 2.26
CA GLN F 198 -29.42 -22.61 3.15
C GLN F 198 -30.80 -22.48 3.79
N LYS F 199 -30.82 -21.79 4.93
CA LYS F 199 -31.99 -21.71 5.80
C LYS F 199 -32.62 -20.32 5.66
N MET F 200 -33.86 -20.28 5.20
CA MET F 200 -34.56 -19.05 4.84
C MET F 200 -35.62 -18.76 5.90
N PHE F 201 -35.88 -17.48 6.22
CA PHE F 201 -36.88 -17.11 7.22
C PHE F 201 -37.20 -15.61 7.37
N HIS F 202 -38.46 -15.32 7.60
CA HIS F 202 -39.05 -14.01 7.53
C HIS F 202 -38.08 -12.97 8.04
N PRO F 203 -38.58 -11.83 8.53
CA PRO F 203 -37.65 -10.76 8.92
C PRO F 203 -36.56 -11.15 9.88
N LEU F 204 -35.37 -11.29 9.28
CA LEU F 204 -34.05 -11.64 9.84
C LEU F 204 -33.88 -13.10 10.08
N PRO F 205 -32.65 -13.60 10.19
CA PRO F 205 -32.54 -14.99 10.51
C PRO F 205 -32.39 -15.26 12.01
N PRO F 206 -32.44 -16.54 12.42
CA PRO F 206 -32.40 -16.86 13.86
C PRO F 206 -31.18 -16.35 14.57
N ASN F 207 -30.04 -16.25 13.87
CA ASN F 207 -28.77 -15.87 14.46
C ASN F 207 -28.62 -14.36 14.64
N LEU F 208 -29.49 -13.56 14.00
CA LEU F 208 -29.49 -12.11 14.18
C LEU F 208 -30.84 -11.54 14.59
N GLY F 209 -31.86 -12.38 14.81
CA GLY F 209 -33.16 -11.91 15.20
C GLY F 209 -34.08 -13.06 15.57
N PRO F 210 -35.32 -12.74 15.94
CA PRO F 210 -36.30 -13.80 16.24
C PRO F 210 -36.56 -14.68 15.04
N GLY F 211 -36.20 -15.96 15.13
CA GLY F 211 -36.20 -16.81 13.96
C GLY F 211 -37.34 -17.81 13.88
N VAL F 212 -38.13 -17.69 12.81
CA VAL F 212 -39.20 -18.63 12.46
C VAL F 212 -39.16 -18.74 10.91
N TYR F 213 -38.56 -19.82 10.38
CA TYR F 213 -38.18 -20.24 8.98
C TYR F 213 -39.21 -20.77 7.85
N LEU F 214 -38.79 -21.01 6.54
CA LEU F 214 -39.76 -21.29 5.50
C LEU F 214 -39.33 -22.39 4.53
N GLY F 215 -38.05 -22.48 4.20
CA GLY F 215 -37.70 -23.45 3.17
C GLY F 215 -36.22 -23.73 3.03
N ALA F 216 -35.94 -24.88 2.41
CA ALA F 216 -34.58 -25.34 2.15
C ALA F 216 -34.50 -25.85 0.72
N VAL F 217 -33.41 -25.57 0.02
CA VAL F 217 -33.31 -25.79 -1.43
C VAL F 217 -33.08 -27.25 -1.78
N GLU F 218 -33.91 -27.78 -2.69
CA GLU F 218 -33.56 -28.97 -3.47
C GLU F 218 -33.49 -28.62 -4.95
N ARG F 219 -34.34 -27.70 -5.39
CA ARG F 219 -34.28 -27.30 -6.79
C ARG F 219 -33.35 -26.12 -6.84
N ALA F 220 -32.25 -26.32 -7.55
CA ALA F 220 -31.17 -25.34 -7.69
C ALA F 220 -30.56 -25.40 -9.08
N THR F 221 -31.39 -25.30 -10.12
CA THR F 221 -30.91 -25.27 -11.48
C THR F 221 -29.98 -24.07 -11.71
N SER F 222 -28.85 -24.34 -12.36
CA SER F 222 -27.85 -23.30 -12.60
C SER F 222 -27.65 -23.00 -14.07
N PHE F 223 -27.36 -24.02 -14.87
CA PHE F 223 -27.01 -23.81 -16.28
C PHE F 223 -28.11 -24.28 -17.23
N ILE F 224 -28.93 -23.35 -17.70
CA ILE F 224 -29.96 -23.62 -18.70
C ILE F 224 -29.32 -23.61 -20.08
N THR F 225 -29.67 -24.57 -20.94
CA THR F 225 -29.13 -24.60 -22.29
C THR F 225 -29.81 -23.53 -23.16
N ASP F 226 -29.10 -23.12 -24.22
CA ASP F 226 -29.49 -21.96 -25.02
C ASP F 226 -30.62 -22.22 -26.01
N ASP F 227 -30.49 -23.27 -26.83
CA ASP F 227 -31.42 -23.46 -27.94
C ASP F 227 -32.82 -23.82 -27.46
N VAL F 228 -32.94 -24.65 -26.44
CA VAL F 228 -34.26 -24.99 -25.91
C VAL F 228 -34.89 -23.82 -25.18
N TRP F 229 -34.18 -22.70 -25.07
CA TRP F 229 -34.64 -21.60 -24.22
C TRP F 229 -34.92 -20.31 -24.97
N TYR F 230 -34.09 -19.91 -25.92
CA TYR F 230 -34.38 -18.75 -26.75
C TYR F 230 -34.86 -19.14 -28.14
N GLY F 231 -35.36 -20.38 -28.30
CA GLY F 231 -35.95 -20.83 -29.53
C GLY F 231 -34.95 -21.26 -30.59
N ILE F 232 -34.11 -20.33 -31.00
CA ILE F 232 -33.15 -20.57 -32.08
C ILE F 232 -31.75 -20.25 -31.58
N TYR F 233 -30.75 -20.42 -32.44
CA TYR F 233 -29.39 -19.99 -32.15
C TYR F 233 -29.37 -18.48 -31.97
N ALA F 234 -28.74 -18.04 -30.87
CA ALA F 234 -28.69 -16.63 -30.52
C ALA F 234 -27.30 -16.04 -30.63
N GLY F 235 -26.25 -16.82 -30.36
CA GLY F 235 -24.90 -16.31 -30.42
C GLY F 235 -23.96 -17.20 -31.19
N THR F 236 -23.18 -16.62 -32.11
CA THR F 236 -22.22 -17.41 -32.86
C THR F 236 -21.08 -17.92 -32.00
N ASN F 237 -20.93 -17.40 -30.78
CA ASN F 237 -19.93 -17.91 -29.85
C ASN F 237 -20.36 -19.27 -29.33
N PRO F 238 -19.49 -20.30 -29.38
CA PRO F 238 -19.90 -21.65 -28.99
C PRO F 238 -20.45 -21.75 -27.57
N GLU F 239 -19.69 -21.28 -26.57
CA GLU F 239 -20.04 -21.54 -25.18
C GLU F 239 -20.80 -20.36 -24.58
N THR F 240 -22.11 -20.53 -24.39
CA THR F 240 -22.99 -19.58 -23.74
C THR F 240 -24.15 -20.36 -23.15
N PHE F 241 -24.18 -20.55 -21.83
CA PHE F 241 -25.25 -21.42 -21.37
C PHE F 241 -26.56 -20.67 -21.22
N VAL F 242 -26.74 -19.96 -20.08
CA VAL F 242 -27.82 -19.02 -19.75
C VAL F 242 -27.48 -18.43 -18.38
N ARG F 243 -27.87 -17.18 -18.12
CA ARG F 243 -28.05 -16.70 -16.75
C ARG F 243 -29.42 -17.14 -16.28
N ALA F 244 -29.46 -18.19 -15.46
CA ALA F 244 -30.67 -18.96 -15.20
C ALA F 244 -31.04 -19.02 -13.72
N ASP F 245 -31.11 -17.86 -13.07
CA ASP F 245 -31.55 -17.81 -11.69
C ASP F 245 -33.01 -18.27 -11.56
N GLY F 246 -33.22 -19.37 -10.85
CA GLY F 246 -34.53 -19.98 -10.79
C GLY F 246 -35.17 -19.80 -9.44
N ALA F 247 -36.37 -20.34 -9.28
CA ALA F 247 -37.20 -20.12 -8.10
C ALA F 247 -38.27 -21.19 -7.93
N PHE F 248 -38.05 -22.01 -6.89
CA PHE F 248 -38.87 -23.13 -6.38
C PHE F 248 -38.29 -23.45 -5.04
N ILE F 249 -39.08 -23.45 -3.98
CA ILE F 249 -38.48 -23.78 -2.68
C ILE F 249 -39.58 -23.95 -1.64
N PRO F 250 -39.54 -24.96 -0.75
CA PRO F 250 -40.75 -25.33 0.01
C PRO F 250 -41.21 -24.32 1.05
N PHE F 251 -42.26 -24.68 1.75
CA PHE F 251 -42.78 -23.87 2.82
C PHE F 251 -42.38 -24.53 4.15
N ALA F 252 -41.64 -25.63 4.02
CA ALA F 252 -41.17 -26.38 5.17
C ALA F 252 -42.33 -27.09 5.89
N ASP F 253 -42.93 -28.00 5.15
CA ASP F 253 -43.91 -28.96 5.66
C ASP F 253 -44.97 -28.39 6.59
N ASP F 254 -44.60 -28.12 7.84
CA ASP F 254 -45.61 -27.88 8.88
C ASP F 254 -45.89 -26.39 9.11
N PHE F 255 -45.22 -25.51 8.38
CA PHE F 255 -45.43 -24.08 8.55
C PHE F 255 -46.87 -23.71 8.22
N ASP F 256 -47.44 -22.77 8.99
CA ASP F 256 -48.86 -22.43 8.91
C ASP F 256 -49.29 -22.05 7.49
N ILE F 257 -50.47 -22.53 7.07
CA ILE F 257 -50.93 -22.30 5.71
C ILE F 257 -52.23 -21.51 5.73
N SER F 258 -52.87 -21.42 6.91
CA SER F 258 -54.09 -20.65 7.07
C SER F 258 -53.86 -19.15 6.92
N THR F 259 -52.63 -18.69 7.14
CA THR F 259 -52.29 -17.28 6.98
C THR F 259 -51.76 -16.94 5.60
N VAL F 260 -51.19 -17.90 4.88
CA VAL F 260 -50.57 -17.65 3.58
C VAL F 260 -51.63 -17.21 2.58
N THR F 261 -51.57 -15.95 2.18
CA THR F 261 -52.58 -15.40 1.29
C THR F 261 -52.04 -15.24 -0.13
N THR F 262 -52.96 -15.29 -1.10
CA THR F 262 -52.61 -15.15 -2.51
C THR F 262 -53.01 -13.75 -2.98
N VAL F 263 -52.13 -12.78 -2.74
CA VAL F 263 -52.35 -11.41 -3.18
C VAL F 263 -51.04 -10.64 -3.11
N VAL F 264 -50.87 -9.64 -3.97
CA VAL F 264 -49.77 -8.70 -3.88
C VAL F 264 -50.26 -7.46 -3.16
N ARG F 265 -49.49 -7.01 -2.18
CA ARG F 265 -49.98 -5.98 -1.26
C ARG F 265 -49.67 -4.59 -1.80
N GLY F 266 -50.56 -4.06 -2.64
CA GLY F 266 -50.37 -2.74 -3.22
C GLY F 266 -50.86 -2.64 -4.65
N VAL F 267 -51.08 -3.77 -5.29
CA VAL F 267 -51.62 -3.79 -6.65
C VAL F 267 -52.93 -4.56 -6.65
N GLY F 268 -52.97 -5.69 -5.97
CA GLY F 268 -54.19 -6.48 -5.87
C GLY F 268 -54.14 -7.79 -6.64
N ASP F 269 -55.22 -8.12 -7.34
CA ASP F 269 -55.29 -9.34 -8.12
C ASP F 269 -54.49 -9.18 -9.41
N ILE F 270 -53.68 -10.19 -9.74
CA ILE F 270 -52.86 -10.20 -10.94
C ILE F 270 -53.30 -11.37 -11.81
N GLY F 271 -53.18 -11.22 -13.12
CA GLY F 271 -53.79 -12.14 -14.07
C GLY F 271 -53.31 -13.57 -14.10
N ASP F 272 -52.07 -13.78 -14.55
CA ASP F 272 -51.53 -15.12 -14.76
C ASP F 272 -50.08 -15.00 -15.19
N VAL F 273 -49.47 -16.13 -15.46
CA VAL F 273 -48.18 -16.15 -16.15
C VAL F 273 -48.43 -15.77 -17.61
N LYS F 274 -47.57 -14.90 -18.14
CA LYS F 274 -47.64 -14.58 -19.56
C LYS F 274 -46.50 -15.26 -20.31
N VAL F 275 -46.83 -15.80 -21.49
CA VAL F 275 -45.85 -16.42 -22.37
C VAL F 275 -45.33 -15.33 -23.31
N ILE F 276 -44.01 -15.14 -23.31
CA ILE F 276 -43.43 -14.10 -24.15
C ILE F 276 -43.48 -14.51 -25.62
N ASP F 277 -43.94 -13.57 -26.45
CA ASP F 277 -44.03 -13.84 -27.88
C ASP F 277 -43.87 -12.51 -28.61
N LEU F 278 -42.67 -12.27 -29.13
CA LEU F 278 -42.40 -11.11 -29.95
C LEU F 278 -42.41 -11.45 -31.44
N GLN F 279 -42.83 -12.67 -31.79
CA GLN F 279 -43.11 -13.06 -33.18
C GLN F 279 -44.48 -12.54 -33.56
N CYS F 280 -44.97 -11.59 -32.76
CA CYS F 280 -46.16 -10.78 -32.88
C CYS F 280 -45.66 -9.33 -32.95
N PRO F 281 -46.53 -8.32 -33.15
CA PRO F 281 -46.03 -6.94 -33.19
C PRO F 281 -45.27 -6.51 -31.94
N LEU F 282 -44.50 -5.42 -32.07
CA LEU F 282 -43.55 -5.03 -31.03
C LEU F 282 -44.25 -4.56 -29.76
N ASN F 283 -45.53 -4.22 -29.88
CA ASN F 283 -46.29 -3.68 -28.75
C ASN F 283 -46.43 -4.66 -27.60
N SER F 284 -46.18 -5.95 -27.86
CA SER F 284 -46.35 -7.00 -26.87
C SER F 284 -45.35 -6.90 -25.71
N LEU F 285 -44.11 -6.49 -25.95
CA LEU F 285 -43.09 -6.52 -24.91
C LEU F 285 -42.28 -5.23 -24.81
N ILE F 286 -42.23 -4.45 -25.89
CA ILE F 286 -41.34 -3.30 -25.97
C ILE F 286 -42.16 -2.03 -25.79
N GLY F 287 -41.70 -1.14 -24.93
CA GLY F 287 -42.36 0.12 -24.67
C GLY F 287 -43.55 0.07 -23.76
N ARG F 288 -43.61 -0.89 -22.84
CA ARG F 288 -44.77 -1.08 -22.00
C ARG F 288 -44.60 -0.37 -20.66
N GLN F 289 -45.66 -0.40 -19.86
CA GLN F 289 -45.66 0.17 -18.51
C GLN F 289 -45.75 -0.97 -17.51
N VAL F 290 -44.83 -1.00 -16.55
CA VAL F 290 -44.75 -2.04 -15.55
C VAL F 290 -44.60 -1.39 -14.18
N CYS F 291 -45.01 -2.11 -13.14
CA CYS F 291 -44.94 -1.58 -11.78
C CYS F 291 -43.69 -2.08 -11.09
N LYS F 292 -43.64 -1.87 -9.78
CA LYS F 292 -42.57 -2.41 -8.95
C LYS F 292 -43.04 -2.42 -7.51
N VAL F 293 -43.04 -3.59 -6.89
CA VAL F 293 -43.28 -3.69 -5.46
C VAL F 293 -42.16 -4.52 -4.84
N GLY F 294 -41.49 -3.95 -3.84
CA GLY F 294 -40.30 -4.59 -3.29
C GLY F 294 -40.01 -4.27 -1.85
N ARG F 295 -39.04 -4.97 -1.28
CA ARG F 295 -38.66 -4.81 0.12
C ARG F 295 -37.91 -3.51 0.36
N SER F 296 -37.17 -3.03 -0.64
CA SER F 296 -36.28 -1.89 -0.47
C SER F 296 -36.69 -0.67 -1.29
N SER F 297 -37.56 -0.86 -2.29
CA SER F 297 -37.76 0.15 -3.32
C SER F 297 -39.09 0.87 -3.19
N GLY F 298 -40.17 0.11 -3.06
CA GLY F 298 -41.46 0.70 -2.79
C GLY F 298 -42.47 0.29 -3.85
N HIS F 299 -43.32 1.25 -4.22
CA HIS F 299 -44.25 1.12 -5.34
C HIS F 299 -43.84 2.12 -6.41
N THR F 300 -42.96 1.69 -7.31
CA THR F 300 -42.58 2.49 -8.47
C THR F 300 -43.11 1.84 -9.75
N THR F 301 -43.13 2.62 -10.83
CA THR F 301 -43.61 2.17 -12.12
C THR F 301 -42.46 2.30 -13.13
N GLY F 302 -42.13 1.20 -13.80
CA GLY F 302 -41.06 1.19 -14.78
C GLY F 302 -41.56 1.05 -16.21
N THR F 303 -40.61 1.05 -17.14
CA THR F 303 -40.88 0.89 -18.56
C THR F 303 -39.88 -0.09 -19.16
N VAL F 304 -40.34 -0.90 -20.11
CA VAL F 304 -39.51 -1.92 -20.73
C VAL F 304 -38.80 -1.33 -21.95
N MET F 305 -37.47 -1.39 -21.94
CA MET F 305 -36.67 -0.93 -23.06
C MET F 305 -36.01 -2.08 -23.82
N ALA F 306 -35.27 -2.94 -23.11
CA ALA F 306 -34.36 -3.89 -23.74
C ALA F 306 -34.83 -5.35 -23.64
N TYR F 307 -33.97 -6.27 -24.08
CA TYR F 307 -34.26 -7.69 -24.21
C TYR F 307 -32.96 -8.46 -23.96
N ALA F 308 -32.80 -9.58 -24.67
CA ALA F 308 -31.84 -10.65 -24.45
C ALA F 308 -30.39 -10.18 -24.45
N LEU F 309 -30.18 -8.86 -24.30
CA LEU F 309 -28.85 -8.26 -24.21
C LEU F 309 -27.84 -9.15 -23.51
N GLU F 310 -26.71 -9.36 -24.17
CA GLU F 310 -25.57 -10.07 -23.59
C GLU F 310 -24.42 -9.09 -23.38
N TYR F 311 -23.63 -9.36 -22.34
CA TYR F 311 -22.61 -8.42 -21.92
C TYR F 311 -21.26 -9.12 -21.97
N ASN F 312 -20.18 -8.38 -21.76
CA ASN F 312 -18.85 -8.93 -21.62
C ASN F 312 -18.25 -8.34 -20.35
N ASP F 313 -18.27 -9.10 -19.26
CA ASP F 313 -17.97 -8.50 -17.97
C ASP F 313 -16.48 -8.28 -17.76
N GLU F 314 -15.71 -9.36 -17.62
CA GLU F 314 -14.25 -9.24 -17.57
C GLU F 314 -13.58 -10.09 -18.65
N LYS F 315 -13.88 -11.37 -18.65
CA LYS F 315 -13.29 -12.31 -19.60
C LYS F 315 -13.97 -12.18 -20.96
N GLY F 316 -15.24 -11.83 -20.95
CA GLY F 316 -16.04 -11.81 -22.15
C GLY F 316 -17.19 -12.79 -22.04
N ILE F 317 -17.57 -13.10 -20.81
CA ILE F 317 -18.69 -14.02 -20.57
C ILE F 317 -19.96 -13.35 -21.10
N CYS F 318 -20.51 -13.92 -22.16
CA CYS F 318 -21.70 -13.37 -22.81
C CYS F 318 -22.90 -14.25 -22.47
N PHE F 319 -23.72 -13.73 -21.56
CA PHE F 319 -24.80 -14.50 -20.97
C PHE F 319 -26.11 -13.75 -21.16
N PHE F 320 -27.22 -14.48 -21.14
CA PHE F 320 -28.49 -13.92 -21.56
C PHE F 320 -29.14 -13.13 -20.43
N THR F 321 -28.98 -11.80 -20.46
CA THR F 321 -29.63 -10.92 -19.50
C THR F 321 -31.01 -10.54 -20.02
N ASP F 322 -32.02 -11.31 -19.62
CA ASP F 322 -33.40 -11.16 -20.07
C ASP F 322 -34.04 -9.85 -19.63
N ILE F 323 -35.33 -9.70 -19.91
CA ILE F 323 -36.05 -8.44 -20.11
C ILE F 323 -35.60 -7.36 -19.13
N LEU F 324 -35.24 -6.20 -19.68
CA LEU F 324 -34.70 -5.07 -18.95
C LEU F 324 -35.74 -3.97 -18.86
N VAL F 325 -35.92 -3.43 -17.65
CA VAL F 325 -36.87 -2.35 -17.42
C VAL F 325 -36.14 -1.21 -16.71
N VAL F 326 -36.65 0.01 -16.91
CA VAL F 326 -36.13 1.20 -16.27
C VAL F 326 -37.29 1.97 -15.66
N GLY F 327 -37.04 2.54 -14.48
CA GLY F 327 -38.06 3.28 -13.75
C GLY F 327 -38.43 4.58 -14.44
N GLU F 328 -39.65 5.04 -14.18
CA GLU F 328 -40.13 6.28 -14.78
C GLU F 328 -39.76 7.47 -13.90
N ASN F 329 -39.93 8.66 -14.47
CA ASN F 329 -39.72 9.94 -13.77
C ASN F 329 -38.28 10.06 -13.25
N ARG F 330 -37.37 9.34 -13.90
CA ARG F 330 -35.94 9.41 -13.61
C ARG F 330 -35.64 9.12 -12.14
N GLN F 331 -36.26 8.05 -11.64
CA GLN F 331 -36.01 7.58 -10.28
C GLN F 331 -35.61 6.12 -10.35
N THR F 332 -34.83 5.69 -9.36
CA THR F 332 -34.31 4.33 -9.35
C THR F 332 -35.43 3.32 -9.25
N PHE F 333 -35.36 2.28 -10.08
CA PHE F 333 -36.41 1.26 -10.10
C PHE F 333 -36.33 0.36 -8.87
N ASP F 334 -35.13 -0.08 -8.50
CA ASP F 334 -34.95 -0.93 -7.34
C ASP F 334 -33.54 -0.76 -6.78
N LEU F 335 -33.36 -1.20 -5.54
CA LEU F 335 -32.08 -1.09 -4.85
C LEU F 335 -31.68 -2.47 -4.34
N GLU F 336 -30.67 -2.50 -3.48
CA GLU F 336 -30.10 -3.76 -3.01
C GLU F 336 -31.11 -4.54 -2.18
N GLY F 337 -30.98 -5.87 -2.20
CA GLY F 337 -31.83 -6.73 -1.40
C GLY F 337 -33.25 -6.85 -1.92
N ASP F 338 -33.48 -6.52 -3.19
CA ASP F 338 -34.80 -6.56 -3.78
C ASP F 338 -34.88 -7.47 -5.00
N SER F 339 -34.00 -8.46 -5.09
CA SER F 339 -33.96 -9.32 -6.27
C SER F 339 -34.91 -10.51 -6.13
N GLY F 340 -36.17 -10.23 -5.80
CA GLY F 340 -37.19 -11.27 -5.76
C GLY F 340 -38.54 -10.73 -6.18
N SER F 341 -38.57 -9.46 -6.55
CA SER F 341 -39.82 -8.75 -6.78
C SER F 341 -40.36 -9.00 -8.19
N LEU F 342 -41.67 -9.23 -8.28
CA LEU F 342 -42.32 -9.45 -9.56
C LEU F 342 -42.49 -8.13 -10.31
N ILE F 343 -42.61 -8.21 -11.64
CA ILE F 343 -42.82 -7.05 -12.49
C ILE F 343 -44.02 -7.33 -13.38
N ILE F 344 -45.14 -6.69 -13.07
CA ILE F 344 -46.40 -6.93 -13.77
C ILE F 344 -46.54 -5.94 -14.92
N LEU F 345 -47.15 -6.39 -16.01
CA LEU F 345 -47.63 -5.45 -17.04
C LEU F 345 -48.78 -4.68 -16.39
N THR F 346 -48.84 -3.38 -16.67
CA THR F 346 -49.87 -2.55 -16.05
C THR F 346 -51.26 -2.99 -16.47
N SER F 347 -52.26 -2.72 -15.64
CA SER F 347 -53.63 -3.11 -15.92
C SER F 347 -54.13 -2.43 -17.19
N GLN F 348 -54.36 -3.22 -18.24
CA GLN F 348 -54.76 -2.68 -19.54
C GLN F 348 -56.27 -2.57 -19.61
N ASP F 349 -56.79 -1.40 -19.22
CA ASP F 349 -58.22 -1.09 -19.34
C ASP F 349 -59.09 -2.12 -18.63
N GLY F 350 -58.92 -2.25 -17.32
CA GLY F 350 -59.77 -3.13 -16.54
C GLY F 350 -59.26 -4.55 -16.42
N GLU F 351 -58.67 -5.08 -17.50
CA GLU F 351 -58.14 -6.44 -17.48
C GLU F 351 -57.06 -6.59 -16.42
N LYS F 352 -57.14 -7.67 -15.67
CA LYS F 352 -56.34 -7.89 -14.47
C LYS F 352 -54.89 -8.16 -14.85
N PRO F 353 -53.94 -7.43 -14.25
CA PRO F 353 -52.59 -7.33 -14.82
C PRO F 353 -51.79 -8.62 -14.69
N ARG F 354 -50.67 -8.70 -15.41
CA ARG F 354 -49.95 -9.94 -15.57
C ARG F 354 -48.44 -9.76 -15.34
N PRO F 355 -47.86 -10.53 -14.40
CA PRO F 355 -46.42 -10.40 -14.09
C PRO F 355 -45.47 -11.21 -14.95
N ILE F 356 -45.02 -10.66 -16.09
CA ILE F 356 -44.01 -11.34 -16.90
C ILE F 356 -42.68 -11.49 -16.14
N GLY F 357 -42.25 -10.43 -15.48
CA GLY F 357 -40.86 -10.33 -15.06
C GLY F 357 -40.61 -10.67 -13.60
N ILE F 358 -39.37 -11.11 -13.34
CA ILE F 358 -38.83 -11.27 -12.01
C ILE F 358 -37.47 -10.58 -11.97
N ILE F 359 -37.20 -9.80 -10.93
CA ILE F 359 -35.89 -9.17 -10.78
C ILE F 359 -34.83 -10.25 -10.64
N TRP F 360 -33.78 -10.16 -11.44
CA TRP F 360 -32.79 -11.23 -11.54
C TRP F 360 -31.64 -11.00 -10.56
N GLY F 361 -31.39 -9.75 -10.20
CA GLY F 361 -30.32 -9.43 -9.28
C GLY F 361 -30.23 -7.95 -8.94
N GLY F 362 -29.36 -7.60 -8.00
CA GLY F 362 -29.18 -6.21 -7.65
C GLY F 362 -28.23 -5.52 -8.61
N THR F 363 -28.80 -4.69 -9.50
CA THR F 363 -28.03 -4.04 -10.56
C THR F 363 -27.80 -2.57 -10.28
N ALA F 364 -28.07 -2.12 -9.05
CA ALA F 364 -27.88 -0.71 -8.72
C ALA F 364 -26.40 -0.34 -8.79
N ASN F 365 -25.51 -1.29 -8.52
CA ASN F 365 -24.08 -1.05 -8.55
C ASN F 365 -23.40 -1.59 -9.80
N ARG F 366 -24.15 -2.11 -10.77
CA ARG F 366 -23.55 -2.64 -11.99
C ARG F 366 -23.22 -1.53 -12.97
N GLY F 367 -24.25 -0.83 -13.44
CA GLY F 367 -24.03 0.23 -14.41
C GLY F 367 -25.32 0.94 -14.74
N ARG F 368 -25.18 2.06 -15.45
CA ARG F 368 -26.30 2.90 -15.85
C ARG F 368 -26.18 3.23 -17.32
N LEU F 369 -27.33 3.42 -17.97
CA LEU F 369 -27.39 3.84 -19.36
C LEU F 369 -27.88 5.29 -19.40
N LYS F 370 -27.02 6.17 -19.92
CA LYS F 370 -27.36 7.58 -19.99
C LYS F 370 -28.10 7.90 -21.28
N LEU F 371 -29.16 8.71 -21.17
CA LEU F 371 -29.97 9.06 -22.33
C LEU F 371 -29.70 10.49 -22.78
N THR F 372 -28.72 11.14 -22.15
CA THR F 372 -28.19 12.43 -22.58
C THR F 372 -29.24 13.53 -22.61
N SER F 373 -30.36 13.34 -21.92
CA SER F 373 -31.43 14.33 -21.90
C SER F 373 -31.25 15.33 -20.76
N ASP F 374 -30.08 15.99 -20.72
CA ASP F 374 -29.78 17.02 -19.72
C ASP F 374 -29.91 16.47 -18.29
N HIS F 375 -29.59 15.19 -18.15
CA HIS F 375 -29.70 14.53 -16.84
C HIS F 375 -28.66 13.43 -16.77
N GLY F 376 -28.37 13.00 -15.53
CA GLY F 376 -27.31 12.05 -15.29
C GLY F 376 -27.70 10.65 -15.69
N PRO F 377 -26.72 9.75 -15.62
CA PRO F 377 -26.98 8.34 -15.96
C PRO F 377 -28.01 7.73 -15.01
N GLU F 378 -29.01 7.07 -15.58
CA GLU F 378 -30.08 6.46 -14.82
C GLU F 378 -29.94 4.94 -14.82
N ASN F 379 -30.14 4.35 -13.65
CA ASN F 379 -29.91 2.94 -13.41
C ASN F 379 -30.92 2.08 -14.16
N TRP F 380 -30.49 0.87 -14.52
CA TRP F 380 -31.33 -0.13 -15.15
C TRP F 380 -31.31 -1.40 -14.31
N THR F 381 -32.35 -2.21 -14.45
CA THR F 381 -32.48 -3.45 -13.71
C THR F 381 -32.62 -4.64 -14.66
N SER F 382 -32.04 -5.77 -14.24
CA SER F 382 -32.10 -6.99 -15.03
C SER F 382 -33.44 -7.67 -14.84
N GLY F 383 -33.59 -8.88 -15.36
CA GLY F 383 -34.83 -9.61 -15.19
C GLY F 383 -34.75 -10.96 -15.87
N VAL F 384 -35.71 -11.81 -15.51
CA VAL F 384 -35.84 -13.13 -16.12
C VAL F 384 -37.30 -13.36 -16.46
N ASP F 385 -37.56 -13.94 -17.63
CA ASP F 385 -38.93 -14.21 -18.07
C ASP F 385 -39.56 -15.28 -17.20
N LEU F 386 -40.84 -15.11 -16.84
CA LEU F 386 -41.50 -16.12 -16.01
C LEU F 386 -42.10 -17.23 -16.87
N GLY F 387 -42.42 -16.91 -18.13
CA GLY F 387 -42.94 -17.93 -19.03
C GLY F 387 -41.91 -19.00 -19.34
N ARG F 388 -40.63 -18.65 -19.21
CA ARG F 388 -39.55 -19.62 -19.43
C ARG F 388 -39.27 -20.42 -18.16
N LEU F 389 -39.23 -19.76 -17.00
CA LEU F 389 -38.97 -20.47 -15.76
C LEU F 389 -40.12 -21.40 -15.41
N LEU F 390 -41.34 -21.01 -15.80
CA LEU F 390 -42.55 -21.77 -15.49
C LEU F 390 -42.47 -23.18 -16.05
N ASP F 391 -41.83 -23.35 -17.20
CA ASP F 391 -41.61 -24.68 -17.77
C ASP F 391 -40.20 -25.20 -17.53
N ARG F 392 -39.26 -24.33 -17.12
CA ARG F 392 -37.99 -24.82 -16.62
C ARG F 392 -38.19 -25.74 -15.44
N LEU F 393 -38.75 -25.20 -14.36
CA LEU F 393 -39.05 -25.99 -13.17
C LEU F 393 -40.56 -26.20 -13.18
N GLU F 394 -41.00 -27.45 -13.06
CA GLU F 394 -42.42 -27.73 -13.19
C GLU F 394 -43.21 -26.97 -12.15
N LEU F 395 -44.01 -26.01 -12.62
CA LEU F 395 -44.60 -24.99 -11.77
C LEU F 395 -46.08 -24.87 -12.10
N ASP F 396 -46.80 -24.05 -11.34
CA ASP F 396 -48.09 -23.50 -11.75
C ASP F 396 -48.39 -22.30 -10.87
N ILE F 397 -48.51 -21.15 -11.47
CA ILE F 397 -48.67 -19.91 -10.72
C ILE F 397 -50.14 -19.78 -10.35
N ILE F 398 -50.41 -19.43 -9.10
CA ILE F 398 -51.80 -19.25 -8.66
C ILE F 398 -52.02 -17.78 -8.34
N ILE F 399 -53.11 -17.23 -8.86
CA ILE F 399 -53.43 -15.81 -8.74
C ILE F 399 -54.56 -15.63 -7.75
N THR F 400 -55.16 -16.73 -7.32
CA THR F 400 -56.37 -16.67 -6.51
C THR F 400 -56.27 -17.57 -5.29
N ASN F 401 -57.22 -17.44 -4.36
CA ASN F 401 -57.04 -18.02 -3.03
C ASN F 401 -57.92 -19.24 -2.77
N GLU F 402 -59.06 -19.35 -3.46
CA GLU F 402 -60.00 -20.43 -3.21
C GLU F 402 -59.40 -21.80 -3.48
N SER F 403 -58.44 -21.89 -4.40
CA SER F 403 -57.85 -23.17 -4.77
C SER F 403 -56.37 -23.27 -4.43
N LEU F 404 -55.94 -22.76 -3.28
CA LEU F 404 -54.55 -22.94 -2.87
C LEU F 404 -54.27 -24.40 -2.52
N GLN F 405 -55.13 -25.00 -1.72
CA GLN F 405 -54.92 -26.37 -1.23
C GLN F 405 -55.61 -27.41 -2.10
N ASP F 406 -56.21 -27.01 -3.21
CA ASP F 406 -56.88 -27.94 -4.11
C ASP F 406 -55.94 -28.43 -5.20
#